data_6E03
# 
_entry.id   6E03 
# 
_audit_conform.dict_name       mmcif_pdbx.dic 
_audit_conform.dict_version    5.381 
_audit_conform.dict_location   http://mmcif.pdb.org/dictionaries/ascii/mmcif_pdbx.dic 
# 
loop_
_database_2.database_id 
_database_2.database_code 
_database_2.pdbx_database_accession 
_database_2.pdbx_DOI 
PDB   6E03         pdb_00006e03 10.2210/pdb6e03/pdb 
WWPDB D_1000235508 ?            ?                   
# 
_pdbx_database_status.status_code                     REL 
_pdbx_database_status.status_code_sf                  REL 
_pdbx_database_status.status_code_mr                  ? 
_pdbx_database_status.entry_id                        6E03 
_pdbx_database_status.recvd_initial_deposition_date   2018-07-05 
_pdbx_database_status.SG_entry                        N 
_pdbx_database_status.deposit_site                    RCSB 
_pdbx_database_status.process_site                    RCSB 
_pdbx_database_status.status_code_cs                  ? 
_pdbx_database_status.methods_development_category    ? 
_pdbx_database_status.pdb_format_compatible           Y 
_pdbx_database_status.status_code_nmr_data            ? 
# 
_audit_author.name               'Herrera, V.E.' 
_audit_author.pdbx_ordinal       1 
_audit_author.identifier_ORCID   ? 
# 
_citation.abstract                  ? 
_citation.abstract_id_CAS           ? 
_citation.book_id_ISBN              ? 
_citation.book_publisher            ? 
_citation.book_publisher_city       ? 
_citation.book_title                ? 
_citation.coordinate_linkage        ? 
_citation.country                   US 
_citation.database_id_Medline       ? 
_citation.details                   ? 
_citation.id                        primary 
_citation.journal_abbrev            Biochemistry 
_citation.journal_id_ASTM           BICHAW 
_citation.journal_id_CSD            0033 
_citation.journal_id_ISSN           0006-2960 
_citation.journal_full              ? 
_citation.journal_issue             ? 
_citation.journal_volume            62 
_citation.language                  ? 
_citation.page_first                1406 
_citation.page_last                 1419 
_citation.title                     
'Insights into Nitrosoalkane Binding to Myoglobin Provided by Crystallography of Wild-Type and Distal Pocket Mutant Derivatives.' 
_citation.year                      2023 
_citation.database_id_CSD           ? 
_citation.pdbx_database_id_DOI      10.1021/acs.biochem.2c00725 
_citation.pdbx_database_id_PubMed   37011611 
_citation.unpublished_flag          ? 
# 
loop_
_citation_author.citation_id 
_citation_author.name 
_citation_author.ordinal 
_citation_author.identifier_ORCID 
primary 'Herrera, V.E.'      1 ?                   
primary 'Charles, T.P.'      2 ?                   
primary 'Scott, T.G.'        3 ?                   
primary 'Prather, K.Y.'      4 0000-0002-6753-2787 
primary 'Nguyen, N.T.'       5 ?                   
primary 'Sohl, C.D.'         6 0000-0002-8048-0205 
primary 'Thomas, L.M.'       7 ?                   
primary 'Richter-Addo, G.B.' 8 0000-0001-9400-0113 
# 
_cell.angle_alpha                  90.00 
_cell.angle_alpha_esd              ? 
_cell.angle_beta                   90.00 
_cell.angle_beta_esd               ? 
_cell.angle_gamma                  120.00 
_cell.angle_gamma_esd              ? 
_cell.entry_id                     6E03 
_cell.details                      ? 
_cell.formula_units_Z              ? 
_cell.length_a                     90.272 
_cell.length_a_esd                 ? 
_cell.length_b                     90.272 
_cell.length_b_esd                 ? 
_cell.length_c                     45.316 
_cell.length_c_esd                 ? 
_cell.volume                       ? 
_cell.volume_esd                   ? 
_cell.Z_PDB                        6 
_cell.reciprocal_angle_alpha       ? 
_cell.reciprocal_angle_beta        ? 
_cell.reciprocal_angle_gamma       ? 
_cell.reciprocal_angle_alpha_esd   ? 
_cell.reciprocal_angle_beta_esd    ? 
_cell.reciprocal_angle_gamma_esd   ? 
_cell.reciprocal_length_a          ? 
_cell.reciprocal_length_b          ? 
_cell.reciprocal_length_c          ? 
_cell.reciprocal_length_a_esd      ? 
_cell.reciprocal_length_b_esd      ? 
_cell.reciprocal_length_c_esd      ? 
_cell.pdbx_unique_axis             ? 
# 
_symmetry.entry_id                         6E03 
_symmetry.cell_setting                     ? 
_symmetry.Int_Tables_number                168 
_symmetry.space_group_name_Hall            ? 
_symmetry.space_group_name_H-M             'P 6' 
_symmetry.pdbx_full_space_group_name_H-M   ? 
# 
loop_
_entity.id 
_entity.type 
_entity.src_method 
_entity.pdbx_description 
_entity.formula_weight 
_entity.pdbx_number_of_molecules 
_entity.pdbx_ec 
_entity.pdbx_mutation 
_entity.pdbx_fragment 
_entity.details 
1 polymer     man Myoglobin                         17365.164 1   ? ? ? ? 
2 non-polymer syn 'PROTOPORPHYRIN IX CONTAINING FE' 616.487   1   ? ? ? ? 
3 non-polymer syn 'SULFATE ION'                     96.063    5   ? ? ? ? 
4 non-polymer syn NITROSOETHANE                     59.067    1   ? ? ? ? 
5 non-polymer syn 'CHLORIDE ION'                    35.453    1   ? ? ? ? 
6 water       nat water                             18.015    160 ? ? ? ? 
# 
_entity_poly.entity_id                      1 
_entity_poly.type                           'polypeptide(L)' 
_entity_poly.nstd_linkage                   no 
_entity_poly.nstd_monomer                   no 
_entity_poly.pdbx_seq_one_letter_code       
;MVLSEGEWQLVLHVWAKVEADVAGHGQDILIRLFKSHPETLEKFDRFKHLKTEAEMKASEDLKKHGVTVLTALGAILKKK
GHHEAELKPLAQSHATKHKIPIKYLEFISEAIIHVLHSRHPGNFGADAQGAMNKALELFRKDIAAKYKELGYQG
;
_entity_poly.pdbx_seq_one_letter_code_can   
;MVLSEGEWQLVLHVWAKVEADVAGHGQDILIRLFKSHPETLEKFDRFKHLKTEAEMKASEDLKKHGVTVLTALGAILKKK
GHHEAELKPLAQSHATKHKIPIKYLEFISEAIIHVLHSRHPGNFGADAQGAMNKALELFRKDIAAKYKELGYQG
;
_entity_poly.pdbx_strand_id                 A 
_entity_poly.pdbx_target_identifier         ? 
# 
loop_
_entity_poly_seq.entity_id 
_entity_poly_seq.num 
_entity_poly_seq.mon_id 
_entity_poly_seq.hetero 
1 1   MET n 
1 2   VAL n 
1 3   LEU n 
1 4   SER n 
1 5   GLU n 
1 6   GLY n 
1 7   GLU n 
1 8   TRP n 
1 9   GLN n 
1 10  LEU n 
1 11  VAL n 
1 12  LEU n 
1 13  HIS n 
1 14  VAL n 
1 15  TRP n 
1 16  ALA n 
1 17  LYS n 
1 18  VAL n 
1 19  GLU n 
1 20  ALA n 
1 21  ASP n 
1 22  VAL n 
1 23  ALA n 
1 24  GLY n 
1 25  HIS n 
1 26  GLY n 
1 27  GLN n 
1 28  ASP n 
1 29  ILE n 
1 30  LEU n 
1 31  ILE n 
1 32  ARG n 
1 33  LEU n 
1 34  PHE n 
1 35  LYS n 
1 36  SER n 
1 37  HIS n 
1 38  PRO n 
1 39  GLU n 
1 40  THR n 
1 41  LEU n 
1 42  GLU n 
1 43  LYS n 
1 44  PHE n 
1 45  ASP n 
1 46  ARG n 
1 47  PHE n 
1 48  LYS n 
1 49  HIS n 
1 50  LEU n 
1 51  LYS n 
1 52  THR n 
1 53  GLU n 
1 54  ALA n 
1 55  GLU n 
1 56  MET n 
1 57  LYS n 
1 58  ALA n 
1 59  SER n 
1 60  GLU n 
1 61  ASP n 
1 62  LEU n 
1 63  LYS n 
1 64  LYS n 
1 65  HIS n 
1 66  GLY n 
1 67  VAL n 
1 68  THR n 
1 69  VAL n 
1 70  LEU n 
1 71  THR n 
1 72  ALA n 
1 73  LEU n 
1 74  GLY n 
1 75  ALA n 
1 76  ILE n 
1 77  LEU n 
1 78  LYS n 
1 79  LYS n 
1 80  LYS n 
1 81  GLY n 
1 82  HIS n 
1 83  HIS n 
1 84  GLU n 
1 85  ALA n 
1 86  GLU n 
1 87  LEU n 
1 88  LYS n 
1 89  PRO n 
1 90  LEU n 
1 91  ALA n 
1 92  GLN n 
1 93  SER n 
1 94  HIS n 
1 95  ALA n 
1 96  THR n 
1 97  LYS n 
1 98  HIS n 
1 99  LYS n 
1 100 ILE n 
1 101 PRO n 
1 102 ILE n 
1 103 LYS n 
1 104 TYR n 
1 105 LEU n 
1 106 GLU n 
1 107 PHE n 
1 108 ILE n 
1 109 SER n 
1 110 GLU n 
1 111 ALA n 
1 112 ILE n 
1 113 ILE n 
1 114 HIS n 
1 115 VAL n 
1 116 LEU n 
1 117 HIS n 
1 118 SER n 
1 119 ARG n 
1 120 HIS n 
1 121 PRO n 
1 122 GLY n 
1 123 ASN n 
1 124 PHE n 
1 125 GLY n 
1 126 ALA n 
1 127 ASP n 
1 128 ALA n 
1 129 GLN n 
1 130 GLY n 
1 131 ALA n 
1 132 MET n 
1 133 ASN n 
1 134 LYS n 
1 135 ALA n 
1 136 LEU n 
1 137 GLU n 
1 138 LEU n 
1 139 PHE n 
1 140 ARG n 
1 141 LYS n 
1 142 ASP n 
1 143 ILE n 
1 144 ALA n 
1 145 ALA n 
1 146 LYS n 
1 147 TYR n 
1 148 LYS n 
1 149 GLU n 
1 150 LEU n 
1 151 GLY n 
1 152 TYR n 
1 153 GLN n 
1 154 GLY n 
# 
_entity_src_gen.entity_id                          1 
_entity_src_gen.pdbx_src_id                        1 
_entity_src_gen.pdbx_alt_source_flag               sample 
_entity_src_gen.pdbx_seq_type                      'Biological sequence' 
_entity_src_gen.pdbx_beg_seq_num                   1 
_entity_src_gen.pdbx_end_seq_num                   154 
_entity_src_gen.gene_src_common_name               'Sperm whale' 
_entity_src_gen.gene_src_genus                     ? 
_entity_src_gen.pdbx_gene_src_gene                 MB 
_entity_src_gen.gene_src_species                   ? 
_entity_src_gen.gene_src_strain                    ? 
_entity_src_gen.gene_src_tissue                    ? 
_entity_src_gen.gene_src_tissue_fraction           ? 
_entity_src_gen.gene_src_details                   ? 
_entity_src_gen.pdbx_gene_src_fragment             ? 
_entity_src_gen.pdbx_gene_src_scientific_name      'Physeter catodon' 
_entity_src_gen.pdbx_gene_src_ncbi_taxonomy_id     9755 
_entity_src_gen.pdbx_gene_src_variant              ? 
_entity_src_gen.pdbx_gene_src_cell_line            ? 
_entity_src_gen.pdbx_gene_src_atcc                 ? 
_entity_src_gen.pdbx_gene_src_organ                ? 
_entity_src_gen.pdbx_gene_src_organelle            ? 
_entity_src_gen.pdbx_gene_src_cell                 ? 
_entity_src_gen.pdbx_gene_src_cellular_location    ? 
_entity_src_gen.host_org_common_name               ? 
_entity_src_gen.pdbx_host_org_scientific_name      'Escherichia coli BL21' 
_entity_src_gen.pdbx_host_org_ncbi_taxonomy_id     511693 
_entity_src_gen.host_org_genus                     ? 
_entity_src_gen.pdbx_host_org_gene                 ? 
_entity_src_gen.pdbx_host_org_organ                ? 
_entity_src_gen.host_org_species                   ? 
_entity_src_gen.pdbx_host_org_tissue               ? 
_entity_src_gen.pdbx_host_org_tissue_fraction      ? 
_entity_src_gen.pdbx_host_org_strain               BL21 
_entity_src_gen.pdbx_host_org_variant              ? 
_entity_src_gen.pdbx_host_org_cell_line            ? 
_entity_src_gen.pdbx_host_org_atcc                 ? 
_entity_src_gen.pdbx_host_org_culture_collection   ? 
_entity_src_gen.pdbx_host_org_cell                 ? 
_entity_src_gen.pdbx_host_org_organelle            ? 
_entity_src_gen.pdbx_host_org_cellular_location    ? 
_entity_src_gen.pdbx_host_org_vector_type          ? 
_entity_src_gen.pdbx_host_org_vector               ? 
_entity_src_gen.host_org_details                   ? 
_entity_src_gen.expression_system_id               ? 
_entity_src_gen.plasmid_name                       ? 
_entity_src_gen.plasmid_details                    ? 
_entity_src_gen.pdbx_description                   ? 
# 
_struct_ref.id                         1 
_struct_ref.db_name                    UNP 
_struct_ref.db_code                    MYG_PHYCD 
_struct_ref.pdbx_db_accession          P02185 
_struct_ref.pdbx_db_isoform            ? 
_struct_ref.entity_id                  1 
_struct_ref.pdbx_seq_one_letter_code   
;MVLSEGEWQLVLHVWAKVEADVAGHGQDILIRLFKSHPETLEKFDRFKHLKTEAEMKASEDLKKHGVTVLTALGAILKKK
GHHEAELKPLAQSHATKHKIPIKYLEFISEAIIHVLHSRHPGDFGADAQGAMNKALELFRKDIAAKYKELGYQG
;
_struct_ref.pdbx_align_begin           1 
# 
_struct_ref_seq.align_id                      1 
_struct_ref_seq.ref_id                        1 
_struct_ref_seq.pdbx_PDB_id_code              6E03 
_struct_ref_seq.pdbx_strand_id                A 
_struct_ref_seq.seq_align_beg                 1 
_struct_ref_seq.pdbx_seq_align_beg_ins_code   ? 
_struct_ref_seq.seq_align_end                 154 
_struct_ref_seq.pdbx_seq_align_end_ins_code   ? 
_struct_ref_seq.pdbx_db_accession             P02185 
_struct_ref_seq.db_align_beg                  1 
_struct_ref_seq.pdbx_db_align_beg_ins_code    ? 
_struct_ref_seq.db_align_end                  154 
_struct_ref_seq.pdbx_db_align_end_ins_code    ? 
_struct_ref_seq.pdbx_auth_seq_align_beg       0 
_struct_ref_seq.pdbx_auth_seq_align_end       153 
# 
_struct_ref_seq_dif.align_id                     1 
_struct_ref_seq_dif.pdbx_pdb_id_code             6E03 
_struct_ref_seq_dif.mon_id                       ASN 
_struct_ref_seq_dif.pdbx_pdb_strand_id           A 
_struct_ref_seq_dif.seq_num                      123 
_struct_ref_seq_dif.pdbx_pdb_ins_code            ? 
_struct_ref_seq_dif.pdbx_seq_db_name             UNP 
_struct_ref_seq_dif.pdbx_seq_db_accession_code   P02185 
_struct_ref_seq_dif.db_mon_id                    ASP 
_struct_ref_seq_dif.pdbx_seq_db_seq_num          123 
_struct_ref_seq_dif.details                      conflict 
_struct_ref_seq_dif.pdbx_auth_seq_num            122 
_struct_ref_seq_dif.pdbx_ordinal                 1 
# 
loop_
_chem_comp.id 
_chem_comp.type 
_chem_comp.mon_nstd_flag 
_chem_comp.name 
_chem_comp.pdbx_synonyms 
_chem_comp.formula 
_chem_comp.formula_weight 
ALA 'L-peptide linking' y ALANINE                           ?    'C3 H7 N O2'       89.093  
ARG 'L-peptide linking' y ARGININE                          ?    'C6 H15 N4 O2 1'   175.209 
ASN 'L-peptide linking' y ASPARAGINE                        ?    'C4 H8 N2 O3'      132.118 
ASP 'L-peptide linking' y 'ASPARTIC ACID'                   ?    'C4 H7 N O4'       133.103 
CL  non-polymer         . 'CHLORIDE ION'                    ?    'Cl -1'            35.453  
GLN 'L-peptide linking' y GLUTAMINE                         ?    'C5 H10 N2 O3'     146.144 
GLU 'L-peptide linking' y 'GLUTAMIC ACID'                   ?    'C5 H9 N O4'       147.129 
GLY 'peptide linking'   y GLYCINE                           ?    'C2 H5 N O2'       75.067  
HEM non-polymer         . 'PROTOPORPHYRIN IX CONTAINING FE' HEME 'C34 H32 Fe N4 O4' 616.487 
HIS 'L-peptide linking' y HISTIDINE                         ?    'C6 H10 N3 O2 1'   156.162 
HOH non-polymer         . WATER                             ?    'H2 O'             18.015  
ILE 'L-peptide linking' y ISOLEUCINE                        ?    'C6 H13 N O2'      131.173 
LEU 'L-peptide linking' y LEUCINE                           ?    'C6 H13 N O2'      131.173 
LYS 'L-peptide linking' y LYSINE                            ?    'C6 H15 N2 O2 1'   147.195 
MET 'L-peptide linking' y METHIONINE                        ?    'C5 H11 N O2 S'    149.211 
NOE non-polymer         . NITROSOETHANE                     ?    'C2 H5 N O'        59.067  
PHE 'L-peptide linking' y PHENYLALANINE                     ?    'C9 H11 N O2'      165.189 
PRO 'L-peptide linking' y PROLINE                           ?    'C5 H9 N O2'       115.130 
SER 'L-peptide linking' y SERINE                            ?    'C3 H7 N O3'       105.093 
SO4 non-polymer         . 'SULFATE ION'                     ?    'O4 S -2'          96.063  
THR 'L-peptide linking' y THREONINE                         ?    'C4 H9 N O3'       119.119 
TRP 'L-peptide linking' y TRYPTOPHAN                        ?    'C11 H12 N2 O2'    204.225 
TYR 'L-peptide linking' y TYROSINE                          ?    'C9 H11 N O3'      181.189 
VAL 'L-peptide linking' y VALINE                            ?    'C5 H11 N O2'      117.146 
# 
_exptl.absorpt_coefficient_mu     ? 
_exptl.absorpt_correction_T_max   ? 
_exptl.absorpt_correction_T_min   ? 
_exptl.absorpt_correction_type    ? 
_exptl.absorpt_process_details    ? 
_exptl.entry_id                   6E03 
_exptl.crystals_number            1 
_exptl.details                    ? 
_exptl.method                     'X-RAY DIFFRACTION' 
_exptl.method_details             ? 
# 
_exptl_crystal.colour                      ? 
_exptl_crystal.density_diffrn              ? 
_exptl_crystal.density_Matthews            3.07 
_exptl_crystal.density_method              ? 
_exptl_crystal.density_percent_sol         59.93 
_exptl_crystal.description                 ? 
_exptl_crystal.F_000                       ? 
_exptl_crystal.id                          1 
_exptl_crystal.preparation                 ? 
_exptl_crystal.size_max                    ? 
_exptl_crystal.size_mid                    ? 
_exptl_crystal.size_min                    ? 
_exptl_crystal.size_rad                    ? 
_exptl_crystal.colour_lustre               ? 
_exptl_crystal.colour_modifier             ? 
_exptl_crystal.colour_primary              ? 
_exptl_crystal.density_meas                ? 
_exptl_crystal.density_meas_esd            ? 
_exptl_crystal.density_meas_gt             ? 
_exptl_crystal.density_meas_lt             ? 
_exptl_crystal.density_meas_temp           ? 
_exptl_crystal.density_meas_temp_esd       ? 
_exptl_crystal.density_meas_temp_gt        ? 
_exptl_crystal.density_meas_temp_lt        ? 
_exptl_crystal.pdbx_crystal_image_url      ? 
_exptl_crystal.pdbx_crystal_image_format   ? 
_exptl_crystal.pdbx_mosaicity              ? 
_exptl_crystal.pdbx_mosaicity_esd          ? 
# 
_exptl_crystal_grow.apparatus       ? 
_exptl_crystal_grow.atmosphere      ? 
_exptl_crystal_grow.crystal_id      1 
_exptl_crystal_grow.details         ? 
_exptl_crystal_grow.method          'VAPOR DIFFUSION, HANGING DROP' 
_exptl_crystal_grow.method_ref      ? 
_exptl_crystal_grow.pH              ? 
_exptl_crystal_grow.pressure        ? 
_exptl_crystal_grow.pressure_esd    ? 
_exptl_crystal_grow.seeding         ? 
_exptl_crystal_grow.seeding_ref     ? 
_exptl_crystal_grow.temp            298 
_exptl_crystal_grow.temp_details    ? 
_exptl_crystal_grow.temp_esd        ? 
_exptl_crystal_grow.time            ? 
_exptl_crystal_grow.pdbx_details    '2.56-3.20 M AS, 100 mM Tris-HCl, 1 mm EDTA, pH 7.4 or 9.0.' 
_exptl_crystal_grow.pdbx_pH_range   7.4-9.0 
# 
_diffrn.ambient_environment    ? 
_diffrn.ambient_temp           100 
_diffrn.ambient_temp_details   ? 
_diffrn.ambient_temp_esd       ? 
_diffrn.crystal_id             1 
_diffrn.crystal_support        ? 
_diffrn.crystal_treatment      ? 
_diffrn.details                ? 
_diffrn.id                     1 
_diffrn.ambient_pressure       ? 
_diffrn.ambient_pressure_esd   ? 
_diffrn.ambient_pressure_gt    ? 
_diffrn.ambient_pressure_lt    ? 
_diffrn.ambient_temp_gt        ? 
_diffrn.ambient_temp_lt        ? 
# 
_diffrn_detector.details                      ? 
_diffrn_detector.detector                     PIXEL 
_diffrn_detector.diffrn_id                    1 
_diffrn_detector.type                         'DECTRIS PILATUS 200K' 
_diffrn_detector.area_resol_mean              ? 
_diffrn_detector.dtime                        ? 
_diffrn_detector.pdbx_frames_total            ? 
_diffrn_detector.pdbx_collection_time_total   ? 
_diffrn_detector.pdbx_collection_date         2017-12-19 
# 
_diffrn_radiation.collimation                      ? 
_diffrn_radiation.diffrn_id                        1 
_diffrn_radiation.filter_edge                      ? 
_diffrn_radiation.inhomogeneity                    ? 
_diffrn_radiation.monochromator                    mirror 
_diffrn_radiation.polarisn_norm                    ? 
_diffrn_radiation.polarisn_ratio                   ? 
_diffrn_radiation.probe                            ? 
_diffrn_radiation.type                             ? 
_diffrn_radiation.xray_symbol                      ? 
_diffrn_radiation.wavelength_id                    1 
_diffrn_radiation.pdbx_monochromatic_or_laue_m_l   M 
_diffrn_radiation.pdbx_wavelength_list             ? 
_diffrn_radiation.pdbx_wavelength                  ? 
_diffrn_radiation.pdbx_diffrn_protocol             'SINGLE WAVELENGTH' 
_diffrn_radiation.pdbx_analyzer                    ? 
_diffrn_radiation.pdbx_scattering_type             x-ray 
# 
_diffrn_radiation_wavelength.id           1 
_diffrn_radiation_wavelength.wavelength   1.54178 
_diffrn_radiation_wavelength.wt           1.0 
# 
_diffrn_source.current                     ? 
_diffrn_source.details                     ? 
_diffrn_source.diffrn_id                   1 
_diffrn_source.power                       ? 
_diffrn_source.size                        ? 
_diffrn_source.source                      'ROTATING ANODE' 
_diffrn_source.target                      ? 
_diffrn_source.type                        'RIGAKU MICROMAX-007 HF' 
_diffrn_source.voltage                     ? 
_diffrn_source.take-off_angle              ? 
_diffrn_source.pdbx_wavelength_list        1.54178 
_diffrn_source.pdbx_wavelength             ? 
_diffrn_source.pdbx_synchrotron_beamline   ? 
_diffrn_source.pdbx_synchrotron_site       ? 
# 
_reflns.B_iso_Wilson_estimate            ? 
_reflns.entry_id                         6E03 
_reflns.data_reduction_details           ? 
_reflns.data_reduction_method            ? 
_reflns.d_resolution_high                1.76 
_reflns.d_resolution_low                 45.14 
_reflns.details                          ? 
_reflns.limit_h_max                      ? 
_reflns.limit_h_min                      ? 
_reflns.limit_k_max                      ? 
_reflns.limit_k_min                      ? 
_reflns.limit_l_max                      ? 
_reflns.limit_l_min                      ? 
_reflns.number_all                       ? 
_reflns.number_obs                       20356 
_reflns.observed_criterion               ? 
_reflns.observed_criterion_F_max         ? 
_reflns.observed_criterion_F_min         ? 
_reflns.observed_criterion_I_max         ? 
_reflns.observed_criterion_I_min         ? 
_reflns.observed_criterion_sigma_F       ? 
_reflns.observed_criterion_sigma_I       ? 
_reflns.percent_possible_obs             96.42 
_reflns.R_free_details                   ? 
_reflns.Rmerge_F_all                     ? 
_reflns.Rmerge_F_obs                     ? 
_reflns.Friedel_coverage                 ? 
_reflns.number_gt                        ? 
_reflns.threshold_expression             ? 
_reflns.pdbx_redundancy                  7.0 
_reflns.pdbx_Rmerge_I_obs                ? 
_reflns.pdbx_Rmerge_I_all                ? 
_reflns.pdbx_Rsym_value                  ? 
_reflns.pdbx_netI_over_av_sigmaI         ? 
_reflns.pdbx_netI_over_sigmaI            16.23 
_reflns.pdbx_res_netI_over_av_sigmaI_2   ? 
_reflns.pdbx_res_netI_over_sigmaI_2      ? 
_reflns.pdbx_chi_squared                 ? 
_reflns.pdbx_scaling_rejects             ? 
_reflns.pdbx_d_res_high_opt              ? 
_reflns.pdbx_d_res_low_opt               ? 
_reflns.pdbx_d_res_opt_method            ? 
_reflns.phase_calculation_details        ? 
_reflns.pdbx_Rrim_I_all                  ? 
_reflns.pdbx_Rpim_I_all                  ? 
_reflns.pdbx_d_opt                       ? 
_reflns.pdbx_number_measured_all         ? 
_reflns.pdbx_diffrn_id                   1 
_reflns.pdbx_ordinal                     1 
_reflns.pdbx_CC_half                     ? 
_reflns.pdbx_R_split                     ? 
# 
_reflns_shell.d_res_high                  1.76 
_reflns_shell.d_res_low                   1.79 
_reflns_shell.meanI_over_sigI_all         ? 
_reflns_shell.meanI_over_sigI_obs         ? 
_reflns_shell.number_measured_all         ? 
_reflns_shell.number_measured_obs         ? 
_reflns_shell.number_possible             ? 
_reflns_shell.number_unique_all           ? 
_reflns_shell.number_unique_obs           ? 
_reflns_shell.percent_possible_all        ? 
_reflns_shell.percent_possible_obs        ? 
_reflns_shell.Rmerge_F_all                ? 
_reflns_shell.Rmerge_F_obs                ? 
_reflns_shell.Rmerge_I_all                ? 
_reflns_shell.Rmerge_I_obs                ? 
_reflns_shell.meanI_over_sigI_gt          ? 
_reflns_shell.meanI_over_uI_all           ? 
_reflns_shell.meanI_over_uI_gt            ? 
_reflns_shell.number_measured_gt          ? 
_reflns_shell.number_unique_gt            ? 
_reflns_shell.percent_possible_gt         ? 
_reflns_shell.Rmerge_F_gt                 ? 
_reflns_shell.Rmerge_I_gt                 ? 
_reflns_shell.pdbx_redundancy             ? 
_reflns_shell.pdbx_Rsym_value             ? 
_reflns_shell.pdbx_chi_squared            ? 
_reflns_shell.pdbx_netI_over_sigmaI_all   ? 
_reflns_shell.pdbx_netI_over_sigmaI_obs   ? 
_reflns_shell.pdbx_Rrim_I_all             ? 
_reflns_shell.pdbx_Rpim_I_all             ? 
_reflns_shell.pdbx_rejects                ? 
_reflns_shell.pdbx_ordinal                1 
_reflns_shell.pdbx_diffrn_id              1 
_reflns_shell.pdbx_CC_half                ? 
_reflns_shell.pdbx_R_split                ? 
# 
_refine.aniso_B[1][1]                            0.11 
_refine.aniso_B[1][2]                            0.06 
_refine.aniso_B[1][3]                            0.00 
_refine.aniso_B[2][2]                            0.11 
_refine.aniso_B[2][3]                            0.00 
_refine.aniso_B[3][3]                            -0.36 
_refine.B_iso_max                                ? 
_refine.B_iso_mean                               13.689 
_refine.B_iso_min                                ? 
_refine.correlation_coeff_Fo_to_Fc               0.958 
_refine.correlation_coeff_Fo_to_Fc_free          0.933 
_refine.details                                  'HYDROGENS HAVE BEEN ADDED IN THE RIDING POSITIONS' 
_refine.diff_density_max                         ? 
_refine.diff_density_max_esd                     ? 
_refine.diff_density_min                         ? 
_refine.diff_density_min_esd                     ? 
_refine.diff_density_rms                         ? 
_refine.diff_density_rms_esd                     ? 
_refine.entry_id                                 6E03 
_refine.pdbx_refine_id                           'X-RAY DIFFRACTION' 
_refine.ls_abs_structure_details                 ? 
_refine.ls_abs_structure_Flack                   ? 
_refine.ls_abs_structure_Flack_esd               ? 
_refine.ls_abs_structure_Rogers                  ? 
_refine.ls_abs_structure_Rogers_esd              ? 
_refine.ls_d_res_high                            1.76 
_refine.ls_d_res_low                             45.14 
_refine.ls_extinction_coef                       ? 
_refine.ls_extinction_coef_esd                   ? 
_refine.ls_extinction_expression                 ? 
_refine.ls_extinction_method                     ? 
_refine.ls_goodness_of_fit_all                   ? 
_refine.ls_goodness_of_fit_all_esd               ? 
_refine.ls_goodness_of_fit_obs                   ? 
_refine.ls_goodness_of_fit_obs_esd               ? 
_refine.ls_hydrogen_treatment                    ? 
_refine.ls_matrix_type                           ? 
_refine.ls_number_constraints                    ? 
_refine.ls_number_parameters                     ? 
_refine.ls_number_reflns_all                     ? 
_refine.ls_number_reflns_obs                     19411 
_refine.ls_number_reflns_R_free                  960 
_refine.ls_number_reflns_R_work                  ? 
_refine.ls_number_restraints                     ? 
_refine.ls_percent_reflns_obs                    96.24 
_refine.ls_percent_reflns_R_free                 4.7 
_refine.ls_R_factor_all                          ? 
_refine.ls_R_factor_obs                          0.16134 
_refine.ls_R_factor_R_free                       0.19081 
_refine.ls_R_factor_R_free_error                 ? 
_refine.ls_R_factor_R_free_error_details         ? 
_refine.ls_R_factor_R_work                       0.15992 
_refine.ls_R_Fsqd_factor_obs                     ? 
_refine.ls_R_I_factor_obs                        ? 
_refine.ls_redundancy_reflns_all                 ? 
_refine.ls_redundancy_reflns_obs                 ? 
_refine.ls_restrained_S_all                      ? 
_refine.ls_restrained_S_obs                      ? 
_refine.ls_shift_over_esd_max                    ? 
_refine.ls_shift_over_esd_mean                   ? 
_refine.ls_structure_factor_coef                 ? 
_refine.ls_weighting_details                     ? 
_refine.ls_weighting_scheme                      ? 
_refine.ls_wR_factor_all                         ? 
_refine.ls_wR_factor_obs                         ? 
_refine.ls_wR_factor_R_free                      ? 
_refine.ls_wR_factor_R_work                      ? 
_refine.occupancy_max                            ? 
_refine.occupancy_min                            ? 
_refine.solvent_model_details                    ? 
_refine.solvent_model_param_bsol                 ? 
_refine.solvent_model_param_ksol                 ? 
_refine.ls_R_factor_gt                           ? 
_refine.ls_goodness_of_fit_gt                    ? 
_refine.ls_goodness_of_fit_ref                   ? 
_refine.ls_shift_over_su_max                     ? 
_refine.ls_shift_over_su_max_lt                  ? 
_refine.ls_shift_over_su_mean                    ? 
_refine.ls_shift_over_su_mean_lt                 ? 
_refine.pdbx_ls_sigma_I                          ? 
_refine.pdbx_ls_sigma_F                          ? 
_refine.pdbx_ls_sigma_Fsqd                       ? 
_refine.pdbx_data_cutoff_high_absF               ? 
_refine.pdbx_data_cutoff_high_rms_absF           ? 
_refine.pdbx_data_cutoff_low_absF                ? 
_refine.pdbx_isotropic_thermal_model             ? 
_refine.pdbx_ls_cross_valid_method               THROUGHOUT 
_refine.pdbx_method_to_determine_struct          ? 
_refine.pdbx_starting_model                      ? 
_refine.pdbx_stereochemistry_target_values       ? 
_refine.pdbx_R_Free_selection_details            RANDOM 
_refine.pdbx_stereochem_target_val_spec_case     ? 
_refine.pdbx_overall_ESU_R                       0.095 
_refine.pdbx_overall_ESU_R_Free                  0.095 
_refine.pdbx_solvent_vdw_probe_radii             1.20 
_refine.pdbx_solvent_ion_probe_radii             0.80 
_refine.pdbx_solvent_shrinkage_radii             0.80 
_refine.pdbx_real_space_R                        ? 
_refine.pdbx_density_correlation                 ? 
_refine.pdbx_pd_number_of_powder_patterns        ? 
_refine.pdbx_pd_number_of_points                 ? 
_refine.pdbx_pd_meas_number_of_points            ? 
_refine.pdbx_pd_proc_ls_prof_R_factor            ? 
_refine.pdbx_pd_proc_ls_prof_wR_factor           ? 
_refine.pdbx_pd_Marquardt_correlation_coeff      ? 
_refine.pdbx_pd_Fsqrd_R_factor                   ? 
_refine.pdbx_pd_ls_matrix_band_width             ? 
_refine.pdbx_overall_phase_error                 ? 
_refine.pdbx_overall_SU_R_free_Cruickshank_DPI   ? 
_refine.pdbx_overall_SU_R_free_Blow_DPI          ? 
_refine.pdbx_overall_SU_R_Blow_DPI               ? 
_refine.pdbx_TLS_residual_ADP_flag               ? 
_refine.pdbx_diffrn_id                           1 
_refine.overall_SU_B                             1.789 
_refine.overall_SU_ML                            0.057 
_refine.overall_SU_R_Cruickshank_DPI             ? 
_refine.overall_SU_R_free                        ? 
_refine.overall_FOM_free_R_set                   ? 
_refine.overall_FOM_work_R_set                   ? 
_refine.pdbx_average_fsc_overall                 ? 
_refine.pdbx_average_fsc_work                    ? 
_refine.pdbx_average_fsc_free                    ? 
# 
_refine_hist.pdbx_refine_id                   'X-RAY DIFFRACTION' 
_refine_hist.cycle_id                         1 
_refine_hist.pdbx_number_atoms_protein        1217 
_refine_hist.pdbx_number_atoms_nucleic_acid   0 
_refine_hist.pdbx_number_atoms_ligand         73 
_refine_hist.number_atoms_solvent             160 
_refine_hist.number_atoms_total               1450 
_refine_hist.d_res_high                       1.76 
_refine_hist.d_res_low                        45.14 
# 
loop_
_refine_ls_restr.pdbx_refine_id 
_refine_ls_restr.criterion 
_refine_ls_restr.dev_ideal 
_refine_ls_restr.dev_ideal_target 
_refine_ls_restr.number 
_refine_ls_restr.rejects 
_refine_ls_restr.type 
_refine_ls_restr.weight 
_refine_ls_restr.pdbx_restraint_function 
'X-RAY DIFFRACTION' ? 0.016  0.015  1326 ? r_bond_refined_d             ? ? 
'X-RAY DIFFRACTION' ? 0.001  0.017  1232 ? r_bond_other_d               ? ? 
'X-RAY DIFFRACTION' ? 1.789  1.728  1800 ? r_angle_refined_deg          ? ? 
'X-RAY DIFFRACTION' ? 1.157  1.680  2869 ? r_angle_other_deg            ? ? 
'X-RAY DIFFRACTION' ? 5.307  5.000  154  ? r_dihedral_angle_1_deg       ? ? 
'X-RAY DIFFRACTION' ? 34.359 23.276 58   ? r_dihedral_angle_2_deg       ? ? 
'X-RAY DIFFRACTION' ? 14.653 15.000 237  ? r_dihedral_angle_3_deg       ? ? 
'X-RAY DIFFRACTION' ? 19.928 15.000 4    ? r_dihedral_angle_4_deg       ? ? 
'X-RAY DIFFRACTION' ? 0.086  0.200  162  ? r_chiral_restr               ? ? 
'X-RAY DIFFRACTION' ? 0.011  0.020  1444 ? r_gen_planes_refined         ? ? 
'X-RAY DIFFRACTION' ? 0.008  0.020  252  ? r_gen_planes_other           ? ? 
'X-RAY DIFFRACTION' ? ?      ?      ?    ? r_nbd_refined                ? ? 
'X-RAY DIFFRACTION' ? ?      ?      ?    ? r_nbd_other                  ? ? 
'X-RAY DIFFRACTION' ? ?      ?      ?    ? r_nbtor_refined              ? ? 
'X-RAY DIFFRACTION' ? ?      ?      ?    ? r_nbtor_other                ? ? 
'X-RAY DIFFRACTION' ? ?      ?      ?    ? r_xyhbond_nbd_refined        ? ? 
'X-RAY DIFFRACTION' ? ?      ?      ?    ? r_xyhbond_nbd_other          ? ? 
'X-RAY DIFFRACTION' ? ?      ?      ?    ? r_metal_ion_refined          ? ? 
'X-RAY DIFFRACTION' ? ?      ?      ?    ? r_metal_ion_other            ? ? 
'X-RAY DIFFRACTION' ? ?      ?      ?    ? r_symmetry_vdw_refined       ? ? 
'X-RAY DIFFRACTION' ? ?      ?      ?    ? r_symmetry_vdw_other         ? ? 
'X-RAY DIFFRACTION' ? ?      ?      ?    ? r_symmetry_hbond_refined     ? ? 
'X-RAY DIFFRACTION' ? ?      ?      ?    ? r_symmetry_hbond_other       ? ? 
'X-RAY DIFFRACTION' ? ?      ?      ?    ? r_symmetry_metal_ion_refined ? ? 
'X-RAY DIFFRACTION' ? ?      ?      ?    ? r_symmetry_metal_ion_other   ? ? 
'X-RAY DIFFRACTION' ? 1.142  1.075  616  ? r_mcbond_it                  ? ? 
'X-RAY DIFFRACTION' ? 1.132  1.073  615  ? r_mcbond_other               ? ? 
'X-RAY DIFFRACTION' ? 1.600  1.601  770  ? r_mcangle_it                 ? ? 
'X-RAY DIFFRACTION' ? 1.600  1.604  771  ? r_mcangle_other              ? ? 
'X-RAY DIFFRACTION' ? 2.842  1.498  710  ? r_scbond_it                  ? ? 
'X-RAY DIFFRACTION' ? 2.840  1.499  711  ? r_scbond_other               ? ? 
'X-RAY DIFFRACTION' ? ?      ?      ?    ? r_scangle_it                 ? ? 
'X-RAY DIFFRACTION' ? 4.169  2.104  1031 ? r_scangle_other              ? ? 
'X-RAY DIFFRACTION' ? 5.511  14.653 1683 ? r_long_range_B_refined       ? ? 
'X-RAY DIFFRACTION' ? 5.513  14.658 1684 ? r_long_range_B_other         ? ? 
'X-RAY DIFFRACTION' ? ?      ?      ?    ? r_rigid_bond_restr           ? ? 
'X-RAY DIFFRACTION' ? ?      ?      ?    ? r_sphericity_free            ? ? 
'X-RAY DIFFRACTION' ? ?      ?      ?    ? r_sphericity_bonded          ? ? 
# 
_refine_ls_shell.pdbx_refine_id                   'X-RAY DIFFRACTION' 
_refine_ls_shell.d_res_high                       1.758 
_refine_ls_shell.d_res_low                        1.804 
_refine_ls_shell.number_reflns_all                ? 
_refine_ls_shell.number_reflns_obs                ? 
_refine_ls_shell.number_reflns_R_free             62 
_refine_ls_shell.number_reflns_R_work             924 
_refine_ls_shell.percent_reflns_obs               62.72 
_refine_ls_shell.percent_reflns_R_free            ? 
_refine_ls_shell.R_factor_all                     ? 
_refine_ls_shell.R_factor_obs                     ? 
_refine_ls_shell.R_factor_R_free                  0.262 
_refine_ls_shell.R_factor_R_free_error            ? 
_refine_ls_shell.R_factor_R_work                  0.242 
_refine_ls_shell.redundancy_reflns_all            ? 
_refine_ls_shell.redundancy_reflns_obs            ? 
_refine_ls_shell.wR_factor_all                    ? 
_refine_ls_shell.wR_factor_obs                    ? 
_refine_ls_shell.wR_factor_R_free                 ? 
_refine_ls_shell.wR_factor_R_work                 ? 
_refine_ls_shell.pdbx_total_number_of_bins_used   20 
_refine_ls_shell.pdbx_phase_error                 ? 
_refine_ls_shell.pdbx_fsc_work                    ? 
_refine_ls_shell.pdbx_fsc_free                    ? 
# 
_struct.entry_id                     6E03 
_struct.title                        'sperm whale myoglobin nitrosoethane adduct' 
_struct.pdbx_model_details           ? 
_struct.pdbx_formula_weight          ? 
_struct.pdbx_formula_weight_method   ? 
_struct.pdbx_model_type_details      ? 
_struct.pdbx_CASP_flag               N 
# 
_struct_keywords.entry_id        6E03 
_struct_keywords.text            'Myoglobin, nitrosoethane, sperm whale, OXYGEN TRANSPORT' 
_struct_keywords.pdbx_keywords   'OXYGEN TRANSPORT' 
# 
loop_
_struct_asym.id 
_struct_asym.pdbx_blank_PDB_chainid_flag 
_struct_asym.pdbx_modified 
_struct_asym.entity_id 
_struct_asym.details 
A N N 1 ? 
B N N 2 ? 
C N N 3 ? 
D N N 3 ? 
E N N 3 ? 
F N N 3 ? 
G N N 3 ? 
H N N 4 ? 
I N N 5 ? 
J N N 6 ? 
# 
loop_
_struct_conf.conf_type_id 
_struct_conf.id 
_struct_conf.pdbx_PDB_helix_id 
_struct_conf.beg_label_comp_id 
_struct_conf.beg_label_asym_id 
_struct_conf.beg_label_seq_id 
_struct_conf.pdbx_beg_PDB_ins_code 
_struct_conf.end_label_comp_id 
_struct_conf.end_label_asym_id 
_struct_conf.end_label_seq_id 
_struct_conf.pdbx_end_PDB_ins_code 
_struct_conf.beg_auth_comp_id 
_struct_conf.beg_auth_asym_id 
_struct_conf.beg_auth_seq_id 
_struct_conf.end_auth_comp_id 
_struct_conf.end_auth_asym_id 
_struct_conf.end_auth_seq_id 
_struct_conf.pdbx_PDB_helix_class 
_struct_conf.details 
_struct_conf.pdbx_PDB_helix_length 
HELX_P HELX_P1 AA1 SER A 4   ? GLU A 19  ? SER A 3   GLU A 18  1 ? 16 
HELX_P HELX_P2 AA2 ASP A 21  ? HIS A 37  ? ASP A 20  HIS A 36  1 ? 17 
HELX_P HELX_P3 AA3 PRO A 38  ? PHE A 44  ? PRO A 37  PHE A 43  5 ? 7  
HELX_P HELX_P4 AA4 THR A 52  ? SER A 59  ? THR A 51  SER A 58  1 ? 8  
HELX_P HELX_P5 AA5 SER A 59  ? LYS A 79  ? SER A 58  LYS A 78  1 ? 21 
HELX_P HELX_P6 AA6 HIS A 83  ? LYS A 97  ? HIS A 82  LYS A 96  1 ? 15 
HELX_P HELX_P7 AA7 PRO A 101 ? HIS A 120 ? PRO A 100 HIS A 119 1 ? 20 
HELX_P HELX_P8 AA8 PRO A 121 ? PHE A 124 ? PRO A 120 PHE A 123 5 ? 4  
HELX_P HELX_P9 AA9 GLY A 125 ? GLY A 151 ? GLY A 124 GLY A 150 1 ? 27 
# 
_struct_conf_type.id          HELX_P 
_struct_conf_type.criteria    ? 
_struct_conf_type.reference   ? 
# 
loop_
_struct_conn.id 
_struct_conn.conn_type_id 
_struct_conn.pdbx_leaving_atom_flag 
_struct_conn.pdbx_PDB_id 
_struct_conn.ptnr1_label_asym_id 
_struct_conn.ptnr1_label_comp_id 
_struct_conn.ptnr1_label_seq_id 
_struct_conn.ptnr1_label_atom_id 
_struct_conn.pdbx_ptnr1_label_alt_id 
_struct_conn.pdbx_ptnr1_PDB_ins_code 
_struct_conn.pdbx_ptnr1_standard_comp_id 
_struct_conn.ptnr1_symmetry 
_struct_conn.ptnr2_label_asym_id 
_struct_conn.ptnr2_label_comp_id 
_struct_conn.ptnr2_label_seq_id 
_struct_conn.ptnr2_label_atom_id 
_struct_conn.pdbx_ptnr2_label_alt_id 
_struct_conn.pdbx_ptnr2_PDB_ins_code 
_struct_conn.ptnr1_auth_asym_id 
_struct_conn.ptnr1_auth_comp_id 
_struct_conn.ptnr1_auth_seq_id 
_struct_conn.ptnr2_auth_asym_id 
_struct_conn.ptnr2_auth_comp_id 
_struct_conn.ptnr2_auth_seq_id 
_struct_conn.ptnr2_symmetry 
_struct_conn.pdbx_ptnr3_label_atom_id 
_struct_conn.pdbx_ptnr3_label_seq_id 
_struct_conn.pdbx_ptnr3_label_comp_id 
_struct_conn.pdbx_ptnr3_label_asym_id 
_struct_conn.pdbx_ptnr3_label_alt_id 
_struct_conn.pdbx_ptnr3_PDB_ins_code 
_struct_conn.details 
_struct_conn.pdbx_dist_value 
_struct_conn.pdbx_value_order 
_struct_conn.pdbx_role 
metalc1 metalc ? ? A HIS 94 NE2 ? ? ? 1_555 B HEM . FE ? ? A HIS 93  A HEM 201 1_555 ? ? ? ? ? ? ? 2.117 ? ? 
metalc2 metalc ? ? B HEM .  FE  ? ? ? 1_555 H NOE . N  ? ? A HEM 201 A NOE 207 1_555 ? ? ? ? ? ? ? 2.068 ? ? 
# 
_struct_conn_type.id          metalc 
_struct_conn_type.criteria    ? 
_struct_conn_type.reference   ? 
# 
loop_
_struct_site.id 
_struct_site.pdbx_evidence_code 
_struct_site.pdbx_auth_asym_id 
_struct_site.pdbx_auth_comp_id 
_struct_site.pdbx_auth_seq_id 
_struct_site.pdbx_auth_ins_code 
_struct_site.pdbx_num_residues 
_struct_site.details 
AC1 Software A HEM 201 ? 19 'binding site for residue HEM A 201' 
AC2 Software A SO4 202 ? 7  'binding site for residue SO4 A 202' 
AC3 Software A SO4 203 ? 1  'binding site for residue SO4 A 203' 
AC4 Software A SO4 204 ? 5  'binding site for residue SO4 A 204' 
AC5 Software A SO4 205 ? 4  'binding site for residue SO4 A 205' 
AC6 Software A SO4 206 ? 5  'binding site for residue SO4 A 206' 
AC7 Software A NOE 207 ? 5  'binding site for residue NOE A 207' 
AC8 Software A CL  208 ? 5  'binding site for residue CL A 208'  
# 
loop_
_struct_site_gen.id 
_struct_site_gen.site_id 
_struct_site_gen.pdbx_num_res 
_struct_site_gen.label_comp_id 
_struct_site_gen.label_asym_id 
_struct_site_gen.label_seq_id 
_struct_site_gen.pdbx_auth_ins_code 
_struct_site_gen.auth_comp_id 
_struct_site_gen.auth_asym_id 
_struct_site_gen.auth_seq_id 
_struct_site_gen.label_atom_id 
_struct_site_gen.label_alt_id 
_struct_site_gen.symmetry 
_struct_site_gen.details 
1  AC1 19 THR A 40  ? THR A 39  . ? 1_555 ? 
2  AC1 19 LYS A 43  ? LYS A 42  . ? 1_555 ? 
3  AC1 19 PHE A 44  ? PHE A 43  . ? 1_555 ? 
4  AC1 19 ARG A 46  ? ARG A 45  . ? 1_555 ? 
5  AC1 19 HIS A 65  ? HIS A 64  . ? 1_555 ? 
6  AC1 19 THR A 68  ? THR A 67  . ? 1_555 ? 
7  AC1 19 LEU A 90  ? LEU A 89  . ? 1_555 ? 
8  AC1 19 SER A 93  ? SER A 92  . ? 1_555 ? 
9  AC1 19 HIS A 94  ? HIS A 93  . ? 1_555 ? 
10 AC1 19 HIS A 98  ? HIS A 97  . ? 1_555 ? 
11 AC1 19 ILE A 100 ? ILE A 99  . ? 1_555 ? 
12 AC1 19 TYR A 104 ? TYR A 103 . ? 1_555 ? 
13 AC1 19 LEU A 105 ? LEU A 104 . ? 1_555 ? 
14 AC1 19 NOE H .   ? NOE A 207 . ? 1_555 ? 
15 AC1 19 HOH J .   ? HOH A 315 . ? 1_555 ? 
16 AC1 19 HOH J .   ? HOH A 343 . ? 1_555 ? 
17 AC1 19 HOH J .   ? HOH A 371 . ? 1_555 ? 
18 AC1 19 HOH J .   ? HOH A 379 . ? 1_555 ? 
19 AC1 19 HOH J .   ? HOH A 400 . ? 1_555 ? 
20 AC2 7  SER A 4   ? SER A 3   . ? 1_554 ? 
21 AC2 7  GLU A 5   ? GLU A 4   . ? 1_554 ? 
22 AC2 7  THR A 52  ? THR A 51  . ? 1_555 ? 
23 AC2 7  GLU A 53  ? GLU A 52  . ? 1_555 ? 
24 AC2 7  ALA A 54  ? ALA A 53  . ? 1_555 ? 
25 AC2 7  HOH J .   ? HOH A 303 . ? 1_555 ? 
26 AC2 7  HOH J .   ? HOH A 373 . ? 1_554 ? 
27 AC3 1  LYS A 17  ? LYS A 16  . ? 1_555 ? 
28 AC4 5  ARG A 46  ? ARG A 45  . ? 1_555 ? 
29 AC4 5  HIS A 65  ? HIS A 64  . ? 1_555 ? 
30 AC4 5  THR A 68  ? THR A 67  . ? 1_555 ? 
31 AC4 5  HOH J .   ? HOH A 306 . ? 1_555 ? 
32 AC4 5  HOH J .   ? HOH A 315 . ? 1_555 ? 
33 AC5 4  SER A 4   ? SER A 3   . ? 1_555 ? 
34 AC5 4  GLY A 6   ? GLY A 5   . ? 1_555 ? 
35 AC5 4  HOH J .   ? HOH A 311 . ? 1_555 ? 
36 AC5 4  HOH J .   ? HOH A 373 . ? 1_555 ? 
37 AC6 5  GLY A 125 ? GLY A 124 . ? 1_555 ? 
38 AC6 5  ALA A 126 ? ALA A 125 . ? 1_555 ? 
39 AC6 5  ASP A 127 ? ASP A 126 . ? 1_555 ? 
40 AC6 5  CL  I .   ? CL  A 208 . ? 1_555 ? 
41 AC6 5  HOH J .   ? HOH A 301 . ? 1_555 ? 
42 AC7 5  PHE A 44  ? PHE A 43  . ? 1_555 ? 
43 AC7 5  HIS A 65  ? HIS A 64  . ? 1_555 ? 
44 AC7 5  VAL A 69  ? VAL A 68  . ? 1_555 ? 
45 AC7 5  ILE A 108 ? ILE A 107 . ? 1_555 ? 
46 AC7 5  HEM B .   ? HEM A 201 . ? 1_555 ? 
47 AC8 5  GLY A 125 ? GLY A 124 . ? 1_555 ? 
48 AC8 5  ASP A 127 ? ASP A 126 . ? 1_555 ? 
49 AC8 5  ALA A 128 ? ALA A 127 . ? 1_555 ? 
50 AC8 5  SO4 G .   ? SO4 A 206 . ? 1_555 ? 
51 AC8 5  HOH J .   ? HOH A 411 . ? 1_555 ? 
# 
_atom_sites.entry_id                    6E03 
_atom_sites.fract_transf_matrix[1][1]   -0.00567195 
_atom_sites.fract_transf_matrix[1][2]   0.00499311 
_atom_sites.fract_transf_matrix[1][3]   0.01032127 
_atom_sites.fract_transf_matrix[2][1]   0.00697714 
_atom_sites.fract_transf_matrix[2][2]   0.00612925 
_atom_sites.fract_transf_matrix[2][3]   0.00879554 
_atom_sites.fract_transf_matrix[3][1]   -0.00301256 
_atom_sites.fract_transf_matrix[3][2]   0.01898384 
_atom_sites.fract_transf_matrix[3][3]   -0.01083932 
_atom_sites.fract_transf_vector[1]      2.434692 
_atom_sites.fract_transf_vector[2]      1.293166 
_atom_sites.fract_transf_vector[3]      -0.546966 
# 
loop_
_atom_type.symbol 
C  
CL 
FE 
N  
O  
S  
# 
loop_
_atom_site.group_PDB 
_atom_site.id 
_atom_site.type_symbol 
_atom_site.label_atom_id 
_atom_site.label_alt_id 
_atom_site.label_comp_id 
_atom_site.label_asym_id 
_atom_site.label_entity_id 
_atom_site.label_seq_id 
_atom_site.pdbx_PDB_ins_code 
_atom_site.Cartn_x 
_atom_site.Cartn_y 
_atom_site.Cartn_z 
_atom_site.occupancy 
_atom_site.B_iso_or_equiv 
_atom_site.pdbx_formal_charge 
_atom_site.auth_seq_id 
_atom_site.auth_comp_id 
_atom_site.auth_asym_id 
_atom_site.auth_atom_id 
_atom_site.pdbx_PDB_model_num 
ATOM   1    N  N   . VAL A 1 2   ? -2.983  11.278  -14.986 1.00 20.56 ? 1   VAL A N   1 
ATOM   2    C  CA  . VAL A 1 2   ? -3.317  12.389  -14.039 1.00 18.17 ? 1   VAL A CA  1 
ATOM   3    C  C   . VAL A 1 2   ? -4.777  12.244  -13.548 1.00 15.61 ? 1   VAL A C   1 
ATOM   4    O  O   . VAL A 1 2   ? -5.704  12.192  -14.347 1.00 16.66 ? 1   VAL A O   1 
ATOM   5    C  CB  . VAL A 1 2   ? -3.114  13.763  -14.706 1.00 22.13 ? 1   VAL A CB  1 
ATOM   6    C  CG1 . VAL A 1 2   ? -3.582  14.868  -13.781 1.00 18.10 ? 1   VAL A CG1 1 
ATOM   7    C  CG2 . VAL A 1 2   ? -1.671  14.016  -15.156 1.00 23.72 ? 1   VAL A CG2 1 
ATOM   8    N  N   . LEU A 1 3   ? -5.001  12.214  -12.233 1.00 12.80 ? 2   LEU A N   1 
ATOM   9    C  CA  . LEU A 1 3   ? -6.332  12.088  -11.681 1.00 11.50 ? 2   LEU A CA  1 
ATOM   10   C  C   . LEU A 1 3   ? -7.017  13.456  -11.716 1.00 11.94 ? 2   LEU A C   1 
ATOM   11   O  O   . LEU A 1 3   ? -6.401  14.507  -11.555 1.00 12.00 ? 2   LEU A O   1 
ATOM   12   C  CB  . LEU A 1 3   ? -6.276  11.568  -10.242 1.00 11.17 ? 2   LEU A CB  1 
ATOM   13   C  CG  . LEU A 1 3   ? -6.103  10.049  -10.095 1.00 10.16 ? 2   LEU A CG  1 
ATOM   14   C  CD1 . LEU A 1 3   ? -4.674  9.651   -10.414 1.00 10.18 ? 2   LEU A CD1 1 
ATOM   15   C  CD2 . LEU A 1 3   ? -6.532  9.595   -8.713  1.00 10.41 ? 2   LEU A CD2 1 
ATOM   16   N  N   . SER A 1 4   ? -8.324  13.408  -11.859 1.00 11.18 ? 3   SER A N   1 
ATOM   17   C  CA  . SER A 1 4   ? -9.158  14.600  -11.685 1.00 11.61 ? 3   SER A CA  1 
ATOM   18   C  C   . SER A 1 4   ? -9.346  14.844  -10.184 1.00 11.02 ? 3   SER A C   1 
ATOM   19   O  O   . SER A 1 4   ? -9.134  13.938  -9.367  1.00 11.33 ? 3   SER A O   1 
ATOM   20   C  CB  . SER A 1 4   ? -10.467 14.407  -12.394 1.00 12.86 ? 3   SER A CB  1 
ATOM   21   O  OG  . SER A 1 4   ? -11.259 13.492  -11.638 1.00 12.82 ? 3   SER A OG  1 
ATOM   22   N  N   . GLU A 1 5   ? -9.729  16.062  -9.811  1.00 10.25 ? 4   GLU A N   1 
ATOM   23   C  CA  . GLU A 1 5   ? -10.057 16.386  -8.443  1.00 11.38 ? 4   GLU A CA  1 
ATOM   24   C  C   . GLU A 1 5   ? -11.175 15.453  -7.942  1.00 11.29 ? 4   GLU A C   1 
ATOM   25   O  O   . GLU A 1 5   ? -11.164 15.044  -6.794  1.00 10.44 ? 4   GLU A O   1 
ATOM   26   C  CB  . GLU A 1 5   ? -10.524 17.839  -8.354  1.00 12.80 ? 4   GLU A CB  1 
ATOM   27   C  CG  . GLU A 1 5   ? -10.994 18.278  -6.981  1.00 13.03 ? 4   GLU A CG  1 
ATOM   28   C  CD  . GLU A 1 5   ? -10.003 18.195  -5.829  1.00 13.96 ? 4   GLU A CD  1 
ATOM   29   O  OE1 . GLU A 1 5   ? -10.446 18.316  -4.676  1.00 16.06 ? 4   GLU A OE1 1 
ATOM   30   O  OE2 . GLU A 1 5   ? -8.807  18.052  -6.049  1.00 15.12 ? 4   GLU A OE2 1 
ATOM   31   N  N   . GLY A 1 6   ? -12.176 15.225  -8.794  1.00 11.03 ? 5   GLY A N   1 
ATOM   32   C  CA  . GLY A 1 6   ? -13.281 14.334  -8.463  1.00 11.63 ? 5   GLY A CA  1 
ATOM   33   C  C   . GLY A 1 6   ? -12.798 12.922  -8.085  1.00 10.63 ? 5   GLY A C   1 
ATOM   34   O  O   . GLY A 1 6   ? -13.294 12.280  -7.122  1.00 10.60 ? 5   GLY A O   1 
ATOM   35   N  N   . GLU A 1 7   ? -11.805 12.428  -8.816  1.00 10.20 ? 6   GLU A N   1 
ATOM   36   C  CA  . GLU A 1 7   ? -11.178 11.124  -8.526  1.00 10.14 ? 6   GLU A CA  1 
ATOM   37   C  C   . GLU A 1 7   ? -10.412 11.173  -7.190  1.00 9.86  ? 6   GLU A C   1 
ATOM   38   O  O   . GLU A 1 7   ? -10.535 10.268  -6.352  1.00 9.18  ? 6   GLU A O   1 
ATOM   39   C  CB  . GLU A 1 7   ? -10.290 10.667  -9.675  1.00 10.68 ? 6   GLU A CB  1 
ATOM   40   C  CG  . GLU A 1 7   ? -11.089 10.246  -10.898 1.00 11.41 ? 6   GLU A CG  1 
ATOM   41   C  CD  . GLU A 1 7   ? -10.303 10.117  -12.182 1.00 12.96 ? 6   GLU A CD  1 
ATOM   42   O  OE1 . GLU A 1 7   ? -9.225  10.720  -12.309 1.00 10.93 ? 6   GLU A OE1 1 
ATOM   43   O  OE2 . GLU A 1 7   ? -10.782 9.385   -13.067 1.00 15.63 ? 6   GLU A OE2 1 
ATOM   44   N  N   . TRP A 1 8   ? -9.611  12.217  -6.977  1.00 9.35  ? 7   TRP A N   1 
ATOM   45   C  CA  . TRP A 1 8   ? -8.937  12.391  -5.710  1.00 9.42  ? 7   TRP A CA  1 
ATOM   46   C  C   . TRP A 1 8   ? -9.957  12.402  -4.576  1.00 9.72  ? 7   TRP A C   1 
ATOM   47   O  O   . TRP A 1 8   ? -9.681  11.822  -3.542  1.00 8.74  ? 7   TRP A O   1 
ATOM   48   C  CB  . TRP A 1 8   ? -8.060  13.660  -5.670  1.00 9.01  ? 7   TRP A CB  1 
ATOM   49   C  CG  . TRP A 1 8   ? -6.811  13.515  -6.471  1.00 8.72  ? 7   TRP A CG  1 
ATOM   50   C  CD1 . TRP A 1 8   ? -6.428  14.226  -7.570  1.00 8.07  ? 7   TRP A CD1 1 
ATOM   51   C  CD2 . TRP A 1 8   ? -5.757  12.580  -6.220  1.00 8.61  ? 7   TRP A CD2 1 
ATOM   52   N  NE1 . TRP A 1 8   ? -5.205  13.822  -8.007  1.00 8.47  ? 7   TRP A NE1 1 
ATOM   53   C  CE2 . TRP A 1 8   ? -4.791  12.765  -7.241  1.00 8.25  ? 7   TRP A CE2 1 
ATOM   54   C  CE3 . TRP A 1 8   ? -5.559  11.571  -5.275  1.00 8.68  ? 7   TRP A CE3 1 
ATOM   55   C  CZ2 . TRP A 1 8   ? -3.631  12.001  -7.317  1.00 8.36  ? 7   TRP A CZ2 1 
ATOM   56   C  CZ3 . TRP A 1 8   ? -4.420  10.807  -5.357  1.00 8.43  ? 7   TRP A CZ3 1 
ATOM   57   C  CH2 . TRP A 1 8   ? -3.475  11.006  -6.364  1.00 8.70  ? 7   TRP A CH2 1 
ATOM   58   N  N   . GLN A 1 9   ? -11.095 13.079  -4.744  1.00 10.32 ? 8   GLN A N   1 
ATOM   59   C  CA  . GLN A 1 9   ? -12.029 13.102  -3.600  1.00 11.80 ? 8   GLN A CA  1 
ATOM   60   C  C   . GLN A 1 9   ? -12.571 11.691  -3.305  1.00 10.79 ? 8   GLN A C   1 
ATOM   61   O  O   . GLN A 1 9   ? -12.796 11.394  -2.141  1.00 10.58 ? 8   GLN A O   1 
ATOM   62   C  CB  . GLN A 1 9   ? -13.134 14.133  -3.797  1.00 15.08 ? 8   GLN A CB  1 
ATOM   63   C  CG  . GLN A 1 9   ? -12.572 15.567  -3.743  1.00 17.57 ? 8   GLN A CG  1 
ATOM   64   C  CD  . GLN A 1 9   ? -11.889 15.935  -2.443  1.00 23.04 ? 8   GLN A CD  1 
ATOM   65   O  OE1 . GLN A 1 9   ? -10.898 16.680  -2.393  1.00 29.16 ? 8   GLN A OE1 1 
ATOM   66   N  NE2 . GLN A 1 9   ? -12.400 15.410  -1.347  1.00 28.00 ? 8   GLN A NE2 1 
ATOM   67   N  N   . LEU A 1 10  ? -12.810 10.862  -4.328  1.00 10.25 ? 9   LEU A N   1 
ATOM   68   C  CA  . LEU A 1 10  ? -13.248 9.473   -4.024  1.00 9.95  ? 9   LEU A CA  1 
ATOM   69   C  C   . LEU A 1 10  ? -12.161 8.747   -3.257  1.00 9.34  ? 9   LEU A C   1 
ATOM   70   O  O   . LEU A 1 10  ? -12.455 7.938   -2.351  1.00 9.96  ? 9   LEU A O   1 
ATOM   71   C  CB  . LEU A 1 10  ? -13.564 8.732   -5.320  1.00 10.51 ? 9   LEU A CB  1 
ATOM   72   C  CG  . LEU A 1 10  ? -14.787 9.255   -6.075  1.00 11.73 ? 9   LEU A CG  1 
ATOM   73   C  CD1 . LEU A 1 10  ? -14.915 8.535   -7.402  1.00 13.19 ? 9   LEU A CD1 1 
ATOM   74   C  CD2 . LEU A 1 10  ? -16.058 9.071   -5.248  1.00 13.50 ? 9   LEU A CD2 1 
ATOM   75   N  N   . VAL A 1 11  ? -10.901 8.943   -3.668  1.00 8.87  ? 10  VAL A N   1 
ATOM   76   C  CA  . VAL A 1 11  ? -9.774  8.356   -2.983  1.00 8.89  ? 10  VAL A CA  1 
ATOM   77   C  C   . VAL A 1 11  ? -9.726  8.806   -1.528  1.00 8.87  ? 10  VAL A C   1 
ATOM   78   O  O   . VAL A 1 11  ? -9.594  7.968   -0.589  1.00 8.00  ? 10  VAL A O   1 
ATOM   79   C  CB  . VAL A 1 11  ? -8.447  8.713   -3.671  1.00 8.70  ? 10  VAL A CB  1 
ATOM   80   C  CG1 . VAL A 1 11  ? -7.236  8.340   -2.862  1.00 8.94  ? 10  VAL A CG1 1 
ATOM   81   C  CG2 . VAL A 1 11  ? -8.345  8.061   -5.030  1.00 9.06  ? 10  VAL A CG2 1 
ATOM   82   N  N   . LEU A 1 12  ? -9.824  10.120  -1.302  1.00 8.80  ? 11  LEU A N   1 
ATOM   83   C  CA  . LEU A 1 12  ? -9.635  10.640  0.057   1.00 10.10 ? 11  LEU A CA  1 
ATOM   84   C  C   . LEU A 1 12  ? -10.874 10.374  0.936   1.00 9.79  ? 11  LEU A C   1 
ATOM   85   O  O   . LEU A 1 12  ? -10.773 10.209  2.133   1.00 9.41  ? 11  LEU A O   1 
ATOM   86   C  CB  . LEU A 1 12  ? -9.274  12.133  -0.026  1.00 11.86 ? 11  LEU A CB  1 
ATOM   87   C  CG  . LEU A 1 12  ? -7.962  12.440  -0.732  1.00 12.51 ? 11  LEU A CG  1 
ATOM   88   C  CD1 . LEU A 1 12  ? -7.765  13.926  -0.868  1.00 14.27 ? 11  LEU A CD1 1 
ATOM   89   C  CD2 . LEU A 1 12  ? -6.776  11.816  -0.032  1.00 15.68 ? 11  LEU A CD2 1 
ATOM   90   N  N   . HIS A 1 13  ? -12.035 10.210  0.328   1.00 10.92 ? 12  HIS A N   1 
ATOM   91   C  CA  . HIS A 1 13  ? -13.238 9.847   1.061   1.00 13.12 ? 12  HIS A CA  1 
ATOM   92   C  C   . HIS A 1 13  ? -13.112 8.436   1.677   1.00 10.38 ? 12  HIS A C   1 
ATOM   93   O  O   . HIS A 1 13  ? -13.478 8.228   2.812   1.00 11.12 ? 12  HIS A O   1 
ATOM   94   C  CB  . HIS A 1 13  ? -14.444 9.980   0.135   1.00 17.31 ? 12  HIS A CB  1 
ATOM   95   C  CG  . HIS A 1 13  ? -15.708 10.162  0.879   1.00 27.10 ? 12  HIS A CG  1 
ATOM   96   N  ND1 . HIS A 1 13  ? -16.655 9.151   1.005   1.00 35.18 ? 12  HIS A ND1 1 
ATOM   97   C  CD2 . HIS A 1 13  ? -16.193 11.245  1.534   1.00 31.50 ? 12  HIS A CD2 1 
ATOM   98   C  CE1 . HIS A 1 13  ? -17.672 9.606   1.732   1.00 38.30 ? 12  HIS A CE1 1 
ATOM   99   N  NE2 . HIS A 1 13  ? -17.406 10.892  2.063   1.00 38.41 ? 12  HIS A NE2 1 
ATOM   100  N  N   . VAL A 1 14  ? -12.689 7.448   0.913   1.00 9.12  ? 13  VAL A N   1 
ATOM   101  C  CA  . VAL A 1 14  ? -12.496 6.106   1.484   1.00 8.71  ? 13  VAL A CA  1 
ATOM   102  C  C   . VAL A 1 14  ? -11.310 6.118   2.443   1.00 8.47  ? 13  VAL A C   1 
ATOM   103  O  O   . VAL A 1 14  ? -11.338 5.440   3.495   1.00 7.67  ? 13  VAL A O   1 
ATOM   104  C  CB  . VAL A 1 14  ? -12.390 4.967   0.440   1.00 9.10  ? 13  VAL A CB  1 
ATOM   105  C  CG1 . VAL A 1 14  ? -11.067 4.948   -0.312  1.00 8.67  ? 13  VAL A CG1 1 
ATOM   106  C  CG2 . VAL A 1 14  ? -12.600 3.627   1.116   1.00 9.34  ? 13  VAL A CG2 1 
ATOM   107  N  N   . TRP A 1 15  ? -10.257 6.896   2.156   1.00 8.33  ? 14  TRP A N   1 
ATOM   108  C  CA  . TRP A 1 15  ? -9.099  6.902   3.058   1.00 8.82  ? 14  TRP A CA  1 
ATOM   109  C  C   . TRP A 1 15  ? -9.481  7.425   4.441   1.00 8.84  ? 14  TRP A C   1 
ATOM   110  O  O   . TRP A 1 15  ? -8.912  7.037   5.480   1.00 8.59  ? 14  TRP A O   1 
ATOM   111  C  CB  . TRP A 1 15  ? -7.897  7.670   2.477   1.00 9.23  ? 14  TRP A CB  1 
ATOM   112  C  CG  . TRP A 1 15  ? -6.596  7.193   3.032   1.00 9.08  ? 14  TRP A CG  1 
ATOM   113  C  CD1 . TRP A 1 15  ? -5.845  7.765   4.013   1.00 10.44 ? 14  TRP A CD1 1 
ATOM   114  C  CD2 . TRP A 1 15  ? -5.983  5.916   2.766   1.00 9.46  ? 14  TRP A CD2 1 
ATOM   115  N  NE1 . TRP A 1 15  ? -4.814  6.945   4.353   1.00 10.10 ? 14  TRP A NE1 1 
ATOM   116  C  CE2 . TRP A 1 15  ? -4.861  5.815   3.611   1.00 10.07 ? 14  TRP A CE2 1 
ATOM   117  C  CE3 . TRP A 1 15  ? -6.264  4.875   1.888   1.00 9.38  ? 14  TRP A CE3 1 
ATOM   118  C  CZ2 . TRP A 1 15  ? -3.990  4.740   3.554   1.00 10.45 ? 14  TRP A CZ2 1 
ATOM   119  C  CZ3 . TRP A 1 15  ? -5.412  3.779   1.858   1.00 10.96 ? 14  TRP A CZ3 1 
ATOM   120  C  CH2 . TRP A 1 15  ? -4.289  3.732   2.690   1.00 10.43 ? 14  TRP A CH2 1 
ATOM   121  N  N   . ALA A 1 16  ? -10.439 8.358   4.476   1.00 9.57  ? 15  ALA A N   1 
ATOM   122  C  CA  . ALA A 1 16  ? -10.906 8.926   5.721   1.00 10.07 ? 15  ALA A CA  1 
ATOM   123  C  C   . ALA A 1 16  ? -11.484 7.817   6.606   1.00 10.11 ? 15  ALA A C   1 
ATOM   124  O  O   . ALA A 1 16  ? -11.390 7.883   7.864   1.00 8.06  ? 15  ALA A O   1 
ATOM   125  C  CB  . ALA A 1 16  ? -11.933 10.038  5.437   1.00 10.48 ? 15  ALA A CB  1 
ATOM   126  N  N   . LYS A 1 17  ? -12.087 6.794   5.992   1.00 10.06 ? 16  LYS A N   1 
ATOM   127  C  CA  . LYS A 1 17  ? -12.623 5.692   6.763   1.00 10.56 ? 16  LYS A CA  1 
ATOM   128  C  C   . LYS A 1 17  ? -11.510 4.776   7.267   1.00 10.67 ? 16  LYS A C   1 
ATOM   129  O  O   . LYS A 1 17  ? -11.546 4.292   8.394   1.00 8.29  ? 16  LYS A O   1 
ATOM   130  C  CB  . LYS A 1 17  ? -13.641 4.891   5.953   1.00 12.08 ? 16  LYS A CB  1 
ATOM   131  C  CG  . LYS A 1 17  ? -14.744 5.696   5.312   1.00 14.17 ? 16  LYS A CG  1 
ATOM   132  C  CD  . LYS A 1 17  ? -15.492 6.536   6.334   1.00 18.50 ? 16  LYS A CD  1 
ATOM   133  C  CE  . LYS A 1 17  ? -16.389 7.585   5.731   1.00 24.57 ? 16  LYS A CE  1 
ATOM   134  N  NZ  . LYS A 1 17  ? -16.771 8.598   6.744   1.00 30.77 ? 16  LYS A NZ  1 
ATOM   135  N  N   . VAL A 1 18  ? -10.526 4.499   6.390   1.00 9.74  ? 17  VAL A N   1 
ATOM   136  C  CA  . VAL A 1 18  ? -9.358  3.789   6.767   1.00 10.46 ? 17  VAL A CA  1 
ATOM   137  C  C   . VAL A 1 18  ? -8.787  4.415   8.038   1.00 9.44  ? 17  VAL A C   1 
ATOM   138  O  O   . VAL A 1 18  ? -8.330  3.726   8.984   1.00 9.11  ? 17  VAL A O   1 
ATOM   139  C  CB  . VAL A 1 18  ? -8.323  3.768   5.628   1.00 10.96 ? 17  VAL A CB  1 
ATOM   140  C  CG1 . VAL A 1 18  ? -6.994  3.230   6.120   1.00 12.12 ? 17  VAL A CG1 1 
ATOM   141  C  CG2 . VAL A 1 18  ? -8.888  3.059   4.420   1.00 10.99 ? 17  VAL A CG2 1 
ATOM   142  N  N   . GLU A 1 19  ? -8.766  5.750   8.057   1.00 8.89  ? 18  GLU A N   1 
ATOM   143  C  CA  . GLU A 1 19  ? -8.095  6.435   9.146   1.00 9.02  ? 18  GLU A CA  1 
ATOM   144  C  C   . GLU A 1 19  ? -8.847  6.318   10.490  1.00 8.16  ? 18  GLU A C   1 
ATOM   145  O  O   . GLU A 1 19  ? -8.344  6.732   11.517  1.00 7.90  ? 18  GLU A O   1 
ATOM   146  C  CB  . GLU A 1 19  ? -7.879  7.885   8.731   1.00 9.77  ? 18  GLU A CB  1 
ATOM   147  C  CG  . GLU A 1 19  ? -6.737  8.014   7.764   1.00 9.82  ? 18  GLU A CG  1 
ATOM   148  C  CD  . GLU A 1 19  ? -6.438  9.453   7.394   1.00 10.85 ? 18  GLU A CD  1 
ATOM   149  O  OE1 . GLU A 1 19  ? -7.336  10.293  7.508   1.00 11.00 ? 18  GLU A OE1 1 
ATOM   150  O  OE2 . GLU A 1 19  ? -5.266  9.709   7.070   1.00 12.14 ? 18  GLU A OE2 1 
ATOM   151  N  N   . ALA A 1 20  ? -10.100 5.838   10.480  1.00 8.24  ? 19  ALA A N   1 
ATOM   152  C  CA  . ALA A 1 20  ? -10.775 5.532   11.715  1.00 8.79  ? 19  ALA A CA  1 
ATOM   153  C  C   . ALA A 1 20  ? -9.994  4.483   12.508  1.00 8.91  ? 19  ALA A C   1 
ATOM   154  O  O   . ALA A 1 20  ? -10.079 4.393   13.737  1.00 8.99  ? 19  ALA A O   1 
ATOM   155  C  CB  . ALA A 1 20  ? -12.202 5.058   11.451  1.00 9.34  ? 19  ALA A CB  1 
ATOM   156  N  N   . ASP A 1 21  ? -9.247  3.619   11.813  1.00 9.24  ? 20  ASP A N   1 
ATOM   157  C  CA  . ASP A 1 21  ? -8.539  2.535   12.475  1.00 8.87  ? 20  ASP A CA  1 
ATOM   158  C  C   . ASP A 1 21  ? -7.396  2.072   11.570  1.00 7.77  ? 20  ASP A C   1 
ATOM   159  O  O   . ASP A 1 21  ? -7.458  1.002   10.919  1.00 7.04  ? 20  ASP A O   1 
ATOM   160  C  CB  . ASP A 1 21  ? -9.440  1.334   12.747  1.00 11.74 ? 20  ASP A CB  1 
ATOM   161  C  CG  . ASP A 1 21  ? -8.752  0.113   13.391  1.00 11.35 ? 20  ASP A CG  1 
ATOM   162  O  OD1 . ASP A 1 21  ? -7.669  0.200   13.926  1.00 10.88 ? 20  ASP A OD1 1 
ATOM   163  O  OD2 . ASP A 1 21  ? -9.340  -0.939  13.331  1.00 17.50 ? 20  ASP A OD2 1 
ATOM   164  N  N   A VAL A 1 22  ? -6.363  2.905   11.470  0.50 7.82  ? 21  VAL A N   1 
ATOM   165  N  N   B VAL A 1 22  ? -6.350  2.871   11.505  0.50 7.38  ? 21  VAL A N   1 
ATOM   166  C  CA  A VAL A 1 22  ? -5.251  2.569   10.563  0.50 7.86  ? 21  VAL A CA  1 
ATOM   167  C  CA  B VAL A 1 22  ? -5.317  2.557   10.538  0.50 7.21  ? 21  VAL A CA  1 
ATOM   168  C  C   A VAL A 1 22  ? -4.695  1.199   10.917  0.50 7.15  ? 21  VAL A C   1 
ATOM   169  C  C   B VAL A 1 22  ? -4.603  1.255   10.913  0.50 6.77  ? 21  VAL A C   1 
ATOM   170  O  O   A VAL A 1 22  ? -4.457  0.393   10.041  0.50 7.12  ? 21  VAL A O   1 
ATOM   171  O  O   B VAL A 1 22  ? -4.206  0.502   10.030  0.50 6.69  ? 21  VAL A O   1 
ATOM   172  C  CB  A VAL A 1 22  ? -4.071  3.561   10.579  0.50 8.77  ? 21  VAL A CB  1 
ATOM   173  C  CB  B VAL A 1 22  ? -4.355  3.744   10.341  0.50 7.50  ? 21  VAL A CB  1 
ATOM   174  C  CG1 A VAL A 1 22  ? -3.325  3.525   9.240   0.50 8.29  ? 21  VAL A CG1 1 
ATOM   175  C  CG1 B VAL A 1 22  ? -5.169  4.971   10.072  0.50 8.21  ? 21  VAL A CG1 1 
ATOM   176  C  CG2 A VAL A 1 22  ? -4.528  4.944   10.955  0.50 9.94  ? 21  VAL A CG2 1 
ATOM   177  C  CG2 B VAL A 1 22  ? -3.380  3.960   11.497  0.50 7.12  ? 21  VAL A CG2 1 
ATOM   178  N  N   . ALA A 1 23  ? -4.470  0.961   12.211  1.00 7.04  ? 22  ALA A N   1 
ATOM   179  C  CA  . ALA A 1 23  ? -3.782  -0.272  12.635  1.00 7.72  ? 22  ALA A CA  1 
ATOM   180  C  C   . ALA A 1 23  ? -4.551  -1.504  12.133  1.00 7.54  ? 22  ALA A C   1 
ATOM   181  O  O   . ALA A 1 23  ? -3.951  -2.408  11.617  1.00 6.68  ? 22  ALA A O   1 
ATOM   182  C  CB  . ALA A 1 23  ? -3.647  -0.303  14.125  1.00 7.91  ? 22  ALA A CB  1 
ATOM   183  N  N   . GLY A 1 24  ? -5.885  -1.507  12.317  1.00 7.09  ? 23  GLY A N   1 
ATOM   184  C  CA  . GLY A 1 24  ? -6.716  -2.619  11.861  1.00 7.31  ? 23  GLY A CA  1 
ATOM   185  C  C   . GLY A 1 24  ? -6.665  -2.835  10.357  1.00 6.71  ? 23  GLY A C   1 
ATOM   186  O  O   . GLY A 1 24  ? -6.582  -4.006  9.891   1.00 6.83  ? 23  GLY A O   1 
ATOM   187  N  N   . HIS A 1 25  ? -6.721  -1.735  9.585   1.00 6.29  ? 24  HIS A N   1 
ATOM   188  C  CA  . HIS A 1 25  ? -6.655  -1.814  8.165   1.00 6.78  ? 24  HIS A CA  1 
ATOM   189  C  C   . HIS A 1 25  ? -5.256  -2.305  7.746   1.00 6.97  ? 24  HIS A C   1 
ATOM   190  O  O   . HIS A 1 25  ? -5.133  -3.117  6.791   1.00 7.14  ? 24  HIS A O   1 
ATOM   191  C  CB  . HIS A 1 25  ? -6.967  -0.500  7.471   1.00 6.73  ? 24  HIS A CB  1 
ATOM   192  C  CG  . HIS A 1 25  ? -8.400  -0.095  7.565   1.00 7.42  ? 24  HIS A CG  1 
ATOM   193  N  ND1 . HIS A 1 25  ? -8.945  0.423   8.702   1.00 7.60  ? 24  HIS A ND1 1 
ATOM   194  C  CD2 . HIS A 1 25  ? -9.394  -0.189  6.653   1.00 7.79  ? 24  HIS A CD2 1 
ATOM   195  C  CE1 . HIS A 1 25  ? -10.215 0.710   8.458   1.00 8.31  ? 24  HIS A CE1 1 
ATOM   196  N  NE2 . HIS A 1 25  ? -10.526 0.323   7.219   1.00 7.57  ? 24  HIS A NE2 1 
ATOM   197  N  N   . GLY A 1 26  ? -4.211  -1.855  8.454   1.00 6.75  ? 25  GLY A N   1 
ATOM   198  C  CA  . GLY A 1 26  ? -2.827  -2.312  8.110   1.00 7.11  ? 25  GLY A CA  1 
ATOM   199  C  C   . GLY A 1 26  ? -2.641  -3.793  8.322   1.00 7.31  ? 25  GLY A C   1 
ATOM   200  O  O   . GLY A 1 26  ? -2.033  -4.495  7.487   1.00 7.27  ? 25  GLY A O   1 
ATOM   201  N  N   . GLN A 1 27  ? -3.222  -4.332  9.408   1.00 7.75  ? 26  GLN A N   1 
ATOM   202  C  CA  . GLN A 1 27  ? -3.142  -5.774  9.645   1.00 9.12  ? 26  GLN A CA  1 
ATOM   203  C  C   . GLN A 1 27  ? -3.841  -6.555  8.514   1.00 8.40  ? 26  GLN A C   1 
ATOM   204  O  O   . GLN A 1 27  ? -3.273  -7.452  7.921   1.00 8.58  ? 26  GLN A O   1 
ATOM   205  C  CB  . GLN A 1 27  ? -3.786  -6.145  10.983  1.00 10.04 ? 26  GLN A CB  1 
ATOM   206  C  CG  . GLN A 1 27  ? -2.964  -5.697  12.178  1.00 11.36 ? 26  GLN A CG  1 
ATOM   207  C  CD  . GLN A 1 27  ? -3.759  -5.988  13.419  1.00 13.45 ? 26  GLN A CD  1 
ATOM   208  O  OE1 . GLN A 1 27  ? -4.856  -5.464  13.558  1.00 12.37 ? 26  GLN A OE1 1 
ATOM   209  N  NE2 . GLN A 1 27  ? -3.264  -6.892  14.258  1.00 15.22 ? 26  GLN A NE2 1 
ATOM   210  N  N   . ASP A 1 28  ? -5.063  -6.145  8.172   1.00 8.19  ? 27  ASP A N   1 
ATOM   211  C  CA  . ASP A 1 28  ? -5.864  -6.816  7.150   1.00 8.87  ? 27  ASP A CA  1 
ATOM   212  C  C   . ASP A 1 28  ? -5.124  -6.789  5.812   1.00 8.43  ? 27  ASP A C   1 
ATOM   213  O  O   . ASP A 1 28  ? -5.104  -7.807  5.127   1.00 7.23  ? 27  ASP A O   1 
ATOM   214  C  CB  . ASP A 1 28  ? -7.240  -6.160  6.978   1.00 9.55  ? 27  ASP A CB  1 
ATOM   215  C  CG  . ASP A 1 28  ? -8.217  -6.399  8.105   1.00 11.12 ? 27  ASP A CG  1 
ATOM   216  O  OD1 . ASP A 1 28  ? -7.841  -7.087  9.079   1.00 10.94 ? 27  ASP A OD1 1 
ATOM   217  O  OD2 . ASP A 1 28  ? -9.343  -5.884  8.007   1.00 10.81 ? 27  ASP A OD2 1 
ATOM   218  N  N   . ILE A 1 29  ? -4.514  -5.643  5.463   1.00 7.58  ? 28  ILE A N   1 
ATOM   219  C  CA  . ILE A 1 29  ? -3.868  -5.492  4.178   1.00 7.70  ? 28  ILE A CA  1 
ATOM   220  C  C   . ILE A 1 29  ? -2.570  -6.322  4.097   1.00 8.19  ? 28  ILE A C   1 
ATOM   221  O  O   . ILE A 1 29  ? -2.345  -7.018  3.088   1.00 9.30  ? 28  ILE A O   1 
ATOM   222  C  CB  . ILE A 1 29  ? -3.658  -3.998  3.860   1.00 7.54  ? 28  ILE A CB  1 
ATOM   223  C  CG1 . ILE A 1 29  ? -5.004  -3.366  3.509   1.00 7.48  ? 28  ILE A CG1 1 
ATOM   224  C  CG2 . ILE A 1 29  ? -2.639  -3.766  2.745   1.00 7.91  ? 28  ILE A CG2 1 
ATOM   225  C  CD1 . ILE A 1 29  ? -4.957  -1.855  3.572   1.00 7.41  ? 28  ILE A CD1 1 
ATOM   226  N  N   . LEU A 1 30  ? -1.743  -6.278  5.138   1.00 7.72  ? 29  LEU A N   1 
ATOM   227  C  CA  . LEU A 1 30  ? -0.517  -7.047  5.109   1.00 8.84  ? 29  LEU A CA  1 
ATOM   228  C  C   . LEU A 1 30  ? -0.829  -8.548  5.107   1.00 9.16  ? 29  LEU A C   1 
ATOM   229  O  O   . LEU A 1 30  ? -0.171  -9.345  4.397   1.00 10.51 ? 29  LEU A O   1 
ATOM   230  C  CB  . LEU A 1 30  ? 0.379   -6.647  6.273   1.00 8.69  ? 29  LEU A CB  1 
ATOM   231  C  CG  . LEU A 1 30  ? 0.984   -5.254  6.149   1.00 9.74  ? 29  LEU A CG  1 
ATOM   232  C  CD1 . LEU A 1 30  ? 1.867   -4.944  7.333   1.00 9.93  ? 29  LEU A CD1 1 
ATOM   233  C  CD2 . LEU A 1 30  ? 1.767   -5.099  4.861   1.00 11.02 ? 29  LEU A CD2 1 
ATOM   234  N  N   . ILE A 1 31  ? -1.800  -8.959  5.896   1.00 9.16  ? 30  ILE A N   1 
ATOM   235  C  CA  . ILE A 1 31  ? -2.150  -10.372 5.950   1.00 10.11 ? 30  ILE A CA  1 
ATOM   236  C  C   . ILE A 1 31  ? -2.686  -10.830 4.607   1.00 10.30 ? 30  ILE A C   1 
ATOM   237  O  O   . ILE A 1 31  ? -2.352  -11.928 4.158   1.00 9.54  ? 30  ILE A O   1 
ATOM   238  C  CB  . ILE A 1 31  ? -3.112  -10.625 7.120   1.00 10.42 ? 30  ILE A CB  1 
ATOM   239  C  CG1 . ILE A 1 31  ? -2.349  -10.392 8.426   1.00 11.78 ? 30  ILE A CG1 1 
ATOM   240  C  CG2 . ILE A 1 31  ? -3.790  -11.983 7.038   1.00 10.53 ? 30  ILE A CG2 1 
ATOM   241  C  CD1 . ILE A 1 31  ? -3.221  -10.374 9.653   1.00 13.75 ? 30  ILE A CD1 1 
ATOM   242  N  N   . ARG A 1 32  ? -3.519  -9.994  3.963   1.00 9.40  ? 31  ARG A N   1 
ATOM   243  C  CA  . ARG A 1 32  ? -4.072  -10.360 2.676   1.00 10.49 ? 31  ARG A CA  1 
ATOM   244  C  C   . ARG A 1 32  ? -2.932  -10.521 1.660   1.00 10.68 ? 31  ARG A C   1 
ATOM   245  O  O   . ARG A 1 32  ? -2.972  -11.393 0.821   1.00 9.94  ? 31  ARG A O   1 
ATOM   246  C  CB  . ARG A 1 32  ? -5.055  -9.279  2.238   1.00 11.03 ? 31  ARG A CB  1 
ATOM   247  C  CG  . ARG A 1 32  ? -5.651  -9.480  0.844   1.00 13.05 ? 31  ARG A CG  1 
ATOM   248  C  CD  . ARG A 1 32  ? -6.520  -10.723 0.765   1.00 13.97 ? 31  ARG A CD  1 
ATOM   249  N  NE  . ARG A 1 32  ? -6.848  -10.921 -0.651  1.00 18.79 ? 31  ARG A NE  1 
ATOM   250  C  CZ  . ARG A 1 32  ? -7.594  -11.908 -1.112  1.00 19.61 ? 31  ARG A CZ  1 
ATOM   251  N  NH1 . ARG A 1 32  ? -8.144  -12.772 -0.277  1.00 20.64 ? 31  ARG A NH1 1 
ATOM   252  N  NH2 . ARG A 1 32  ? -7.765  -12.036 -2.418  1.00 21.72 ? 31  ARG A NH2 1 
ATOM   253  N  N   . LEU A 1 33  ? -1.966  -9.588  1.696   1.00 9.89  ? 32  LEU A N   1 
ATOM   254  C  CA  . LEU A 1 33  ? -0.823  -9.659  0.779   1.00 10.14 ? 32  LEU A CA  1 
ATOM   255  C  C   . LEU A 1 33  ? -0.059  -10.962 1.000   1.00 11.21 ? 32  LEU A C   1 
ATOM   256  O  O   . LEU A 1 33  ? 0.270   -11.681 0.026   1.00 12.28 ? 32  LEU A O   1 
ATOM   257  C  CB  . LEU A 1 33  ? 0.092   -8.487  1.101   1.00 10.21 ? 32  LEU A CB  1 
ATOM   258  C  CG  . LEU A 1 33  ? 1.464   -8.478  0.424   1.00 10.05 ? 32  LEU A CG  1 
ATOM   259  C  CD1 . LEU A 1 33  ? 1.306   -8.364  -1.065  1.00 9.89  ? 32  LEU A CD1 1 
ATOM   260  C  CD2 . LEU A 1 33  ? 2.336   -7.366  0.980   1.00 9.71  ? 32  LEU A CD2 1 
ATOM   261  N  N   . PHE A 1 34  ? 0.239   -11.249 2.271   1.00 11.10 ? 33  PHE A N   1 
ATOM   262  C  CA  . PHE A 1 34  ? 1.056   -12.455 2.572   1.00 12.14 ? 33  PHE A CA  1 
ATOM   263  C  C   . PHE A 1 34  ? 0.281   -13.722 2.228   1.00 14.59 ? 33  PHE A C   1 
ATOM   264  O  O   . PHE A 1 34  ? 0.913   -14.728 1.805   1.00 15.63 ? 33  PHE A O   1 
ATOM   265  C  CB  . PHE A 1 34  ? 1.500   -12.480 4.019   1.00 11.90 ? 33  PHE A CB  1 
ATOM   266  C  CG  . PHE A 1 34  ? 2.360   -11.333 4.432   1.00 11.69 ? 33  PHE A CG  1 
ATOM   267  C  CD1 . PHE A 1 34  ? 3.220   -10.717 3.537   1.00 12.01 ? 33  PHE A CD1 1 
ATOM   268  C  CD2 . PHE A 1 34  ? 2.333   -10.881 5.738   1.00 12.58 ? 33  PHE A CD2 1 
ATOM   269  C  CE1 . PHE A 1 34  ? 4.060   -9.702  3.973   1.00 13.42 ? 33  PHE A CE1 1 
ATOM   270  C  CE2 . PHE A 1 34  ? 3.165   -9.848  6.163   1.00 12.20 ? 33  PHE A CE2 1 
ATOM   271  C  CZ  . PHE A 1 34  ? 3.993   -9.230  5.265   1.00 12.50 ? 33  PHE A CZ  1 
ATOM   272  N  N   . LYS A 1 35  ? -1.055  -13.707 2.388   1.00 13.56 ? 34  LYS A N   1 
ATOM   273  C  CA  . LYS A 1 35  ? -1.847  -14.891 2.061   1.00 17.25 ? 34  LYS A CA  1 
ATOM   274  C  C   . LYS A 1 35  ? -1.960  -15.086 0.552   1.00 17.79 ? 34  LYS A C   1 
ATOM   275  O  O   . LYS A 1 35  ? -1.817  -16.228 0.108   1.00 18.63 ? 34  LYS A O   1 
ATOM   276  C  CB  . LYS A 1 35  ? -3.222  -14.823 2.714   1.00 19.90 ? 34  LYS A CB  1 
ATOM   277  C  CG  . LYS A 1 35  ? -3.159  -15.179 4.196   1.00 23.16 ? 34  LYS A CG  1 
ATOM   278  C  CD  . LYS A 1 35  ? -4.480  -15.024 4.957   1.00 26.97 ? 34  LYS A CD  1 
ATOM   279  C  CE  . LYS A 1 35  ? -5.757  -15.349 4.194   1.00 28.85 ? 34  LYS A CE  1 
ATOM   280  N  NZ  . LYS A 1 35  ? -6.913  -14.797 4.950   1.00 29.39 ? 34  LYS A NZ  1 
ATOM   281  N  N   . SER A 1 36  ? -2.224  -14.013 -0.210  1.00 15.21 ? 35  SER A N   1 
ATOM   282  C  CA  . SER A 1 36  ? -2.473  -14.077 -1.645  1.00 14.30 ? 35  SER A CA  1 
ATOM   283  C  C   . SER A 1 36  ? -1.171  -14.329 -2.429  1.00 16.00 ? 35  SER A C   1 
ATOM   284  O  O   . SER A 1 36  ? -1.186  -15.010 -3.460  1.00 12.78 ? 35  SER A O   1 
ATOM   285  C  CB  . SER A 1 36  ? -3.177  -12.862 -2.144  1.00 15.94 ? 35  SER A CB  1 
ATOM   286  O  OG  . SER A 1 36  ? -4.450  -12.784 -1.520  1.00 18.54 ? 35  SER A OG  1 
ATOM   287  N  N   . HIS A 1 37  ? -0.052  -13.801 -1.926  1.00 14.25 ? 36  HIS A N   1 
ATOM   288  C  CA  . HIS A 1 37  ? 1.234   -13.840 -2.600  1.00 15.33 ? 36  HIS A CA  1 
ATOM   289  C  C   . HIS A 1 37  ? 2.281   -14.136 -1.567  1.00 14.26 ? 36  HIS A C   1 
ATOM   290  O  O   . HIS A 1 37  ? 3.022   -13.259 -1.152  1.00 14.29 ? 36  HIS A O   1 
ATOM   291  C  CB  . HIS A 1 37  ? 1.507   -12.526 -3.341  1.00 15.62 ? 36  HIS A CB  1 
ATOM   292  C  CG  . HIS A 1 37  ? 0.421   -12.181 -4.287  1.00 16.29 ? 36  HIS A CG  1 
ATOM   293  N  ND1 . HIS A 1 37  ? 0.323   -12.756 -5.505  1.00 18.55 ? 36  HIS A ND1 1 
ATOM   294  C  CD2 . HIS A 1 37  ? -0.642  -11.374 -4.158  1.00 15.96 ? 36  HIS A CD2 1 
ATOM   295  C  CE1 . HIS A 1 37  ? -0.747  -12.277 -6.131  1.00 18.30 ? 36  HIS A CE1 1 
ATOM   296  N  NE2 . HIS A 1 37  ? -1.313  -11.397 -5.331  1.00 17.60 ? 36  HIS A NE2 1 
ATOM   297  N  N   . PRO A 1 38  ? 2.368   -15.392 -1.102  1.00 15.85 ? 37  PRO A N   1 
ATOM   298  C  CA  . PRO A 1 38  ? 3.272   -15.740 -0.009  1.00 14.86 ? 37  PRO A CA  1 
ATOM   299  C  C   . PRO A 1 38  ? 4.745   -15.390 -0.236  1.00 14.98 ? 37  PRO A C   1 
ATOM   300  O  O   . PRO A 1 38  ? 5.500   -15.179 0.737   1.00 14.53 ? 37  PRO A O   1 
ATOM   301  C  CB  . PRO A 1 38  ? 3.113   -17.265 0.117   1.00 17.72 ? 37  PRO A CB  1 
ATOM   302  C  CG  . PRO A 1 38  ? 1.734   -17.535 -0.434  1.00 18.76 ? 37  PRO A CG  1 
ATOM   303  C  CD  . PRO A 1 38  ? 1.549   -16.533 -1.558  1.00 16.68 ? 37  PRO A CD  1 
ATOM   304  N  N   . GLU A 1 39  ? 5.158   -15.266 -1.515  1.00 15.96 ? 38  GLU A N   1 
ATOM   305  C  CA  . GLU A 1 39  ? 6.567   -14.922 -1.802  1.00 16.54 ? 38  GLU A CA  1 
ATOM   306  C  C   . GLU A 1 39  ? 6.903   -13.537 -1.232  1.00 16.18 ? 38  GLU A C   1 
ATOM   307  O  O   . GLU A 1 39  ? 8.064   -13.243 -0.864  1.00 14.74 ? 38  GLU A O   1 
ATOM   308  C  CB  . GLU A 1 39  ? 6.849   -15.023 -3.306  1.00 17.91 ? 38  GLU A CB  1 
ATOM   309  C  CG  . GLU A 1 39  ? 6.020   -14.087 -4.171  1.00 19.13 ? 38  GLU A CG  1 
ATOM   310  C  CD  . GLU A 1 39  ? 4.716   -14.641 -4.683  1.00 21.27 ? 38  GLU A CD  1 
ATOM   311  O  OE1 . GLU A 1 39  ? 4.004   -15.344 -3.908  1.00 22.34 ? 38  GLU A OE1 1 
ATOM   312  O  OE2 . GLU A 1 39  ? 4.394   -14.365 -5.866  1.00 24.54 ? 38  GLU A OE2 1 
ATOM   313  N  N   . THR A 1 40  ? 5.896   -12.660 -1.113  1.00 14.19 ? 39  THR A N   1 
ATOM   314  C  CA  . THR A 1 40  ? 6.170   -11.320 -0.603  1.00 13.04 ? 39  THR A CA  1 
ATOM   315  C  C   . THR A 1 40  ? 6.638   -11.360 0.852   1.00 14.06 ? 39  THR A C   1 
ATOM   316  O  O   . THR A 1 40  ? 7.413   -10.494 1.306   1.00 13.32 ? 39  THR A O   1 
ATOM   317  C  CB  . THR A 1 40  ? 4.956   -10.399 -0.755  1.00 12.27 ? 39  THR A CB  1 
ATOM   318  O  OG1 . THR A 1 40  ? 3.851   -10.933 -0.035  1.00 11.15 ? 39  THR A OG1 1 
ATOM   319  C  CG2 . THR A 1 40  ? 4.552   -10.225 -2.202  1.00 12.92 ? 39  THR A CG2 1 
ATOM   320  N  N   . LEU A 1 41  ? 6.146   -12.327 1.632   1.00 12.95 ? 40  LEU A N   1 
ATOM   321  C  CA  . LEU A 1 41  ? 6.538   -12.396 3.037   1.00 12.43 ? 40  LEU A CA  1 
ATOM   322  C  C   . LEU A 1 41  ? 8.051   -12.635 3.183   1.00 12.49 ? 40  LEU A C   1 
ATOM   323  O  O   . LEU A 1 41  ? 8.659   -12.193 4.183   1.00 12.00 ? 40  LEU A O   1 
ATOM   324  C  CB  . LEU A 1 41  ? 5.735   -13.521 3.704   1.00 13.07 ? 40  LEU A CB  1 
ATOM   325  C  CG  . LEU A 1 41  ? 6.058   -13.749 5.172   1.00 13.34 ? 40  LEU A CG  1 
ATOM   326  C  CD1 . LEU A 1 41  ? 5.795   -12.521 6.031   1.00 13.29 ? 40  LEU A CD1 1 
ATOM   327  C  CD2 . LEU A 1 41  ? 5.264   -14.934 5.717   1.00 14.54 ? 40  LEU A CD2 1 
ATOM   328  N  N   . GLU A 1 42  ? 8.641   -13.354 2.210   1.00 14.82 ? 41  GLU A N   1 
ATOM   329  C  CA  . GLU A 1 42  ? 10.068  -13.702 2.226   1.00 15.05 ? 41  GLU A CA  1 
ATOM   330  C  C   . GLU A 1 42  ? 10.947  -12.455 2.147   1.00 15.71 ? 41  GLU A C   1 
ATOM   331  O  O   . GLU A 1 42  ? 12.115  -12.516 2.545   1.00 14.94 ? 41  GLU A O   1 
ATOM   332  C  CB  . GLU A 1 42  ? 10.385  -14.719 1.117   1.00 17.60 ? 41  GLU A CB  1 
ATOM   333  C  CG  . GLU A 1 42  ? 9.601   -16.034 1.330   1.00 20.83 ? 41  GLU A CG  1 
ATOM   334  C  CD  . GLU A 1 42  ? 9.573   -16.533 2.779   1.00 24.28 ? 41  GLU A CD  1 
ATOM   335  O  OE1 . GLU A 1 42  ? 10.687  -16.598 3.385   1.00 26.26 ? 41  GLU A OE1 1 
ATOM   336  O  OE2 . GLU A 1 42  ? 8.421   -16.834 3.351   1.00 27.83 ? 41  GLU A OE2 1 
ATOM   337  N  N   . LYS A 1 43  ? 10.393  -11.293 1.762   1.00 15.29 ? 42  LYS A N   1 
ATOM   338  C  CA  . LYS A 1 43  ? 11.190  -10.088 1.737   1.00 15.45 ? 42  LYS A CA  1 
ATOM   339  C  C   . LYS A 1 43  ? 11.354  -9.469  3.114   1.00 15.69 ? 42  LYS A C   1 
ATOM   340  O  O   . LYS A 1 43  ? 12.154  -8.577  3.276   1.00 16.94 ? 42  LYS A O   1 
ATOM   341  C  CB  . LYS A 1 43  ? 10.578  -9.039  0.805   1.00 16.17 ? 42  LYS A CB  1 
ATOM   342  C  CG  . LYS A 1 43  ? 10.682  -9.396  -0.659  1.00 15.80 ? 42  LYS A CG  1 
ATOM   343  C  CD  . LYS A 1 43  ? 12.119  -9.281  -1.166  1.00 16.72 ? 42  LYS A CD  1 
ATOM   344  C  CE  . LYS A 1 43  ? 12.209  -9.622  -2.638  1.00 18.19 ? 42  LYS A CE  1 
ATOM   345  N  NZ  . LYS A 1 43  ? 13.530  -9.252  -3.182  1.00 17.05 ? 42  LYS A NZ  1 
ATOM   346  N  N   . PHE A 1 44  ? 10.572  -9.918  4.091   1.00 14.45 ? 43  PHE A N   1 
ATOM   347  C  CA  . PHE A 1 44  ? 10.598  -9.332  5.380   1.00 14.18 ? 43  PHE A CA  1 
ATOM   348  C  C   . PHE A 1 44  ? 11.380  -10.229 6.346   1.00 16.96 ? 43  PHE A C   1 
ATOM   349  O  O   . PHE A 1 44  ? 10.816  -11.161 6.884   1.00 15.19 ? 43  PHE A O   1 
ATOM   350  C  CB  . PHE A 1 44  ? 9.194   -9.169  5.943   1.00 14.53 ? 43  PHE A CB  1 
ATOM   351  C  CG  . PHE A 1 44  ? 8.362   -8.158  5.200   1.00 13.99 ? 43  PHE A CG  1 
ATOM   352  C  CD1 . PHE A 1 44  ? 7.684   -8.509  4.055   1.00 13.38 ? 43  PHE A CD1 1 
ATOM   353  C  CD2 . PHE A 1 44  ? 8.282   -6.867  5.656   1.00 15.51 ? 43  PHE A CD2 1 
ATOM   354  C  CE1 . PHE A 1 44  ? 6.965   -7.574  3.337   1.00 14.90 ? 43  PHE A CE1 1 
ATOM   355  C  CE2 . PHE A 1 44  ? 7.502   -5.943  4.978   1.00 15.04 ? 43  PHE A CE2 1 
ATOM   356  C  CZ  . PHE A 1 44  ? 6.853   -6.305  3.831   1.00 14.17 ? 43  PHE A CZ  1 
ATOM   357  N  N   . ASP A 1 45  ? 12.663  -9.922  6.576   1.00 17.98 ? 44  ASP A N   1 
ATOM   358  C  CA  . ASP A 1 45  ? 13.454  -10.729 7.553   1.00 20.06 ? 44  ASP A CA  1 
ATOM   359  C  C   . ASP A 1 45  ? 12.807  -10.690 8.943   1.00 19.75 ? 44  ASP A C   1 
ATOM   360  O  O   . ASP A 1 45  ? 12.895  -11.652 9.684   1.00 15.20 ? 44  ASP A O   1 
ATOM   361  C  CB  . ASP A 1 45  ? 14.920  -10.298 7.625   1.00 26.75 ? 44  ASP A CB  1 
ATOM   362  C  CG  . ASP A 1 45  ? 15.679  -10.699 6.371   1.00 32.79 ? 44  ASP A CG  1 
ATOM   363  O  OD1 . ASP A 1 45  ? 15.135  -11.491 5.569   1.00 34.73 ? 44  ASP A OD1 1 
ATOM   364  O  OD2 . ASP A 1 45  ? 16.792  -10.204 6.194   1.00 44.88 ? 44  ASP A OD2 1 
ATOM   365  N  N   . ARG A 1 46  ? 12.112  -9.600  9.269   1.00 16.87 ? 45  ARG A N   1 
ATOM   366  C  CA  . ARG A 1 46  ? 11.482  -9.459  10.577  1.00 19.13 ? 45  ARG A CA  1 
ATOM   367  C  C   . ARG A 1 46  ? 10.203  -10.296 10.722  1.00 15.52 ? 45  ARG A C   1 
ATOM   368  O  O   . ARG A 1 46  ? 9.766   -10.570 11.881  1.00 15.11 ? 45  ARG A O   1 
ATOM   369  C  CB  . ARG A 1 46  ? 11.121  -7.985  10.821  1.00 25.84 ? 45  ARG A CB  1 
ATOM   370  C  CG  . ARG A 1 46  ? 11.276  -7.559  12.271  1.00 29.27 ? 45  ARG A CG  1 
ATOM   371  C  CD  . ARG A 1 46  ? 11.810  -6.141  12.488  1.00 33.56 ? 45  ARG A CD  1 
ATOM   372  N  NE  . ARG A 1 46  ? 10.713  -5.176  12.605  1.00 37.00 ? 45  ARG A NE  1 
ATOM   373  C  CZ  . ARG A 1 46  ? 9.947   -4.807  11.604  1.00 35.43 ? 45  ARG A CZ  1 
ATOM   374  N  NH1 . ARG A 1 46  ? 10.081  -5.405  10.434  1.00 46.68 ? 45  ARG A NH1 1 
ATOM   375  N  NH2 . ARG A 1 46  ? 9.092   -3.810  11.734  1.00 35.31 ? 45  ARG A NH2 1 
ATOM   376  N  N   . PHE A 1 47  ? 9.540   -10.645 9.618   1.00 13.24 ? 46  PHE A N   1 
ATOM   377  C  CA  . PHE A 1 47  ? 8.211   -11.286 9.695   1.00 13.94 ? 46  PHE A CA  1 
ATOM   378  C  C   . PHE A 1 47  ? 8.174   -12.679 9.072   1.00 14.21 ? 46  PHE A C   1 
ATOM   379  O  O   . PHE A 1 47  ? 7.167   -13.364 9.240   1.00 14.66 ? 46  PHE A O   1 
ATOM   380  C  CB  . PHE A 1 47  ? 7.135   -10.420 9.037   1.00 14.10 ? 46  PHE A CB  1 
ATOM   381  C  CG  . PHE A 1 47  ? 7.035   -9.057  9.675   1.00 14.85 ? 46  PHE A CG  1 
ATOM   382  C  CD1 . PHE A 1 47  ? 6.908   -8.930  11.032  1.00 15.96 ? 46  PHE A CD1 1 
ATOM   383  C  CD2 . PHE A 1 47  ? 7.094   -7.892  8.915   1.00 15.84 ? 46  PHE A CD2 1 
ATOM   384  C  CE1 . PHE A 1 47  ? 6.881   -7.691  11.652  1.00 16.92 ? 46  PHE A CE1 1 
ATOM   385  C  CE2 . PHE A 1 47  ? 7.028   -6.652  9.528   1.00 16.48 ? 46  PHE A CE2 1 
ATOM   386  C  CZ  . PHE A 1 47  ? 6.965   -6.550  10.898  1.00 17.14 ? 46  PHE A CZ  1 
ATOM   387  N  N   . LYS A 1 48  ? 9.197   -13.062 8.300   1.00 13.46 ? 47  LYS A N   1 
ATOM   388  C  CA  . LYS A 1 48  ? 9.060   -14.259 7.445   1.00 16.79 ? 47  LYS A CA  1 
ATOM   389  C  C   . LYS A 1 48  ? 8.962   -15.555 8.248   1.00 16.06 ? 47  LYS A C   1 
ATOM   390  O  O   . LYS A 1 48  ? 8.689   -16.596 7.664   1.00 16.07 ? 47  LYS A O   1 
ATOM   391  C  CB  . LYS A 1 48  ? 10.211  -14.405 6.449   1.00 17.09 ? 47  LYS A CB  1 
ATOM   392  C  CG  . LYS A 1 48  ? 11.561  -14.565 7.090   1.00 20.89 ? 47  LYS A CG  1 
ATOM   393  C  CD  . LYS A 1 48  ? 12.625  -14.783 6.052   1.00 24.72 ? 47  LYS A CD  1 
ATOM   394  C  CE  . LYS A 1 48  ? 13.972  -14.900 6.717   1.00 26.67 ? 47  LYS A CE  1 
ATOM   395  N  NZ  . LYS A 1 48  ? 15.032  -14.779 5.694   1.00 32.61 ? 47  LYS A NZ  1 
ATOM   396  N  N   . HIS A 1 49  ? 9.190   -15.518 9.558   1.00 15.39 ? 48  HIS A N   1 
ATOM   397  C  CA  . HIS A 1 49  ? 9.004   -16.685 10.394  1.00 15.74 ? 48  HIS A CA  1 
ATOM   398  C  C   . HIS A 1 49  ? 7.514   -16.974 10.676  1.00 15.13 ? 48  HIS A C   1 
ATOM   399  O  O   . HIS A 1 49  ? 7.161   -18.081 11.117  1.00 14.18 ? 48  HIS A O   1 
ATOM   400  C  CB  . HIS A 1 49  ? 9.768   -16.526 11.719  1.00 16.67 ? 48  HIS A CB  1 
ATOM   401  C  CG  . HIS A 1 49  ? 9.186   -15.448 12.561  1.00 18.32 ? 48  HIS A CG  1 
ATOM   402  N  ND1 . HIS A 1 49  ? 9.337   -14.093 12.250  1.00 19.00 ? 48  HIS A ND1 1 
ATOM   403  C  CD2 . HIS A 1 49  ? 8.449   -15.499 13.687  1.00 19.57 ? 48  HIS A CD2 1 
ATOM   404  C  CE1 . HIS A 1 49  ? 8.688   -13.376 13.155  1.00 20.14 ? 48  HIS A CE1 1 
ATOM   405  N  NE2 . HIS A 1 49  ? 8.154   -14.212 14.047  1.00 20.51 ? 48  HIS A NE2 1 
ATOM   406  N  N   . LEU A 1 50  ? 6.627   -15.983 10.511  1.00 13.86 ? 49  LEU A N   1 
ATOM   407  C  CA  . LEU A 1 50  ? 5.238   -16.146 10.939  1.00 12.53 ? 49  LEU A CA  1 
ATOM   408  C  C   . LEU A 1 50  ? 4.593   -17.202 10.033  1.00 12.72 ? 49  LEU A C   1 
ATOM   409  O  O   . LEU A 1 50  ? 4.725   -17.144 8.790   1.00 12.44 ? 49  LEU A O   1 
ATOM   410  C  CB  . LEU A 1 50  ? 4.503   -14.792 10.835  1.00 13.41 ? 49  LEU A CB  1 
ATOM   411  C  CG  . LEU A 1 50  ? 4.970   -13.661 11.761  1.00 14.29 ? 49  LEU A CG  1 
ATOM   412  C  CD1 . LEU A 1 50  ? 4.422   -12.332 11.287  1.00 14.15 ? 49  LEU A CD1 1 
ATOM   413  C  CD2 . LEU A 1 50  ? 4.557   -13.857 13.210  1.00 14.18 ? 49  LEU A CD2 1 
ATOM   414  N  N   . LYS A 1 51  ? 3.932   -18.217 10.621  1.00 11.29 ? 50  LYS A N   1 
ATOM   415  C  CA  . LYS A 1 51  ? 3.514   -19.379 9.864   1.00 11.40 ? 50  LYS A CA  1 
ATOM   416  C  C   . LYS A 1 51  ? 2.032   -19.326 9.436   1.00 12.35 ? 50  LYS A C   1 
ATOM   417  O  O   . LYS A 1 51  ? 1.646   -20.047 8.530   1.00 15.31 ? 50  LYS A O   1 
ATOM   418  C  CB  . LYS A 1 51  ? 3.726   -20.601 10.763  1.00 11.51 ? 50  LYS A CB  1 
ATOM   419  C  CG  . LYS A 1 51  ? 5.169   -20.963 11.038  1.00 12.31 ? 50  LYS A CG  1 
ATOM   420  C  CD  . LYS A 1 51  ? 5.310   -22.336 11.769  1.00 12.47 ? 50  LYS A CD  1 
ATOM   421  C  CE  . LYS A 1 51  ? 6.726   -22.624 12.229  1.00 14.40 ? 50  LYS A CE  1 
ATOM   422  N  NZ  . LYS A 1 51  ? 7.611   -22.848 11.079  1.00 13.28 ? 50  LYS A NZ  1 
ATOM   423  N  N   . THR A 1 52  ? 1.200   -18.596 10.183  1.00 11.61 ? 51  THR A N   1 
ATOM   424  C  CA  . THR A 1 52  ? -0.227  -18.634 10.104  1.00 11.78 ? 51  THR A CA  1 
ATOM   425  C  C   . THR A 1 52  ? -0.800  -17.225 10.190  1.00 11.41 ? 51  THR A C   1 
ATOM   426  O  O   . THR A 1 52  ? -0.161  -16.337 10.722  1.00 11.34 ? 51  THR A O   1 
ATOM   427  C  CB  . THR A 1 52  ? -0.879  -19.423 11.238  1.00 11.40 ? 51  THR A CB  1 
ATOM   428  O  OG1 . THR A 1 52  ? -0.566  -18.882 12.511  1.00 10.29 ? 51  THR A OG1 1 
ATOM   429  C  CG2 . THR A 1 52  ? -0.455  -20.886 11.205  1.00 13.16 ? 51  THR A CG2 1 
ATOM   430  N  N   . GLU A 1 53  ? -2.063  -17.066 9.753   1.00 12.95 ? 52  GLU A N   1 
ATOM   431  C  CA  . GLU A 1 53  ? -2.776  -15.817 9.902   1.00 12.65 ? 52  GLU A CA  1 
ATOM   432  C  C   . GLU A 1 53  ? -2.933  -15.482 11.380  1.00 13.35 ? 52  GLU A C   1 
ATOM   433  O  O   . GLU A 1 53  ? -2.824  -14.346 11.771  1.00 10.94 ? 52  GLU A O   1 
ATOM   434  C  CB  . GLU A 1 53  ? -4.142  -15.860 9.189   1.00 15.22 ? 52  GLU A CB  1 
ATOM   435  C  CG  . GLU A 1 53  ? -5.037  -14.682 9.514   1.00 16.87 ? 52  GLU A CG  1 
ATOM   436  C  CD  . GLU A 1 53  ? -6.279  -14.571 8.626   1.00 21.15 ? 52  GLU A CD  1 
ATOM   437  O  OE1 . GLU A 1 53  ? -6.487  -15.519 7.801   1.00 19.88 ? 52  GLU A OE1 1 
ATOM   438  O  OE2 . GLU A 1 53  ? -6.967  -13.495 8.697   1.00 21.68 ? 52  GLU A OE2 1 
ATOM   439  N  N   . ALA A 1 54  ? -3.157  -16.498 12.233  1.00 12.18 ? 53  ALA A N   1 
ATOM   440  C  CA  . ALA A 1 54  ? -3.273  -16.237 13.608  1.00 12.45 ? 53  ALA A CA  1 
ATOM   441  C  C   . ALA A 1 54  ? -1.987  -15.628 14.171  1.00 11.50 ? 53  ALA A C   1 
ATOM   442  O  O   . ALA A 1 54  ? -2.058  -14.671 14.961  1.00 11.62 ? 53  ALA A O   1 
ATOM   443  C  CB  . ALA A 1 54  ? -3.699  -17.514 14.336  1.00 13.95 ? 53  ALA A CB  1 
ATOM   444  N  N   . GLU A 1 55  ? -0.817  -16.164 13.816  1.00 11.50 ? 54  GLU A N   1 
ATOM   445  C  CA  . GLU A 1 55  ? 0.422   -15.582 14.301  1.00 12.07 ? 54  GLU A CA  1 
ATOM   446  C  C   . GLU A 1 55  ? 0.592   -14.144 13.784  1.00 11.21 ? 54  GLU A C   1 
ATOM   447  O  O   . GLU A 1 55  ? 1.054   -13.244 14.486  1.00 11.32 ? 54  GLU A O   1 
ATOM   448  C  CB  . GLU A 1 55  ? 1.603   -16.446 13.871  1.00 13.00 ? 54  GLU A CB  1 
ATOM   449  C  CG  . GLU A 1 55  ? 1.639   -17.737 14.654  1.00 12.60 ? 54  GLU A CG  1 
ATOM   450  C  CD  . GLU A 1 55  ? 2.813   -18.627 14.317  1.00 14.63 ? 54  GLU A CD  1 
ATOM   451  O  OE1 . GLU A 1 55  ? 3.620   -18.239 13.410  1.00 14.95 ? 54  GLU A OE1 1 
ATOM   452  O  OE2 . GLU A 1 55  ? 2.965   -19.637 15.053  1.00 13.70 ? 54  GLU A OE2 1 
ATOM   453  N  N   . MET A 1 56  ? 0.203   -13.938 12.534  1.00 11.11 ? 55  MET A N   1 
ATOM   454  C  CA  . MET A 1 56  ? 0.272   -12.601 11.940  1.00 11.21 ? 55  MET A CA  1 
ATOM   455  C  C   . MET A 1 56  ? -0.631  -11.613 12.701  1.00 11.02 ? 55  MET A C   1 
ATOM   456  O  O   . MET A 1 56  ? -0.245  -10.513 12.966  1.00 11.83 ? 55  MET A O   1 
ATOM   457  C  CB  . MET A 1 56  ? -0.142  -12.674 10.486  1.00 11.80 ? 55  MET A CB  1 
ATOM   458  C  CG  . MET A 1 56  ? 0.867   -13.335 9.606   1.00 12.58 ? 55  MET A CG  1 
ATOM   459  S  SD  . MET A 1 56  ? 0.231   -13.597 7.950   1.00 12.61 ? 55  MET A SD  1 
ATOM   460  C  CE  . MET A 1 56  ? 1.517   -14.647 7.277   1.00 15.11 ? 55  MET A CE  1 
ATOM   461  N  N   . LYS A 1 57  ? -1.852  -12.028 13.037  1.00 13.10 ? 56  LYS A N   1 
ATOM   462  C  CA  . LYS A 1 57  ? -2.818  -11.165 13.782  1.00 15.11 ? 56  LYS A CA  1 
ATOM   463  C  C   . LYS A 1 57  ? -2.328  -10.799 15.172  1.00 14.89 ? 56  LYS A C   1 
ATOM   464  O  O   . LYS A 1 57  ? -2.633  -9.732  15.657  1.00 15.97 ? 56  LYS A O   1 
ATOM   465  C  CB  . LYS A 1 57  ? -4.190  -11.839 13.877  1.00 19.45 ? 56  LYS A CB  1 
ATOM   466  C  CG  . LYS A 1 57  ? -5.039  -11.737 12.623  1.00 23.85 ? 56  LYS A CG  1 
ATOM   467  C  CD  . LYS A 1 57  ? -6.450  -12.252 12.875  1.00 27.12 ? 56  LYS A CD  1 
ATOM   468  C  CE  . LYS A 1 57  ? -7.241  -12.549 11.626  1.00 28.43 ? 56  LYS A CE  1 
ATOM   469  N  NZ  . LYS A 1 57  ? -8.695  -12.521 11.922  1.00 36.85 ? 56  LYS A NZ  1 
ATOM   470  N  N   . ALA A 1 58  ? -1.539  -11.673 15.798  1.00 13.99 ? 57  ALA A N   1 
ATOM   471  C  CA  . ALA A 1 58  ? -1.083  -11.526 17.145  1.00 13.36 ? 57  ALA A CA  1 
ATOM   472  C  C   . ALA A 1 58  ? 0.237   -10.752 17.171  1.00 14.21 ? 57  ALA A C   1 
ATOM   473  O  O   . ALA A 1 58  ? 0.706   -10.429 18.244  1.00 13.89 ? 57  ALA A O   1 
ATOM   474  C  CB  . ALA A 1 58  ? -0.903  -12.900 17.802  1.00 14.92 ? 57  ALA A CB  1 
ATOM   475  N  N   . SER A 1 59  ? 0.855   -10.472 16.004  1.00 12.95 ? 58  SER A N   1 
ATOM   476  C  CA  . SER A 1 59  ? 2.136   -9.855  15.940  1.00 12.48 ? 58  SER A CA  1 
ATOM   477  C  C   . SER A 1 59  ? 2.006   -8.338  16.125  1.00 13.49 ? 58  SER A C   1 
ATOM   478  O  O   . SER A 1 59  ? 1.536   -7.603  15.232  1.00 12.03 ? 58  SER A O   1 
ATOM   479  C  CB  . SER A 1 59  ? 2.885   -10.147 14.683  1.00 12.78 ? 58  SER A CB  1 
ATOM   480  O  OG  . SER A 1 59  ? 4.048   -9.323  14.619  1.00 11.06 ? 58  SER A OG  1 
ATOM   481  N  N   . GLU A 1 60  ? 2.387   -7.891  17.315  1.00 15.20 ? 59  GLU A N   1 
ATOM   482  C  CA  . GLU A 1 60  ? 2.421   -6.474  17.658  1.00 16.47 ? 59  GLU A CA  1 
ATOM   483  C  C   . GLU A 1 60  ? 3.338   -5.746  16.663  1.00 14.40 ? 59  GLU A C   1 
ATOM   484  O  O   . GLU A 1 60  ? 3.057   -4.608  16.197  1.00 13.22 ? 59  GLU A O   1 
ATOM   485  C  CB  . GLU A 1 60  ? 2.921   -6.337  19.102  1.00 21.07 ? 59  GLU A CB  1 
ATOM   486  C  CG  . GLU A 1 60  ? 1.777   -6.244  20.092  1.00 28.42 ? 59  GLU A CG  1 
ATOM   487  C  CD  . GLU A 1 60  ? 1.049   -4.939  19.784  1.00 36.74 ? 59  GLU A CD  1 
ATOM   488  O  OE1 . GLU A 1 60  ? -0.176  -4.928  19.720  1.00 36.58 ? 59  GLU A OE1 1 
ATOM   489  O  OE2 . GLU A 1 60  ? 1.758   -3.947  19.503  1.00 50.22 ? 59  GLU A OE2 1 
ATOM   490  N  N   . ASP A 1 61  ? 4.441   -6.383  16.297  1.00 13.86 ? 60  ASP A N   1 
ATOM   491  C  CA  . ASP A 1 61  ? 5.389   -5.761  15.392  1.00 14.90 ? 60  ASP A CA  1 
ATOM   492  C  C   . ASP A 1 61  ? 4.821   -5.563  13.997  1.00 12.18 ? 60  ASP A C   1 
ATOM   493  O  O   . ASP A 1 61  ? 5.058   -4.515  13.354  1.00 10.96 ? 60  ASP A O   1 
ATOM   494  C  CB  . ASP A 1 61  ? 6.643   -6.601  15.203  1.00 19.74 ? 60  ASP A CB  1 
ATOM   495  C  CG  . ASP A 1 61  ? 7.784   -5.845  15.784  1.00 26.48 ? 60  ASP A CG  1 
ATOM   496  O  OD1 . ASP A 1 61  ? 7.947   -4.697  15.340  1.00 32.39 ? 60  ASP A OD1 1 
ATOM   497  O  OD2 . ASP A 1 61  ? 8.444   -6.384  16.713  1.00 35.20 ? 60  ASP A OD2 1 
ATOM   498  N  N   . LEU A 1 62  ? 4.081   -6.563  13.526  1.00 11.09 ? 61  LEU A N   1 
ATOM   499  C  CA  . LEU A 1 62  ? 3.469   -6.507  12.183  1.00 10.88 ? 61  LEU A CA  1 
ATOM   500  C  C   . LEU A 1 62  ? 2.431   -5.378  12.168  1.00 10.56 ? 61  LEU A C   1 
ATOM   501  O  O   . LEU A 1 62  ? 2.326   -4.635  11.208  1.00 9.06  ? 61  LEU A O   1 
ATOM   502  C  CB  . LEU A 1 62  ? 2.781   -7.811  11.825  1.00 11.85 ? 61  LEU A CB  1 
ATOM   503  C  CG  . LEU A 1 62  ? 2.287   -7.884  10.377  1.00 12.69 ? 61  LEU A CG  1 
ATOM   504  C  CD1 . LEU A 1 62  ? 3.444   -7.615  9.406   1.00 14.42 ? 61  LEU A CD1 1 
ATOM   505  C  CD2 . LEU A 1 62  ? 1.735   -9.239  10.058  1.00 12.76 ? 61  LEU A CD2 1 
ATOM   506  N  N   . LYS A 1 63  ? 1.672   -5.266  13.273  1.00 10.40 ? 62  LYS A N   1 
ATOM   507  C  CA  . LYS A 1 63  ? 0.672   -4.187  13.384  1.00 10.86 ? 62  LYS A CA  1 
ATOM   508  C  C   . LYS A 1 63  ? 1.338   -2.819  13.313  1.00 10.29 ? 62  LYS A C   1 
ATOM   509  O  O   . LYS A 1 63  ? 0.852   -1.939  12.600  1.00 9.18  ? 62  LYS A O   1 
ATOM   510  C  CB  . LYS A 1 63  ? -0.098  -4.342  14.685  1.00 11.94 ? 62  LYS A CB  1 
ATOM   511  C  CG  . LYS A 1 63  ? -1.185  -3.329  14.952  1.00 14.06 ? 62  LYS A CG  1 
ATOM   512  C  CD  . LYS A 1 63  ? -1.957  -3.827  16.183  1.00 19.23 ? 62  LYS A CD  1 
ATOM   513  C  CE  . LYS A 1 63  ? -2.589  -2.773  17.040  1.00 27.48 ? 62  LYS A CE  1 
ATOM   514  N  NZ  . LYS A 1 63  ? -3.406  -3.423  18.106  1.00 30.37 ? 62  LYS A NZ  1 
ATOM   515  N  N   . LYS A 1 64  ? 2.451   -2.635  14.039  1.00 10.47 ? 63  LYS A N   1 
ATOM   516  C  CA  . LYS A 1 64  ? 3.184   -1.389  13.996  1.00 12.60 ? 63  LYS A CA  1 
ATOM   517  C  C   . LYS A 1 64  ? 3.625   -1.069  12.562  1.00 10.58 ? 63  LYS A C   1 
ATOM   518  O  O   . LYS A 1 64  ? 3.572   0.083   12.110  1.00 9.19  ? 63  LYS A O   1 
ATOM   519  C  CB  . LYS A 1 64  ? 4.435   -1.455  14.869  1.00 15.42 ? 63  LYS A CB  1 
ATOM   520  C  CG  . LYS A 1 64  ? 4.186   -1.392  16.363  1.00 23.08 ? 63  LYS A CG  1 
ATOM   521  C  CD  . LYS A 1 64  ? 5.523   -1.401  17.156  1.00 29.44 ? 63  LYS A CD  1 
ATOM   522  C  CE  . LYS A 1 64  ? 5.425   -2.024  18.524  1.00 33.65 ? 63  LYS A CE  1 
ATOM   523  N  NZ  . LYS A 1 64  ? 4.316   -1.414  19.283  1.00 35.92 ? 63  LYS A NZ  1 
ATOM   524  N  N   . HIS A 1 65  ? 4.137   -2.079  11.867  1.00 9.07  ? 64  HIS A N   1 
ATOM   525  C  CA  . HIS A 1 65  ? 4.599   -1.889  10.526  1.00 9.90  ? 64  HIS A CA  1 
ATOM   526  C  C   . HIS A 1 65  ? 3.446   -1.496  9.606   1.00 8.76  ? 64  HIS A C   1 
ATOM   527  O  O   . HIS A 1 65  ? 3.581   -0.591  8.771   1.00 9.52  ? 64  HIS A O   1 
ATOM   528  C  CB  . HIS A 1 65  ? 5.307   -3.144  9.983   1.00 10.21 ? 64  HIS A CB  1 
ATOM   529  C  CG  . HIS A 1 65  ? 5.886   -2.878  8.645   1.00 10.92 ? 64  HIS A CG  1 
ATOM   530  N  ND1 . HIS A 1 65  ? 6.851   -1.928  8.461   1.00 12.21 ? 64  HIS A ND1 1 
ATOM   531  C  CD2 . HIS A 1 65  ? 5.653   -3.418  7.437   1.00 12.11 ? 64  HIS A CD2 1 
ATOM   532  C  CE1 . HIS A 1 65  ? 7.184   -1.881  7.181   1.00 12.19 ? 64  HIS A CE1 1 
ATOM   533  N  NE2 . HIS A 1 65  ? 6.459   -2.760  6.535   1.00 11.99 ? 64  HIS A NE2 1 
ATOM   534  N  N   . GLY A 1 66  ? 2.286   -2.149  9.747   1.00 7.66  ? 65  GLY A N   1 
ATOM   535  C  CA  . GLY A 1 66  ? 1.153   -1.778  8.946   1.00 7.51  ? 65  GLY A CA  1 
ATOM   536  C  C   . GLY A 1 66  ? 0.770   -0.318  9.125   1.00 6.96  ? 65  GLY A C   1 
ATOM   537  O  O   . GLY A 1 66  ? 0.380   0.359   8.186   1.00 7.36  ? 65  GLY A O   1 
ATOM   538  N  N   . VAL A 1 67  ? 0.899   0.183   10.341  1.00 6.75  ? 66  VAL A N   1 
ATOM   539  C  CA  . VAL A 1 67  ? 0.564   1.599   10.605  1.00 7.28  ? 66  VAL A CA  1 
ATOM   540  C  C   . VAL A 1 67  ? 1.548   2.490   9.841   1.00 7.11  ? 66  VAL A C   1 
ATOM   541  O  O   . VAL A 1 67  ? 1.169   3.483   9.223   1.00 7.00  ? 66  VAL A O   1 
ATOM   542  C  CB  . VAL A 1 67  ? 0.602   1.874   12.111  1.00 7.46  ? 66  VAL A CB  1 
ATOM   543  C  CG1 . VAL A 1 67  ? 0.527   3.367   12.423  1.00 7.95  ? 66  VAL A CG1 1 
ATOM   544  C  CG2 . VAL A 1 67  ? -0.542  1.152   12.817  1.00 7.70  ? 66  VAL A CG2 1 
ATOM   545  N  N   . THR A 1 68  ? 2.831   2.132   9.941   1.00 6.77  ? 67  THR A N   1 
ATOM   546  C  CA  . THR A 1 68  ? 3.899   2.855   9.266   1.00 7.66  ? 67  THR A CA  1 
ATOM   547  C  C   . THR A 1 68  ? 3.652   2.936   7.749   1.00 7.15  ? 67  THR A C   1 
ATOM   548  O  O   . THR A 1 68  ? 3.749   3.991   7.158   1.00 6.81  ? 67  THR A O   1 
ATOM   549  C  CB  . THR A 1 68  ? 5.266   2.255   9.563   1.00 8.72  ? 67  THR A CB  1 
ATOM   550  O  OG1 . THR A 1 68  ? 5.466   2.449   10.967  1.00 8.94  ? 67  THR A OG1 1 
ATOM   551  C  CG2 . THR A 1 68  ? 6.342   2.900   8.706   1.00 9.39  ? 67  THR A CG2 1 
ATOM   552  N  N   . VAL A 1 69  ? 3.307   1.791   7.139   1.00 7.07  ? 68  VAL A N   1 
ATOM   553  C  CA  . VAL A 1 69  ? 3.054   1.657   5.715   1.00 7.11  ? 68  VAL A CA  1 
ATOM   554  C  C   . VAL A 1 69  ? 1.845   2.522   5.309   1.00 7.00  ? 68  VAL A C   1 
ATOM   555  O  O   . VAL A 1 69  ? 1.915   3.285   4.342   1.00 6.43  ? 68  VAL A O   1 
ATOM   556  C  CB  . VAL A 1 69  ? 2.857   0.168   5.354   1.00 7.40  ? 68  VAL A CB  1 
ATOM   557  C  CG1 . VAL A 1 69  ? 2.295   -0.030  3.965   1.00 7.92  ? 68  VAL A CG1 1 
ATOM   558  C  CG2 . VAL A 1 69  ? 4.182   -0.583  5.529   1.00 7.82  ? 68  VAL A CG2 1 
ATOM   559  N  N   . LEU A 1 70  ? 0.719   2.318   5.989   1.00 7.10  ? 69  LEU A N   1 
ATOM   560  C  CA  . LEU A 1 70  ? -0.498  2.988   5.558   1.00 8.07  ? 69  LEU A CA  1 
ATOM   561  C  C   . LEU A 1 70  ? -0.373  4.489   5.808   1.00 7.48  ? 69  LEU A C   1 
ATOM   562  O  O   . LEU A 1 70  ? -0.964  5.263   5.056   1.00 8.55  ? 69  LEU A O   1 
ATOM   563  C  CB  . LEU A 1 70  ? -1.750  2.413   6.234   1.00 8.41  ? 69  LEU A CB  1 
ATOM   564  C  CG  . LEU A 1 70  ? -2.134  0.980   5.846   1.00 8.58  ? 69  LEU A CG  1 
ATOM   565  C  CD1 . LEU A 1 70  ? -3.558  0.672   6.336   1.00 8.57  ? 69  LEU A CD1 1 
ATOM   566  C  CD2 . LEU A 1 70  ? -1.984  0.778   4.358   1.00 9.90  ? 69  LEU A CD2 1 
ATOM   567  N  N   . THR A 1 71  ? 0.348   4.898   6.850   1.00 7.44  ? 70  THR A N   1 
ATOM   568  C  CA  . THR A 1 71  ? 0.524   6.320   7.143   1.00 7.81  ? 70  THR A CA  1 
ATOM   569  C  C   . THR A 1 71  ? 1.380   6.971   6.043   1.00 7.46  ? 70  THR A C   1 
ATOM   570  O  O   . THR A 1 71  ? 1.049   8.033   5.582   1.00 6.99  ? 70  THR A O   1 
ATOM   571  C  CB  . THR A 1 71  ? 1.133   6.549   8.543   1.00 8.66  ? 70  THR A CB  1 
ATOM   572  O  OG1 . THR A 1 71  ? 0.213   6.025   9.500   1.00 9.27  ? 70  THR A OG1 1 
ATOM   573  C  CG2 . THR A 1 71  ? 1.437   7.990   8.882   1.00 10.14 ? 70  THR A CG2 1 
ATOM   574  N  N   . ALA A 1 72  ? 2.471   6.323   5.628   1.00 6.67  ? 71  ALA A N   1 
ATOM   575  C  CA  . ALA A 1 72  ? 3.271   6.782   4.484   1.00 6.56  ? 71  ALA A CA  1 
ATOM   576  C  C   . ALA A 1 72  ? 2.414   6.890   3.216   1.00 6.61  ? 71  ALA A C   1 
ATOM   577  O  O   . ALA A 1 72  ? 2.476   7.829   2.462   1.00 6.28  ? 71  ALA A O   1 
ATOM   578  C  CB  . ALA A 1 72  ? 4.440   5.860   4.262   1.00 6.72  ? 71  ALA A CB  1 
ATOM   579  N  N   . LEU A 1 73  ? 1.602   5.862   2.944   1.00 7.08  ? 72  LEU A N   1 
ATOM   580  C  CA  . LEU A 1 73  ? 0.760   5.887   1.714   1.00 7.43  ? 72  LEU A CA  1 
ATOM   581  C  C   . LEU A 1 73  ? -0.289  6.976   1.825   1.00 7.61  ? 72  LEU A C   1 
ATOM   582  O  O   . LEU A 1 73  ? -0.534  7.689   0.854   1.00 8.42  ? 72  LEU A O   1 
ATOM   583  C  CB  . LEU A 1 73  ? 0.105   4.514   1.504   1.00 7.91  ? 72  LEU A CB  1 
ATOM   584  C  CG  . LEU A 1 73  ? -0.815  4.406   0.299   1.00 8.48  ? 72  LEU A CG  1 
ATOM   585  C  CD1 . LEU A 1 73  ? -0.043  4.742   -0.991  1.00 9.65  ? 72  LEU A CD1 1 
ATOM   586  C  CD2 . LEU A 1 73  ? -1.491  3.033   0.218   1.00 9.19  ? 72  LEU A CD2 1 
ATOM   587  N  N   . GLY A 1 74  ? -0.891  7.130   3.005   1.00 7.24  ? 73  GLY A N   1 
ATOM   588  C  CA  . GLY A 1 74  ? -1.849  8.205   3.243   1.00 7.62  ? 73  GLY A CA  1 
ATOM   589  C  C   . GLY A 1 74  ? -1.261  9.565   2.908   1.00 7.55  ? 73  GLY A C   1 
ATOM   590  O  O   . GLY A 1 74  ? -1.904  10.424  2.297   1.00 8.11  ? 73  GLY A O   1 
ATOM   591  N  N   . ALA A 1 75  ? -0.023  9.806   3.358   1.00 7.64  ? 74  ALA A N   1 
ATOM   592  C  CA  . ALA A 1 75  ? 0.619   11.123  3.148   1.00 7.88  ? 74  ALA A CA  1 
ATOM   593  C  C   . ALA A 1 75  ? 0.840   11.323  1.643   1.00 8.71  ? 74  ALA A C   1 
ATOM   594  O  O   . ALA A 1 75  ? 0.687   12.438  1.157   1.00 9.03  ? 74  ALA A O   1 
ATOM   595  C  CB  . ALA A 1 75  ? 1.924   11.202  3.915   1.00 8.49  ? 74  ALA A CB  1 
ATOM   596  N  N   . ILE A 1 76  ? 1.140   10.243  0.917   1.00 7.90  ? 75  ILE A N   1 
ATOM   597  C  CA  . ILE A 1 76  ? 1.326   10.321  -0.554  1.00 8.32  ? 75  ILE A CA  1 
ATOM   598  C  C   . ILE A 1 76  ? -0.022  10.648  -1.212  1.00 8.46  ? 75  ILE A C   1 
ATOM   599  O  O   . ILE A 1 76  ? -0.119  11.553  -1.999  1.00 8.67  ? 75  ILE A O   1 
ATOM   600  C  CB  . ILE A 1 76  ? 1.957   9.020   -1.083  1.00 8.60  ? 75  ILE A CB  1 
ATOM   601  C  CG1 . ILE A 1 76  ? 3.437   8.949   -0.709  1.00 9.06  ? 75  ILE A CG1 1 
ATOM   602  C  CG2 . ILE A 1 76  ? 1.687   8.856   -2.580  1.00 9.10  ? 75  ILE A CG2 1 
ATOM   603  C  CD1 . ILE A 1 76  ? 3.983   7.531   -0.638  1.00 10.07 ? 75  ILE A CD1 1 
ATOM   604  N  N   . LEU A 1 77  ? -1.092  9.951   -0.812  1.00 8.65  ? 76  LEU A N   1 
ATOM   605  C  CA  . LEU A 1 77  ? -2.405  10.167  -1.442  1.00 8.67  ? 76  LEU A CA  1 
ATOM   606  C  C   . LEU A 1 77  ? -2.920  11.586  -1.199  1.00 8.37  ? 76  LEU A C   1 
ATOM   607  O  O   . LEU A 1 77  ? -3.433  12.193  -2.136  1.00 8.43  ? 76  LEU A O   1 
ATOM   608  C  CB  . LEU A 1 77  ? -3.411  9.131   -0.934  1.00 8.88  ? 76  LEU A CB  1 
ATOM   609  C  CG  . LEU A 1 77  ? -3.121  7.692   -1.306  1.00 9.75  ? 76  LEU A CG  1 
ATOM   610  C  CD1 . LEU A 1 77  ? -4.111  6.757   -0.572  1.00 10.81 ? 76  LEU A CD1 1 
ATOM   611  C  CD2 . LEU A 1 77  ? -3.194  7.457   -2.778  1.00 10.05 ? 76  LEU A CD2 1 
ATOM   612  N  N   . LYS A 1 78  ? -2.681  12.133  -0.009  1.00 7.76  ? 77  LYS A N   1 
ATOM   613  C  CA  . LYS A 1 78  ? -3.102  13.484  0.335   1.00 8.23  ? 77  LYS A CA  1 
ATOM   614  C  C   . LYS A 1 78  ? -2.373  14.560  -0.489  1.00 8.40  ? 77  LYS A C   1 
ATOM   615  O  O   . LYS A 1 78  ? -2.898  15.676  -0.610  1.00 8.21  ? 77  LYS A O   1 
ATOM   616  C  CB  . LYS A 1 78  ? -2.937  13.678  1.829   1.00 8.74  ? 77  LYS A CB  1 
ATOM   617  C  CG  . LYS A 1 78  ? -3.978  12.925  2.628   1.00 9.28  ? 77  LYS A CG  1 
ATOM   618  C  CD  . LYS A 1 78  ? -3.662  12.983  4.105   1.00 9.94  ? 77  LYS A CD  1 
ATOM   619  C  CE  . LYS A 1 78  ? -4.490  11.979  4.862   1.00 10.59 ? 77  LYS A CE  1 
ATOM   620  N  NZ  . LYS A 1 78  ? -4.298  12.074  6.325   1.00 10.09 ? 77  LYS A NZ  1 
ATOM   621  N  N   . LYS A 1 79  ? -1.201  14.240  -1.034  1.00 8.62  ? 78  LYS A N   1 
ATOM   622  C  CA  . LYS A 1 79  ? -0.536  15.137  -2.005  1.00 9.86  ? 78  LYS A CA  1 
ATOM   623  C  C   . LYS A 1 79  ? -1.204  15.170  -3.379  1.00 9.60  ? 78  LYS A C   1 
ATOM   624  O  O   . LYS A 1 79  ? -0.877  16.087  -4.155  1.00 9.74  ? 78  LYS A O   1 
ATOM   625  C  CB  . LYS A 1 79  ? 0.927   14.763  -2.189  1.00 10.83 ? 78  LYS A CB  1 
ATOM   626  C  CG  . LYS A 1 79  ? 1.765   14.971  -0.937  1.00 13.21 ? 78  LYS A CG  1 
ATOM   627  C  CD  . LYS A 1 79  ? 1.624   16.336  -0.349  1.00 16.70 ? 78  LYS A CD  1 
ATOM   628  C  CE  . LYS A 1 79  ? 2.290   17.391  -1.163  1.00 22.29 ? 78  LYS A CE  1 
ATOM   629  N  NZ  . LYS A 1 79  ? 3.771   17.234  -1.114  1.00 29.15 ? 78  LYS A NZ  1 
ATOM   630  N  N   . LYS A 1 80  ? -2.124  14.228  -3.663  1.00 9.36  ? 79  LYS A N   1 
ATOM   631  C  CA  . LYS A 1 80  ? -2.913  14.242  -4.893  1.00 9.91  ? 79  LYS A CA  1 
ATOM   632  C  C   . LYS A 1 80  ? -1.971  14.401  -6.091  1.00 9.94  ? 79  LYS A C   1 
ATOM   633  O  O   . LYS A 1 80  ? -2.184  15.190  -7.003  1.00 9.68  ? 79  LYS A O   1 
ATOM   634  C  CB  . LYS A 1 80  ? -3.972  15.354  -4.834  1.00 10.36 ? 79  LYS A CB  1 
ATOM   635  C  CG  . LYS A 1 80  ? -4.932  15.259  -3.646  1.00 12.15 ? 79  LYS A CG  1 
ATOM   636  C  CD  . LYS A 1 80  ? -6.159  16.182  -3.706  1.00 16.40 ? 79  LYS A CD  1 
ATOM   637  C  CE  . LYS A 1 80  ? -5.872  17.623  -3.987  1.00 19.19 ? 79  LYS A CE  1 
ATOM   638  N  NZ  . LYS A 1 80  ? -7.136  18.426  -3.880  1.00 19.17 ? 79  LYS A NZ  1 
ATOM   639  N  N   . GLY A 1 81  ? -0.903  13.615  -6.086  1.00 8.50  ? 80  GLY A N   1 
ATOM   640  C  CA  . GLY A 1 81  ? -0.043  13.519  -7.224  1.00 9.15  ? 80  GLY A CA  1 
ATOM   641  C  C   . GLY A 1 81  ? 1.232   14.339  -7.069  1.00 8.92  ? 80  GLY A C   1 
ATOM   642  O  O   . GLY A 1 81  ? 2.223   14.029  -7.774  1.00 10.68 ? 80  GLY A O   1 
ATOM   643  N  N   . HIS A 1 82  ? 1.254   15.281  -6.129  1.00 8.71  ? 81  HIS A N   1 
ATOM   644  C  CA  . HIS A 1 82  ? 2.431   16.102  -5.905  1.00 9.74  ? 81  HIS A CA  1 
ATOM   645  C  C   . HIS A 1 82  ? 3.339   15.464  -4.846  1.00 9.65  ? 81  HIS A C   1 
ATOM   646  O  O   . HIS A 1 82  ? 3.585   16.079  -3.803  1.00 10.72 ? 81  HIS A O   1 
ATOM   647  C  CB  . HIS A 1 82  ? 2.024   17.491  -5.471  1.00 10.74 ? 81  HIS A CB  1 
ATOM   648  C  CG  . HIS A 1 82  ? 1.329   18.276  -6.537  1.00 11.98 ? 81  HIS A CG  1 
ATOM   649  N  ND1 . HIS A 1 82  ? -0.071  18.293  -6.670  1.00 13.83 ? 81  HIS A ND1 1 
ATOM   650  C  CD2 . HIS A 1 82  ? 1.829   19.055  -7.520  1.00 11.22 ? 81  HIS A CD2 1 
ATOM   651  C  CE1 . HIS A 1 82  ? -0.387  19.082  -7.716  1.00 12.01 ? 81  HIS A CE1 1 
ATOM   652  N  NE2 . HIS A 1 82  ? 0.758   19.587  -8.205  1.00 15.80 ? 81  HIS A NE2 1 
ATOM   653  N  N   . HIS A 1 83  ? 3.844   14.265  -5.129  1.00 8.98  ? 82  HIS A N   1 
ATOM   654  C  CA  . HIS A 1 83  ? 4.390   13.396  -4.043  1.00 10.08 ? 82  HIS A CA  1 
ATOM   655  C  C   . HIS A 1 83  ? 5.868   13.095  -4.279  1.00 11.03 ? 82  HIS A C   1 
ATOM   656  O  O   . HIS A 1 83  ? 6.401   12.177  -3.688  1.00 9.88  ? 82  HIS A O   1 
ATOM   657  C  CB  . HIS A 1 83  ? 3.553   12.116  -3.962  1.00 9.63  ? 82  HIS A CB  1 
ATOM   658  C  CG  . HIS A 1 83  ? 3.406   11.430  -5.276  1.00 9.41  ? 82  HIS A CG  1 
ATOM   659  N  ND1 . HIS A 1 83  ? 2.201   10.901  -5.668  1.00 10.62 ? 82  HIS A ND1 1 
ATOM   660  C  CD2 . HIS A 1 83  ? 4.272   11.240  -6.304  1.00 10.39 ? 82  HIS A CD2 1 
ATOM   661  C  CE1 . HIS A 1 83  ? 2.337   10.413  -6.896  1.00 10.24 ? 82  HIS A CE1 1 
ATOM   662  N  NE2 . HIS A 1 83  ? 3.596   10.617  -7.311  1.00 9.37  ? 82  HIS A NE2 1 
ATOM   663  N  N   . GLU A 1 84  ? 6.525   13.961  -5.075  1.00 12.11 ? 83  GLU A N   1 
ATOM   664  C  CA  . GLU A 1 84  ? 7.940   13.813  -5.415  1.00 14.65 ? 83  GLU A CA  1 
ATOM   665  C  C   . GLU A 1 84  ? 8.758   13.662  -4.128  1.00 13.63 ? 83  GLU A C   1 
ATOM   666  O  O   . GLU A 1 84  ? 9.640   12.814  -4.071  1.00 14.20 ? 83  GLU A O   1 
ATOM   667  C  CB  . GLU A 1 84  ? 8.403   15.043  -6.221  1.00 16.98 ? 83  GLU A CB  1 
ATOM   668  C  CG  . GLU A 1 84  ? 7.657   15.223  -7.526  1.00 21.90 ? 83  GLU A CG  1 
ATOM   669  C  CD  . GLU A 1 84  ? 6.322   16.017  -7.609  1.00 25.98 ? 83  GLU A CD  1 
ATOM   670  O  OE1 . GLU A 1 84  ? 5.716   16.530  -6.552  1.00 19.67 ? 83  GLU A OE1 1 
ATOM   671  O  OE2 . GLU A 1 84  ? 5.925   16.229  -8.793  1.00 33.35 ? 83  GLU A OE2 1 
ATOM   672  N  N   . ALA A 1 85  ? 8.522   14.526  -3.130  1.00 13.16 ? 84  ALA A N   1 
ATOM   673  C  CA  . ALA A 1 85  ? 9.414   14.519  -1.919  1.00 14.25 ? 84  ALA A CA  1 
ATOM   674  C  C   . ALA A 1 85  ? 9.215   13.225  -1.154  1.00 14.56 ? 84  ALA A C   1 
ATOM   675  O  O   . ALA A 1 85  ? 10.199  12.638  -0.694  1.00 12.74 ? 84  ALA A O   1 
ATOM   676  C  CB  . ALA A 1 85  ? 9.196   15.683  -0.990  1.00 14.05 ? 84  ALA A CB  1 
ATOM   677  N  N   . GLU A 1 86  ? 7.956   12.785  -1.065  1.00 12.36 ? 85  GLU A N   1 
ATOM   678  C  CA  . GLU A 1 86  ? 7.601   11.565  -0.277  1.00 12.22 ? 85  GLU A CA  1 
ATOM   679  C  C   . GLU A 1 86  ? 8.124   10.318  -0.998  1.00 11.26 ? 85  GLU A C   1 
ATOM   680  O  O   . GLU A 1 86  ? 8.449   9.289   -0.347  1.00 10.51 ? 85  GLU A O   1 
ATOM   681  C  CB  . GLU A 1 86  ? 6.074   11.485  -0.089  1.00 12.63 ? 85  GLU A CB  1 
ATOM   682  C  CG  . GLU A 1 86  ? 5.488   12.565  0.813   1.00 13.48 ? 85  GLU A CG  1 
ATOM   683  C  CD  . GLU A 1 86  ? 5.347   13.934  0.206   1.00 14.22 ? 85  GLU A CD  1 
ATOM   684  O  OE1 . GLU A 1 86  ? 5.519   14.073  -1.028  1.00 12.11 ? 85  GLU A OE1 1 
ATOM   685  O  OE2 . GLU A 1 86  ? 5.069   14.869  0.957   1.00 16.96 ? 85  GLU A OE2 1 
ATOM   686  N  N   . LEU A 1 87  ? 8.148   10.339  -2.324  1.00 11.35 ? 86  LEU A N   1 
ATOM   687  C  CA  . LEU A 1 87  ? 8.520   9.136   -3.028  1.00 12.02 ? 86  LEU A CA  1 
ATOM   688  C  C   . LEU A 1 87  ? 10.033  8.930   -3.007  1.00 12.11 ? 86  LEU A C   1 
ATOM   689  O  O   . LEU A 1 87  ? 10.465  7.799   -3.181  1.00 11.67 ? 86  LEU A O   1 
ATOM   690  C  CB  . LEU A 1 87  ? 8.048   9.103   -4.475  1.00 14.17 ? 86  LEU A CB  1 
ATOM   691  C  CG  . LEU A 1 87  ? 6.546   9.010   -4.739  1.00 16.98 ? 86  LEU A CG  1 
ATOM   692  C  CD1 . LEU A 1 87  ? 6.327   8.494   -6.159  1.00 17.79 ? 86  LEU A CD1 1 
ATOM   693  C  CD2 . LEU A 1 87  ? 5.799   8.160   -3.732  1.00 18.29 ? 86  LEU A CD2 1 
ATOM   694  N  N   . LYS A 1 88  ? 10.843  9.995   -2.908  1.00 11.01 ? 87  LYS A N   1 
ATOM   695  C  CA  . LYS A 1 88  ? 12.298  9.799   -2.978  1.00 12.49 ? 87  LYS A CA  1 
ATOM   696  C  C   . LYS A 1 88  ? 12.814  8.800   -1.943  1.00 10.89 ? 87  LYS A C   1 
ATOM   697  O  O   . LYS A 1 88  ? 13.442  7.817   -2.314  1.00 9.75  ? 87  LYS A O   1 
ATOM   698  C  CB  . LYS A 1 88  ? 13.030  11.125  -2.816  1.00 13.48 ? 87  LYS A CB  1 
ATOM   699  C  CG  . LYS A 1 88  ? 13.103  11.913  -4.101  1.00 17.03 ? 87  LYS A CG  1 
ATOM   700  C  CD  . LYS A 1 88  ? 13.798  13.242  -3.917  1.00 18.59 ? 87  LYS A CD  1 
ATOM   701  C  CE  . LYS A 1 88  ? 13.762  14.006  -5.229  1.00 24.75 ? 87  LYS A CE  1 
ATOM   702  N  NZ  . LYS A 1 88  ? 14.461  15.306  -5.127  1.00 26.82 ? 87  LYS A NZ  1 
ATOM   703  N  N   . PRO A 1 89  ? 12.584  8.987   -0.618  1.00 10.10 ? 88  PRO A N   1 
ATOM   704  C  CA  . PRO A 1 89  ? 13.157  8.058   0.354   1.00 10.72 ? 88  PRO A CA  1 
ATOM   705  C  C   . PRO A 1 89  ? 12.544  6.662   0.254   1.00 9.82  ? 88  PRO A C   1 
ATOM   706  O  O   . PRO A 1 89  ? 13.223  5.623   0.496   1.00 8.56  ? 88  PRO A O   1 
ATOM   707  C  CB  . PRO A 1 89  ? 12.907  8.713   1.723   1.00 11.23 ? 88  PRO A CB  1 
ATOM   708  C  CG  . PRO A 1 89  ? 11.706  9.651   1.452   1.00 12.09 ? 88  PRO A CG  1 
ATOM   709  C  CD  . PRO A 1 89  ? 11.872  10.107  0.014   1.00 11.56 ? 88  PRO A CD  1 
ATOM   710  N  N   . LEU A 1 90  ? 11.238  6.617   -0.095  1.00 9.54  ? 89  LEU A N   1 
ATOM   711  C  CA  . LEU A 1 90  ? 10.540  5.356   -0.175  1.00 9.38  ? 89  LEU A CA  1 
ATOM   712  C  C   . LEU A 1 90  ? 11.096  4.520   -1.337  1.00 9.07  ? 89  LEU A C   1 
ATOM   713  O  O   . LEU A 1 90  ? 11.356  3.298   -1.210  1.00 9.08  ? 89  LEU A O   1 
ATOM   714  C  CB  . LEU A 1 90  ? 9.049   5.643   -0.367  1.00 10.78 ? 89  LEU A CB  1 
ATOM   715  C  CG  . LEU A 1 90  ? 8.162   4.401   -0.327  1.00 13.69 ? 89  LEU A CG  1 
ATOM   716  C  CD1 . LEU A 1 90  ? 8.207   3.755   1.025   1.00 13.91 ? 89  LEU A CD1 1 
ATOM   717  C  CD2 . LEU A 1 90  ? 6.732   4.736   -0.695  1.00 14.01 ? 89  LEU A CD2 1 
ATOM   718  N  N   . ALA A 1 91  ? 11.236  5.151   -2.505  1.00 8.64  ? 90  ALA A N   1 
ATOM   719  C  CA  . ALA A 1 91  ? 11.819  4.502   -3.661  1.00 9.26  ? 90  ALA A CA  1 
ATOM   720  C  C   . ALA A 1 91  ? 13.242  4.046   -3.331  1.00 8.98  ? 90  ALA A C   1 
ATOM   721  O  O   . ALA A 1 91  ? 13.650  2.962   -3.702  1.00 8.05  ? 90  ALA A O   1 
ATOM   722  C  CB  . ALA A 1 91  ? 11.857  5.414   -4.855  1.00 10.08 ? 90  ALA A CB  1 
ATOM   723  N  N   . GLN A 1 92  ? 14.011  4.881   -2.650  1.00 9.37  ? 91  GLN A N   1 
ATOM   724  C  CA  . GLN A 1 92  ? 15.407  4.483   -2.428  1.00 9.33  ? 91  GLN A CA  1 
ATOM   725  C  C   . GLN A 1 92  ? 15.475  3.259   -1.524  1.00 9.24  ? 91  GLN A C   1 
ATOM   726  O  O   . GLN A 1 92  ? 16.192  2.288   -1.857  1.00 9.95  ? 91  GLN A O   1 
ATOM   727  C  CB  . GLN A 1 92  ? 16.263  5.632   -1.917  1.00 9.18  ? 91  GLN A CB  1 
ATOM   728  C  CG  . GLN A 1 92  ? 17.696  5.184   -1.717  1.00 10.58 ? 91  GLN A CG  1 
ATOM   729  C  CD  . GLN A 1 92  ? 18.617  6.271   -1.211  1.00 9.68  ? 91  GLN A CD  1 
ATOM   730  O  OE1 . GLN A 1 92  ? 18.300  6.976   -0.255  1.00 10.79 ? 91  GLN A OE1 1 
ATOM   731  N  NE2 . GLN A 1 92  ? 19.802  6.356   -1.790  1.00 8.53  ? 91  GLN A NE2 1 
ATOM   732  N  N   . SER A 1 93  ? 14.769  3.265   -0.400  1.00 8.43  ? 92  SER A N   1 
ATOM   733  C  CA  . SER A 1 93  ? 14.828  2.135   0.488   1.00 8.91  ? 92  SER A CA  1 
ATOM   734  C  C   . SER A 1 93  ? 14.304  0.893   -0.225  1.00 8.68  ? 92  SER A C   1 
ATOM   735  O  O   . SER A 1 93  ? 14.875  -0.207  -0.047  1.00 8.55  ? 92  SER A O   1 
ATOM   736  C  CB  . SER A 1 93  ? 14.127  2.379   1.766   1.00 9.52  ? 92  SER A CB  1 
ATOM   737  O  OG  . SER A 1 93  ? 12.726  2.458   1.588   1.00 9.72  ? 92  SER A OG  1 
ATOM   738  N  N   . HIS A 1 94  ? 13.198  1.022   -0.968  1.00 8.75  ? 93  HIS A N   1 
ATOM   739  C  CA  . HIS A 1 94  ? 12.513  -0.173  -1.563  1.00 9.32  ? 93  HIS A CA  1 
ATOM   740  C  C   . HIS A 1 94  ? 13.310  -0.743  -2.746  1.00 9.34  ? 93  HIS A C   1 
ATOM   741  O  O   . HIS A 1 94  ? 13.349  -1.935  -2.941  1.00 11.14 ? 93  HIS A O   1 
ATOM   742  C  CB  . HIS A 1 94  ? 11.026  0.107   -1.837  1.00 9.19  ? 93  HIS A CB  1 
ATOM   743  C  CG  . HIS A 1 94  ? 10.207  0.103   -0.587  1.00 9.19  ? 93  HIS A CG  1 
ATOM   744  N  ND1 . HIS A 1 94  ? 10.434  0.978   0.454   1.00 8.77  ? 93  HIS A ND1 1 
ATOM   745  C  CD2 . HIS A 1 94  ? 9.259   -0.753  -0.164  1.00 8.81  ? 93  HIS A CD2 1 
ATOM   746  C  CE1 . HIS A 1 94  ? 9.615   0.691   1.446   1.00 9.70  ? 93  HIS A CE1 1 
ATOM   747  N  NE2 . HIS A 1 94  ? 8.899   -0.376  1.092   1.00 8.21  ? 93  HIS A NE2 1 
ATOM   748  N  N   . ALA A 1 95  ? 14.034  0.095   -3.469  1.00 9.74  ? 94  ALA A N   1 
ATOM   749  C  CA  . ALA A 1 95  ? 14.910  -0.348  -4.543  1.00 10.20 ? 94  ALA A CA  1 
ATOM   750  C  C   . ALA A 1 95  ? 16.180  -0.996  -3.973  1.00 11.39 ? 94  ALA A C   1 
ATOM   751  O  O   . ALA A 1 95  ? 16.599  -2.044  -4.432  1.00 14.23 ? 94  ALA A O   1 
ATOM   752  C  CB  . ALA A 1 95  ? 15.309  0.837   -5.410  1.00 10.51 ? 94  ALA A CB  1 
ATOM   753  N  N   . THR A 1 96  ? 16.840  -0.302  -3.053  1.00 11.75 ? 95  THR A N   1 
ATOM   754  C  CA  . THR A 1 96  ? 18.253  -0.565  -2.735  1.00 12.78 ? 95  THR A CA  1 
ATOM   755  C  C   . THR A 1 96  ? 18.415  -1.412  -1.483  1.00 13.96 ? 95  THR A C   1 
ATOM   756  O  O   . THR A 1 96  ? 19.306  -2.293  -1.464  1.00 15.05 ? 95  THR A O   1 
ATOM   757  C  CB  . THR A 1 96  ? 19.050  0.737   -2.583  1.00 14.91 ? 95  THR A CB  1 
ATOM   758  O  OG1 . THR A 1 96  ? 18.766  1.549   -3.721  1.00 15.40 ? 95  THR A OG1 1 
ATOM   759  C  CG2 . THR A 1 96  ? 20.545  0.539   -2.435  1.00 14.77 ? 95  THR A CG2 1 
ATOM   760  N  N   . LYS A 1 97  ? 17.565  -1.235  -0.480  1.00 13.69 ? 96  LYS A N   1 
ATOM   761  C  CA  . LYS A 1 97  ? 17.719  -2.017  0.739   1.00 15.60 ? 96  LYS A CA  1 
ATOM   762  C  C   . LYS A 1 97  ? 16.782  -3.234  0.673   1.00 15.42 ? 96  LYS A C   1 
ATOM   763  O  O   . LYS A 1 97  ? 17.203  -4.376  0.783   1.00 15.26 ? 96  LYS A O   1 
ATOM   764  C  CB  . LYS A 1 97  ? 17.418  -1.161  1.960   1.00 18.64 ? 96  LYS A CB  1 
ATOM   765  C  CG  . LYS A 1 97  ? 17.510  -1.943  3.272   1.00 22.67 ? 96  LYS A CG  1 
ATOM   766  C  CD  . LYS A 1 97  ? 17.326  -1.130  4.521   1.00 27.69 ? 96  LYS A CD  1 
ATOM   767  C  CE  . LYS A 1 97  ? 17.532  -1.905  5.829   1.00 32.22 ? 96  LYS A CE  1 
ATOM   768  N  NZ  . LYS A 1 97  ? 18.580  -2.945  5.675   1.00 33.65 ? 96  LYS A NZ  1 
ATOM   769  N  N   . HIS A 1 98  ? 15.496  -2.994  0.422   1.00 12.43 ? 97  HIS A N   1 
ATOM   770  C  CA  . HIS A 1 98  ? 14.487  -4.079  0.517   1.00 13.14 ? 97  HIS A CA  1 
ATOM   771  C  C   . HIS A 1 98  ? 14.411  -4.909  -0.751  1.00 13.35 ? 97  HIS A C   1 
ATOM   772  O  O   . HIS A 1 98  ? 14.041  -6.077  -0.681  1.00 15.15 ? 97  HIS A O   1 
ATOM   773  C  CB  . HIS A 1 98  ? 13.117  -3.466  0.877   1.00 11.32 ? 97  HIS A CB  1 
ATOM   774  C  CG  . HIS A 1 98  ? 13.177  -2.542  2.046   1.00 11.42 ? 97  HIS A CG  1 
ATOM   775  N  ND1 . HIS A 1 98  ? 13.867  -2.869  3.191   1.00 10.37 ? 97  HIS A ND1 1 
ATOM   776  C  CD2 . HIS A 1 98  ? 12.562  -1.336  2.264   1.00 11.67 ? 97  HIS A CD2 1 
ATOM   777  C  CE1 . HIS A 1 98  ? 13.738  -1.892  4.082   1.00 10.94 ? 97  HIS A CE1 1 
ATOM   778  N  NE2 . HIS A 1 98  ? 12.915  -0.905  3.528   1.00 11.08 ? 97  HIS A NE2 1 
ATOM   779  N  N   . LYS A 1 99  ? 14.680  -4.294  -1.905  1.00 14.15 ? 98  LYS A N   1 
ATOM   780  C  CA  . LYS A 1 99  ? 14.576  -4.893  -3.255  1.00 16.31 ? 98  LYS A CA  1 
ATOM   781  C  C   . LYS A 1 99  ? 13.160  -5.404  -3.551  1.00 15.54 ? 98  LYS A C   1 
ATOM   782  O  O   . LYS A 1 99  ? 12.938  -6.578  -3.730  1.00 12.92 ? 98  LYS A O   1 
ATOM   783  C  CB  . LYS A 1 99  ? 15.591  -6.024  -3.426  1.00 21.51 ? 98  LYS A CB  1 
ATOM   784  C  CG  . LYS A 1 99  ? 17.039  -5.585  -3.384  1.00 28.49 ? 98  LYS A CG  1 
ATOM   785  C  CD  . LYS A 1 99  ? 17.870  -6.414  -4.375  1.00 37.87 ? 98  LYS A CD  1 
ATOM   786  C  CE  . LYS A 1 99  ? 19.136  -6.997  -3.777  1.00 46.22 ? 98  LYS A CE  1 
ATOM   787  N  NZ  . LYS A 1 99  ? 20.241  -6.010  -3.817  1.00 50.41 ? 98  LYS A NZ  1 
ATOM   788  N  N   . ILE A 1 100 ? 12.208  -4.483  -3.671  1.00 14.37 ? 99  ILE A N   1 
ATOM   789  C  CA  . ILE A 1 100 ? 10.839  -4.833  -3.903  1.00 13.30 ? 99  ILE A CA  1 
ATOM   790  C  C   . ILE A 1 100 ? 10.505  -4.592  -5.358  1.00 14.24 ? 99  ILE A C   1 
ATOM   791  O  O   . ILE A 1 100 ? 10.346  -3.457  -5.787  1.00 12.25 ? 99  ILE A O   1 
ATOM   792  C  CB  . ILE A 1 100 ? 9.933   -3.997  -2.979  1.00 12.13 ? 99  ILE A CB  1 
ATOM   793  C  CG1 . ILE A 1 100 ? 10.405  -4.133  -1.530  1.00 11.95 ? 99  ILE A CG1 1 
ATOM   794  C  CG2 . ILE A 1 100 ? 8.484   -4.369  -3.174  1.00 12.69 ? 99  ILE A CG2 1 
ATOM   795  C  CD1 . ILE A 1 100 ? 10.564  -5.561  -1.089  1.00 12.03 ? 99  ILE A CD1 1 
ATOM   796  N  N   . PRO A 1 101 ? 10.298  -5.645  -6.163  1.00 14.75 ? 100 PRO A N   1 
ATOM   797  C  CA  . PRO A 1 101 ? 9.908   -5.439  -7.549  1.00 15.44 ? 100 PRO A CA  1 
ATOM   798  C  C   . PRO A 1 101 ? 8.544   -4.743  -7.708  1.00 15.72 ? 100 PRO A C   1 
ATOM   799  O  O   . PRO A 1 101 ? 7.687   -4.857  -6.874  1.00 13.30 ? 100 PRO A O   1 
ATOM   800  C  CB  . PRO A 1 101 ? 9.849   -6.848  -8.154  1.00 17.07 ? 100 PRO A CB  1 
ATOM   801  C  CG  . PRO A 1 101 ? 10.072  -7.809  -7.028  1.00 16.24 ? 100 PRO A CG  1 
ATOM   802  C  CD  . PRO A 1 101 ? 10.460  -7.045  -5.795  1.00 16.70 ? 100 PRO A CD  1 
ATOM   803  N  N   . ILE A 1 102 ? 8.338   -4.080  -8.845  1.00 14.69 ? 101 ILE A N   1 
ATOM   804  C  CA  . ILE A 1 102 ? 7.064   -3.407  -9.149  1.00 16.17 ? 101 ILE A CA  1 
ATOM   805  C  C   . ILE A 1 102 ? 5.933   -4.440  -9.065  1.00 15.94 ? 101 ILE A C   1 
ATOM   806  O  O   . ILE A 1 102 ? 4.877   -4.136  -8.577  1.00 16.15 ? 101 ILE A O   1 
ATOM   807  C  CB  . ILE A 1 102 ? 7.116   -2.760  -10.542 1.00 17.59 ? 101 ILE A CB  1 
ATOM   808  C  CG1 . ILE A 1 102 ? 8.118   -1.593  -10.598 1.00 17.43 ? 101 ILE A CG1 1 
ATOM   809  C  CG2 . ILE A 1 102 ? 5.729   -2.352  -11.033 1.00 17.79 ? 101 ILE A CG2 1 
ATOM   810  C  CD1 . ILE A 1 102 ? 7.856   -0.531  -9.562  1.00 18.56 ? 101 ILE A CD1 1 
ATOM   811  N  N   . LYS A 1 103 ? 6.202   -5.675  -9.495  1.00 14.53 ? 102 LYS A N   1 
ATOM   812  C  CA  . LYS A 1 103 ? 5.251   -6.729  -9.402  1.00 16.60 ? 102 LYS A CA  1 
ATOM   813  C  C   . LYS A 1 103 ? 4.723   -6.855  -7.971  1.00 12.65 ? 102 LYS A C   1 
ATOM   814  O  O   . LYS A 1 103 ? 3.482   -7.133  -7.768  1.00 11.45 ? 102 LYS A O   1 
ATOM   815  C  CB  . LYS A 1 103 ? 5.897   -8.047  -9.859  1.00 22.51 ? 102 LYS A CB  1 
ATOM   816  C  CG  . LYS A 1 103 ? 4.927   -9.196  -10.074 1.00 31.72 ? 102 LYS A CG  1 
ATOM   817  C  CD  . LYS A 1 103 ? 4.524   -9.439  -11.548 1.00 37.35 ? 102 LYS A CD  1 
ATOM   818  C  CE  . LYS A 1 103 ? 3.874   -10.800 -11.792 1.00 39.17 ? 102 LYS A CE  1 
ATOM   819  N  NZ  . LYS A 1 103 ? 2.386   -10.787 -11.690 1.00 33.37 ? 102 LYS A NZ  1 
ATOM   820  N  N   . TYR A 1 104 ? 5.607   -6.705  -6.982  1.00 11.16 ? 103 TYR A N   1 
ATOM   821  C  CA  . TYR A 1 104 ? 5.174   -6.822  -5.577  1.00 10.62 ? 103 TYR A CA  1 
ATOM   822  C  C   . TYR A 1 104 ? 4.382   -5.590  -5.152  1.00 9.69  ? 103 TYR A C   1 
ATOM   823  O  O   . TYR A 1 104 ? 3.451   -5.709  -4.326  1.00 8.22  ? 103 TYR A O   1 
ATOM   824  C  CB  . TYR A 1 104 ? 6.325   -7.108  -4.625  1.00 11.11 ? 103 TYR A CB  1 
ATOM   825  C  CG  . TYR A 1 104 ? 6.950   -8.491  -4.690  1.00 11.25 ? 103 TYR A CG  1 
ATOM   826  C  CD1 . TYR A 1 104 ? 6.655   -9.415  -5.677  1.00 14.06 ? 103 TYR A CD1 1 
ATOM   827  C  CD2 . TYR A 1 104 ? 7.850   -8.864  -3.724  1.00 13.19 ? 103 TYR A CD2 1 
ATOM   828  C  CE1 . TYR A 1 104 ? 7.259   -10.672 -5.692  1.00 13.74 ? 103 TYR A CE1 1 
ATOM   829  C  CE2 . TYR A 1 104 ? 8.464   -10.109 -3.709  1.00 13.50 ? 103 TYR A CE2 1 
ATOM   830  C  CZ  . TYR A 1 104 ? 8.198   -10.999 -4.733  1.00 14.70 ? 103 TYR A CZ  1 
ATOM   831  O  OH  . TYR A 1 104 ? 8.796   -12.234 -4.744  1.00 16.20 ? 103 TYR A OH  1 
ATOM   832  N  N   . LEU A 1 105 ? 4.701   -4.417  -5.705  1.00 9.14  ? 104 LEU A N   1 
ATOM   833  C  CA  . LEU A 1 105 ? 3.864   -3.258  -5.457  1.00 9.73  ? 104 LEU A CA  1 
ATOM   834  C  C   . LEU A 1 105 ? 2.476   -3.461  -6.059  1.00 9.34  ? 104 LEU A C   1 
ATOM   835  O  O   . LEU A 1 105 ? 1.468   -2.945  -5.539  1.00 8.43  ? 104 LEU A O   1 
ATOM   836  C  CB  . LEU A 1 105 ? 4.539   -2.006  -6.024  1.00 11.23 ? 104 LEU A CB  1 
ATOM   837  C  CG  . LEU A 1 105 ? 5.885   -1.647  -5.379  1.00 12.55 ? 104 LEU A CG  1 
ATOM   838  C  CD1 . LEU A 1 105 ? 6.338   -0.335  -5.950  1.00 14.33 ? 104 LEU A CD1 1 
ATOM   839  C  CD2 . LEU A 1 105 ? 5.785   -1.523  -3.882  1.00 13.46 ? 104 LEU A CD2 1 
ATOM   840  N  N   . GLU A 1 106 ? 2.392   -4.136  -7.202  1.00 9.63  ? 105 GLU A N   1 
ATOM   841  C  CA  . GLU A 1 106 ? 1.090   -4.479  -7.786  1.00 10.08 ? 105 GLU A CA  1 
ATOM   842  C  C   . GLU A 1 106 ? 0.332   -5.365  -6.796  1.00 9.46  ? 105 GLU A C   1 
ATOM   843  O  O   . GLU A 1 106 ? -0.867  -5.166  -6.588  1.00 8.15  ? 105 GLU A O   1 
ATOM   844  C  CB  . GLU A 1 106 ? 1.229   -5.184  -9.147  1.00 12.29 ? 105 GLU A CB  1 
ATOM   845  C  CG  . GLU A 1 106 ? 1.753   -4.269  -10.237 1.00 14.06 ? 105 GLU A CG  1 
ATOM   846  C  CD  . GLU A 1 106 ? 2.212   -4.911  -11.544 1.00 17.12 ? 105 GLU A CD  1 
ATOM   847  O  OE1 . GLU A 1 106 ? 2.176   -6.145  -11.641 1.00 17.26 ? 105 GLU A OE1 1 
ATOM   848  O  OE2 . GLU A 1 106 ? 2.688   -4.137  -12.406 1.00 17.02 ? 105 GLU A OE2 1 
ATOM   849  N  N   . PHE A 1 107 ? 1.031   -6.361  -6.223  1.00 8.24  ? 106 PHE A N   1 
ATOM   850  C  CA  . PHE A 1 107 ? 0.376   -7.257  -5.249  1.00 8.55  ? 106 PHE A CA  1 
ATOM   851  C  C   . PHE A 1 107 ? -0.194  -6.501  -4.032  1.00 7.47  ? 106 PHE A C   1 
ATOM   852  O  O   . PHE A 1 107 ? -1.372  -6.747  -3.616  1.00 6.61  ? 106 PHE A O   1 
ATOM   853  C  CB  . PHE A 1 107 ? 1.336   -8.343  -4.771  1.00 8.45  ? 106 PHE A CB  1 
ATOM   854  C  CG  . PHE A 1 107 ? 1.786   -9.309  -5.846  1.00 9.85  ? 106 PHE A CG  1 
ATOM   855  C  CD1 . PHE A 1 107 ? 1.019   -9.561  -6.976  1.00 12.03 ? 106 PHE A CD1 1 
ATOM   856  C  CD2 . PHE A 1 107 ? 2.950   -10.004 -5.681  1.00 10.53 ? 106 PHE A CD2 1 
ATOM   857  C  CE1 . PHE A 1 107 ? 1.455   -10.453 -7.958  1.00 13.39 ? 106 PHE A CE1 1 
ATOM   858  C  CE2 . PHE A 1 107 ? 3.346   -10.952 -6.619  1.00 12.67 ? 106 PHE A CE2 1 
ATOM   859  C  CZ  . PHE A 1 107 ? 2.611   -11.164 -7.747  1.00 13.42 ? 106 PHE A CZ  1 
ATOM   860  N  N   . ILE A 1 108 ? 0.567   -5.557  -3.470  1.00 7.72  ? 107 ILE A N   1 
ATOM   861  C  CA  . ILE A 1 108 ? 0.036   -4.845  -2.275  1.00 7.69  ? 107 ILE A CA  1 
ATOM   862  C  C   . ILE A 1 108 ? -1.094  -3.915  -2.715  1.00 7.84  ? 107 ILE A C   1 
ATOM   863  O  O   . ILE A 1 108 ? -1.991  -3.682  -1.919  1.00 6.81  ? 107 ILE A O   1 
ATOM   864  C  CB  . ILE A 1 108 ? 1.129   -4.151  -1.446  1.00 8.76  ? 107 ILE A CB  1 
ATOM   865  C  CG1 . ILE A 1 108 ? 0.656   -3.862  -0.022  1.00 8.78  ? 107 ILE A CG1 1 
ATOM   866  C  CG2 . ILE A 1 108 ? 1.594   -2.875  -2.147  1.00 7.94  ? 107 ILE A CG2 1 
ATOM   867  C  CD1 . ILE A 1 108 ? 1.749   -3.312  0.917   1.00 9.85  ? 107 ILE A CD1 1 
ATOM   868  N  N   . SER A 1 109 ? -1.035  -3.384  -3.952  1.00 8.07  ? 108 SER A N   1 
ATOM   869  C  CA  . SER A 1 109 ? -2.122  -2.556  -4.475  1.00 7.90  ? 108 SER A CA  1 
ATOM   870  C  C   . SER A 1 109 ? -3.413  -3.386  -4.508  1.00 8.38  ? 108 SER A C   1 
ATOM   871  O  O   . SER A 1 109 ? -4.468  -2.912  -4.104  1.00 7.44  ? 108 SER A O   1 
ATOM   872  C  CB  . SER A 1 109 ? -1.822  -1.958  -5.828  1.00 7.81  ? 108 SER A CB  1 
ATOM   873  O  OG  . SER A 1 109 ? -0.650  -1.120  -5.783  1.00 8.95  ? 108 SER A OG  1 
ATOM   874  N  N   . GLU A 1 110 ? -3.299  -4.642  -4.998  1.00 9.01  ? 109 GLU A N   1 
ATOM   875  C  CA  . GLU A 1 110 ? -4.423  -5.576  -5.028  1.00 10.06 ? 109 GLU A CA  1 
ATOM   876  C  C   . GLU A 1 110 ? -4.973  -5.835  -3.617  1.00 8.71  ? 109 GLU A C   1 
ATOM   877  O  O   . GLU A 1 110 ? -6.228  -5.888  -3.439  1.00 7.73  ? 109 GLU A O   1 
ATOM   878  C  CB  . GLU A 1 110 ? -3.958  -6.839  -5.740  1.00 12.68 ? 109 GLU A CB  1 
ATOM   879  C  CG  . GLU A 1 110 ? -4.872  -8.011  -5.748  1.00 19.79 ? 109 GLU A CG  1 
ATOM   880  C  CD  . GLU A 1 110 ? -4.033  -9.132  -6.398  1.00 27.62 ? 109 GLU A CD  1 
ATOM   881  O  OE1 . GLU A 1 110 ? -3.949  -10.246 -5.833  1.00 31.51 ? 109 GLU A OE1 1 
ATOM   882  O  OE2 . GLU A 1 110 ? -3.265  -8.785  -7.357  1.00 37.09 ? 109 GLU A OE2 1 
ATOM   883  N  N   . ALA A 1 111 ? -4.091  -6.004  -2.638  1.00 7.69  ? 110 ALA A N   1 
ATOM   884  C  CA  . ALA A 1 111 ? -4.463  -6.229  -1.269  1.00 7.36  ? 110 ALA A CA  1 
ATOM   885  C  C   . ALA A 1 111 ? -5.189  -5.016  -0.671  1.00 7.35  ? 110 ALA A C   1 
ATOM   886  O  O   . ALA A 1 111 ? -6.217  -5.195  0.003   1.00 7.10  ? 110 ALA A O   1 
ATOM   887  C  CB  . ALA A 1 111 ? -3.273  -6.592  -0.427  1.00 7.46  ? 110 ALA A CB  1 
ATOM   888  N  N   . ILE A 1 112 ? -4.707  -3.804  -0.996  1.00 6.54  ? 111 ILE A N   1 
ATOM   889  C  CA  . ILE A 1 112 ? -5.361  -2.615  -0.521  1.00 6.64  ? 111 ILE A CA  1 
ATOM   890  C  C   . ILE A 1 112 ? -6.791  -2.547  -1.080  1.00 6.47  ? 111 ILE A C   1 
ATOM   891  O  O   . ILE A 1 112 ? -7.763  -2.273  -0.367  1.00 6.20  ? 111 ILE A O   1 
ATOM   892  C  CB  . ILE A 1 112 ? -4.534  -1.391  -0.928  1.00 7.17  ? 111 ILE A CB  1 
ATOM   893  C  CG1 . ILE A 1 112 ? -3.244  -1.343  -0.117  1.00 7.71  ? 111 ILE A CG1 1 
ATOM   894  C  CG2 . ILE A 1 112 ? -5.356  -0.128  -0.808  1.00 7.26  ? 111 ILE A CG2 1 
ATOM   895  C  CD1 . ILE A 1 112 ? -2.190  -0.481  -0.695  1.00 8.34  ? 111 ILE A CD1 1 
ATOM   896  N  N   . ILE A 1 113 ? -6.924  -2.804  -2.373  1.00 6.19  ? 112 ILE A N   1 
ATOM   897  C  CA  . ILE A 1 113 ? -8.213  -2.736  -3.014  1.00 7.09  ? 112 ILE A CA  1 
ATOM   898  C  C   . ILE A 1 113 ? -9.150  -3.802  -2.447  1.00 7.44  ? 112 ILE A C   1 
ATOM   899  O  O   . ILE A 1 113 ? -10.332 -3.533  -2.229  1.00 7.91  ? 112 ILE A O   1 
ATOM   900  C  CB  . ILE A 1 113 ? -8.058  -2.835  -4.540  1.00 7.37  ? 112 ILE A CB  1 
ATOM   901  C  CG1 . ILE A 1 113 ? -7.477  -1.533  -5.109  1.00 7.75  ? 112 ILE A CG1 1 
ATOM   902  C  CG2 . ILE A 1 113 ? -9.392  -3.169  -5.218  1.00 7.80  ? 112 ILE A CG2 1 
ATOM   903  C  CD1 . ILE A 1 113 ? -7.014  -1.674  -6.507  1.00 8.97  ? 112 ILE A CD1 1 
ATOM   904  N  N   . HIS A 1 114 ? -8.642  -5.014  -2.231  1.00 7.55  ? 113 HIS A N   1 
ATOM   905  C  CA  . HIS A 1 114 ? -9.476  -6.068  -1.701  1.00 9.09  ? 113 HIS A CA  1 
ATOM   906  C  C   . HIS A 1 114 ? -10.045 -5.667  -0.327  1.00 8.27  ? 113 HIS A C   1 
ATOM   907  O  O   . HIS A 1 114 ? -11.218 -5.886  -0.046  1.00 7.94  ? 113 HIS A O   1 
ATOM   908  C  CB  . HIS A 1 114 ? -8.669  -7.376  -1.601  1.00 10.37 ? 113 HIS A CB  1 
ATOM   909  C  CG  . HIS A 1 114 ? -9.388  -8.451  -0.862  1.00 12.87 ? 113 HIS A CG  1 
ATOM   910  N  ND1 . HIS A 1 114 ? -10.032 -9.471  -1.529  1.00 16.25 ? 113 HIS A ND1 1 
ATOM   911  C  CD2 . HIS A 1 114 ? -9.556  -8.667  0.453   1.00 16.57 ? 113 HIS A CD2 1 
ATOM   912  C  CE1 . HIS A 1 114 ? -10.585 -10.289 -0.655  1.00 17.01 ? 113 HIS A CE1 1 
ATOM   913  N  NE2 . HIS A 1 114 ? -10.318 -9.813  0.601   1.00 18.06 ? 113 HIS A NE2 1 
ATOM   914  N  N   . VAL A 1 115 ? -9.175  -5.170  0.549   1.00 7.20  ? 114 VAL A N   1 
ATOM   915  C  CA  . VAL A 1 115 ? -9.562  -4.830  1.912   1.00 7.36  ? 114 VAL A CA  1 
ATOM   916  C  C   . VAL A 1 115 ? -10.561 -3.668  1.902   1.00 7.24  ? 114 VAL A C   1 
ATOM   917  O  O   . VAL A 1 115 ? -11.588 -3.696  2.636   1.00 7.38  ? 114 VAL A O   1 
ATOM   918  C  CB  . VAL A 1 115 ? -8.342  -4.559  2.813   1.00 7.23  ? 114 VAL A CB  1 
ATOM   919  C  CG1 . VAL A 1 115 ? -8.783  -3.966  4.148   1.00 7.71  ? 114 VAL A CG1 1 
ATOM   920  C  CG2 . VAL A 1 115 ? -7.569  -5.844  3.029   1.00 6.95  ? 114 VAL A CG2 1 
ATOM   921  N  N   . LEU A 1 116 ? -10.285 -2.624  1.112   1.00 7.02  ? 115 LEU A N   1 
ATOM   922  C  CA  . LEU A 1 116 ? -11.227 -1.501  1.046   1.00 8.22  ? 115 LEU A CA  1 
ATOM   923  C  C   . LEU A 1 116 ? -12.579 -1.978  0.499   1.00 7.88  ? 115 LEU A C   1 
ATOM   924  O  O   . LEU A 1 116 ? -13.620 -1.536  0.948   1.00 6.91  ? 115 LEU A O   1 
ATOM   925  C  CB  . LEU A 1 116 ? -10.667 -0.348  0.192   1.00 9.00  ? 115 LEU A CB  1 
ATOM   926  C  CG  . LEU A 1 116 ? -9.382  0.278   0.730   1.00 11.46 ? 115 LEU A CG  1 
ATOM   927  C  CD1 . LEU A 1 116 ? -9.018  1.542   -0.006  1.00 11.01 ? 115 LEU A CD1 1 
ATOM   928  C  CD2 . LEU A 1 116 ? -9.338  0.480   2.185   1.00 13.50 ? 115 LEU A CD2 1 
ATOM   929  N  N   . HIS A 1 117 ? -12.547 -2.850  -0.519  1.00 8.10  ? 116 HIS A N   1 
ATOM   930  C  CA  . HIS A 1 117 ? -13.796 -3.356  -1.097  1.00 8.84  ? 116 HIS A CA  1 
ATOM   931  C  C   . HIS A 1 117 ? -14.614 -4.109  -0.045  1.00 8.49  ? 116 HIS A C   1 
ATOM   932  O  O   . HIS A 1 117 ? -15.850 -3.993  0.001   1.00 7.80  ? 116 HIS A O   1 
ATOM   933  C  CB  . HIS A 1 117 ? -13.475 -4.230  -2.315  1.00 9.54  ? 116 HIS A CB  1 
ATOM   934  C  CG  . HIS A 1 117 ? -14.649 -4.967  -2.846  1.00 11.44 ? 116 HIS A CG  1 
ATOM   935  N  ND1 . HIS A 1 117 ? -15.535 -4.426  -3.759  1.00 14.88 ? 116 HIS A ND1 1 
ATOM   936  C  CD2 . HIS A 1 117 ? -15.073 -6.215  -2.577  1.00 11.70 ? 116 HIS A CD2 1 
ATOM   937  C  CE1 . HIS A 1 117 ? -16.486 -5.313  -4.033  1.00 12.49 ? 116 HIS A CE1 1 
ATOM   938  N  NE2 . HIS A 1 117 ? -16.189 -6.435  -3.368  1.00 14.98 ? 116 HIS A NE2 1 
ATOM   939  N  N   . SER A 1 118 ? -13.916 -4.874  0.797   1.00 8.45  ? 117 SER A N   1 
ATOM   940  C  CA  . SER A 1 118 ? -14.542 -5.719  1.840   1.00 8.86  ? 117 SER A CA  1 
ATOM   941  C  C   . SER A 1 118 ? -15.089 -4.869  2.989   1.00 8.22  ? 117 SER A C   1 
ATOM   942  O  O   . SER A 1 118 ? -16.300 -5.088  3.419   1.00 7.97  ? 117 SER A O   1 
ATOM   943  C  CB  . SER A 1 118 ? -13.549 -6.715  2.346   1.00 10.30 ? 117 SER A CB  1 
ATOM   944  O  OG  . SER A 1 118 ? -14.170 -7.561  3.281   1.00 13.63 ? 117 SER A OG  1 
ATOM   945  N  N   . ARG A 1 119 ? -14.301 -3.893  3.449   1.00 7.03  ? 118 ARG A N   1 
ATOM   946  C  CA  . ARG A 1 119 ? -14.664 -3.150  4.633   1.00 7.75  ? 118 ARG A CA  1 
ATOM   947  C  C   . ARG A 1 119 ? -15.590 -1.966  4.341   1.00 7.03  ? 118 ARG A C   1 
ATOM   948  O  O   . ARG A 1 119 ? -16.280 -1.551  5.263   1.00 6.30  ? 118 ARG A O   1 
ATOM   949  C  CB  . ARG A 1 119 ? -13.404 -2.648  5.360   1.00 7.87  ? 118 ARG A CB  1 
ATOM   950  C  CG  . ARG A 1 119 ? -12.527 -3.746  5.951   1.00 9.58  ? 118 ARG A CG  1 
ATOM   951  C  CD  . ARG A 1 119 ? -11.269 -3.332  6.745   1.00 10.45 ? 118 ARG A CD  1 
ATOM   952  N  NE  . ARG A 1 119 ? -11.652 -2.662  7.982   1.00 12.84 ? 118 ARG A NE  1 
ATOM   953  C  CZ  . ARG A 1 119 ? -11.036 -2.719  9.157   1.00 10.89 ? 118 ARG A CZ  1 
ATOM   954  N  NH1 . ARG A 1 119 ? -10.051 -3.566  9.423   1.00 14.02 ? 118 ARG A NH1 1 
ATOM   955  N  NH2 . ARG A 1 119 ? -11.456 -1.931  10.100  1.00 9.85  ? 118 ARG A NH2 1 
ATOM   956  N  N   . HIS A 1 120 ? -15.509 -1.367  3.137   1.00 6.79  ? 119 HIS A N   1 
ATOM   957  C  CA  . HIS A 1 120 ? -16.042 -0.027  2.842   1.00 7.23  ? 119 HIS A CA  1 
ATOM   958  C  C   . HIS A 1 120 ? -16.920 -0.047  1.603   1.00 8.39  ? 119 HIS A C   1 
ATOM   959  O  O   . HIS A 1 120 ? -16.832 0.842   0.752   1.00 8.09  ? 119 HIS A O   1 
ATOM   960  C  CB  . HIS A 1 120 ? -14.913 0.991   2.737   1.00 7.32  ? 119 HIS A CB  1 
ATOM   961  C  CG  . HIS A 1 120 ? -14.197 1.124   4.038   1.00 7.54  ? 119 HIS A CG  1 
ATOM   962  N  ND1 . HIS A 1 120 ? -14.861 1.611   5.146   1.00 8.02  ? 119 HIS A ND1 1 
ATOM   963  C  CD2 . HIS A 1 120 ? -12.940 0.830   4.436   1.00 7.19  ? 119 HIS A CD2 1 
ATOM   964  C  CE1 . HIS A 1 120 ? -14.077 1.506   6.209   1.00 7.66  ? 119 HIS A CE1 1 
ATOM   965  N  NE2 . HIS A 1 120 ? -12.875 1.049   5.789   1.00 8.02  ? 119 HIS A NE2 1 
ATOM   966  N  N   . PRO A 1 121 ? -17.888 -0.978  1.485   1.00 9.69  ? 120 PRO A N   1 
ATOM   967  C  CA  . PRO A 1 121 ? -18.740 -0.939  0.302   1.00 11.44 ? 120 PRO A CA  1 
ATOM   968  C  C   . PRO A 1 121 ? -19.541 0.380   0.187   1.00 12.93 ? 120 PRO A C   1 
ATOM   969  O  O   . PRO A 1 121 ? -19.813 0.791   -0.940  1.00 17.21 ? 120 PRO A O   1 
ATOM   970  C  CB  . PRO A 1 121 ? -19.665 -2.152  0.501   1.00 12.41 ? 120 PRO A CB  1 
ATOM   971  C  CG  . PRO A 1 121 ? -19.694 -2.316  2.005   1.00 10.59 ? 120 PRO A CG  1 
ATOM   972  C  CD  . PRO A 1 121 ? -18.246 -2.063  2.412   1.00 9.64  ? 120 PRO A CD  1 
ATOM   973  N  N   . GLY A 1 122 ? -19.726 1.115   1.268   1.00 15.42 ? 121 GLY A N   1 
ATOM   974  C  CA  . GLY A 1 122 ? -20.422 2.475   1.271   1.00 15.65 ? 121 GLY A CA  1 
ATOM   975  C  C   . GLY A 1 122 ? -19.592 3.593   0.643   1.00 16.05 ? 121 GLY A C   1 
ATOM   976  O  O   . GLY A 1 122 ? -20.139 4.709   0.260   1.00 18.81 ? 121 GLY A O   1 
ATOM   977  N  N   . ASN A 1 123 ? -18.283 3.372   0.569   1.00 13.52 ? 122 ASN A N   1 
ATOM   978  C  CA  . ASN A 1 123 ? -17.351 4.366   0.030   1.00 11.54 ? 122 ASN A CA  1 
ATOM   979  C  C   . ASN A 1 123 ? -16.408 3.749   -1.005  1.00 9.63  ? 122 ASN A C   1 
ATOM   980  O  O   . ASN A 1 123 ? -15.401 4.371   -1.378  1.00 9.98  ? 122 ASN A O   1 
ATOM   981  C  CB  . ASN A 1 123 ? -16.590 5.038   1.154   1.00 13.18 ? 122 ASN A CB  1 
ATOM   982  C  CG  . ASN A 1 123 ? -17.493 5.999   1.929   1.00 16.95 ? 122 ASN A CG  1 
ATOM   983  O  OD1 . ASN A 1 123 ? -17.719 7.140   1.459   1.00 18.59 ? 122 ASN A OD1 1 
ATOM   984  N  ND2 . ASN A 1 123 ? -17.951 5.583   3.112   1.00 11.69 ? 122 ASN A ND2 1 
ATOM   985  N  N   . PHE A 1 124 ? -16.711 2.535   -1.459  1.00 8.99  ? 123 PHE A N   1 
ATOM   986  C  CA  . PHE A 1 124 ? -15.825 1.843   -2.398  1.00 8.49  ? 123 PHE A CA  1 
ATOM   987  C  C   . PHE A 1 124 ? -16.661 1.072   -3.427  1.00 10.09 ? 123 PHE A C   1 
ATOM   988  O  O   . PHE A 1 124 ? -16.374 -0.080  -3.746  1.00 9.31  ? 123 PHE A O   1 
ATOM   989  C  CB  . PHE A 1 124 ? -14.818 0.986   -1.636  1.00 8.54  ? 123 PHE A CB  1 
ATOM   990  C  CG  . PHE A 1 124 ? -13.487 0.838   -2.327  1.00 7.74  ? 123 PHE A CG  1 
ATOM   991  C  CD1 . PHE A 1 124 ? -12.619 1.921   -2.420  1.00 7.71  ? 123 PHE A CD1 1 
ATOM   992  C  CD2 . PHE A 1 124 ? -13.072 -0.395  -2.812  1.00 7.58  ? 123 PHE A CD2 1 
ATOM   993  C  CE1 . PHE A 1 124 ? -11.389 1.774   -3.043  1.00 8.05  ? 123 PHE A CE1 1 
ATOM   994  C  CE2 . PHE A 1 124 ? -11.835 -0.529  -3.415  1.00 7.42  ? 123 PHE A CE2 1 
ATOM   995  C  CZ  . PHE A 1 124 ? -10.992 0.561   -3.515  1.00 7.63  ? 123 PHE A CZ  1 
ATOM   996  N  N   . GLY A 1 125 ? -17.616 1.783   -4.045  1.00 10.77 ? 124 GLY A N   1 
ATOM   997  C  CA  . GLY A 1 125 ? -18.263 1.259   -5.253  1.00 11.17 ? 124 GLY A CA  1 
ATOM   998  C  C   . GLY A 1 125 ? -17.315 1.308   -6.452  1.00 10.84 ? 124 GLY A C   1 
ATOM   999  O  O   . GLY A 1 125 ? -16.157 1.616   -6.334  1.00 8.90  ? 124 GLY A O   1 
ATOM   1000 N  N   . ALA A 1 126 ? -17.841 1.020   -7.644  1.00 11.36 ? 125 ALA A N   1 
ATOM   1001 C  CA  . ALA A 1 126 ? -16.990 0.864   -8.829  1.00 11.48 ? 125 ALA A CA  1 
ATOM   1002 C  C   . ALA A 1 126 ? -16.227 2.163   -9.128  1.00 10.86 ? 125 ALA A C   1 
ATOM   1003 O  O   . ALA A 1 126 ? -15.020 2.121   -9.462  1.00 9.13  ? 125 ALA A O   1 
ATOM   1004 C  CB  . ALA A 1 126 ? -17.803 0.419   -10.019 1.00 13.46 ? 125 ALA A CB  1 
ATOM   1005 N  N   . ASP A 1 127 ? -16.918 3.312   -9.116  1.00 10.51 ? 126 ASP A N   1 
ATOM   1006 C  CA  . ASP A 1 127 ? -16.199 4.546   -9.416  1.00 11.68 ? 126 ASP A CA  1 
ATOM   1007 C  C   . ASP A 1 127 ? -15.072 4.828   -8.395  1.00 10.25 ? 126 ASP A C   1 
ATOM   1008 O  O   . ASP A 1 127 ? -13.950 5.281   -8.793  1.00 9.02  ? 126 ASP A O   1 
ATOM   1009 C  CB  . ASP A 1 127 ? -17.151 5.725   -9.535  1.00 13.27 ? 126 ASP A CB  1 
ATOM   1010 C  CG  . ASP A 1 127 ? -18.027 5.647   -10.779 1.00 15.34 ? 126 ASP A CG  1 
ATOM   1011 O  OD1 . ASP A 1 127 ? -17.689 4.944   -11.738 1.00 15.70 ? 126 ASP A OD1 1 
ATOM   1012 O  OD2 . ASP A 1 127 ? -19.089 6.258   -10.724 1.00 20.21 ? 126 ASP A OD2 1 
ATOM   1013 N  N   . ALA A 1 128 ? -15.369 4.649   -7.111  1.00 9.45  ? 127 ALA A N   1 
ATOM   1014 C  CA  . ALA A 1 128 ? -14.379 4.857   -6.058  1.00 9.71  ? 127 ALA A CA  1 
ATOM   1015 C  C   . ALA A 1 128 ? -13.189 3.899   -6.225  1.00 8.62  ? 127 ALA A C   1 
ATOM   1016 O  O   . ALA A 1 128 ? -12.001 4.309   -6.082  1.00 7.82  ? 127 ALA A O   1 
ATOM   1017 C  CB  . ALA A 1 128 ? -15.051 4.656   -4.719  1.00 10.05 ? 127 ALA A CB  1 
ATOM   1018 N  N   . GLN A 1 129 ? -13.468 2.623   -6.515  1.00 7.76  ? 128 GLN A N   1 
ATOM   1019 C  CA  . GLN A 1 129 ? -12.386 1.651   -6.728  1.00 7.60  ? 128 GLN A CA  1 
ATOM   1020 C  C   . GLN A 1 129 ? -11.547 2.034   -7.950  1.00 7.80  ? 128 GLN A C   1 
ATOM   1021 O  O   . GLN A 1 129 ? -10.331 1.926   -7.929  1.00 7.85  ? 128 GLN A O   1 
ATOM   1022 C  CB  . GLN A 1 129 ? -12.916 0.210   -6.833  1.00 7.94  ? 128 GLN A CB  1 
ATOM   1023 C  CG  . GLN A 1 129 ? -11.834 -0.811  -7.161  1.00 8.10  ? 128 GLN A CG  1 
ATOM   1024 C  CD  . GLN A 1 129 ? -12.306 -2.261  -7.140  1.00 9.01  ? 128 GLN A CD  1 
ATOM   1025 O  OE1 . GLN A 1 129 ? -13.223 -2.588  -6.411  1.00 10.35 ? 128 GLN A OE1 1 
ATOM   1026 N  NE2 . GLN A 1 129 ? -11.596 -3.120  -7.821  1.00 9.65  ? 128 GLN A NE2 1 
ATOM   1027 N  N   . GLY A 1 130 ? -12.214 2.415   -9.053  1.00 8.03  ? 129 GLY A N   1 
ATOM   1028 C  CA  . GLY A 1 130 ? -11.544 3.003   -10.236 1.00 8.11  ? 129 GLY A CA  1 
ATOM   1029 C  C   . GLY A 1 130 ? -10.571 4.134   -9.883  1.00 7.89  ? 129 GLY A C   1 
ATOM   1030 O  O   . GLY A 1 130 ? -9.394  4.193   -10.356 1.00 8.81  ? 129 GLY A O   1 
ATOM   1031 N  N   . ALA A 1 131 ? -11.016 5.049   -9.033  1.00 8.17  ? 130 ALA A N   1 
ATOM   1032 C  CA  . ALA A 1 131 ? -10.193 6.183   -8.638  1.00 7.59  ? 130 ALA A CA  1 
ATOM   1033 C  C   . ALA A 1 131 ? -8.995  5.714   -7.833  1.00 7.19  ? 130 ALA A C   1 
ATOM   1034 O  O   . ALA A 1 131 ? -7.872  6.208   -8.031  1.00 7.20  ? 130 ALA A O   1 
ATOM   1035 C  CB  . ALA A 1 131 ? -10.965 7.196   -7.852  1.00 7.66  ? 130 ALA A CB  1 
ATOM   1036 N  N   . MET A 1 132 ? -9.238  4.833   -6.854  1.00 7.45  ? 131 MET A N   1 
ATOM   1037 C  CA  . MET A 1 132 ? -8.148  4.314   -6.022  1.00 7.41  ? 131 MET A CA  1 
ATOM   1038 C  C   . MET A 1 132 ? -7.146  3.538   -6.898  1.00 7.13  ? 131 MET A C   1 
ATOM   1039 O  O   . MET A 1 132 ? -5.939  3.679   -6.748  1.00 6.45  ? 131 MET A O   1 
ATOM   1040 C  CB  . MET A 1 132 ? -8.692  3.402   -4.923  1.00 7.81  ? 131 MET A CB  1 
ATOM   1041 C  CG  . MET A 1 132 ? -7.624  2.820   -4.049  1.00 8.39  ? 131 MET A CG  1 
ATOM   1042 S  SD  . MET A 1 132 ? -6.629  4.053   -3.148  1.00 8.76  ? 131 MET A SD  1 
ATOM   1043 C  CE  . MET A 1 132 ? -7.819  4.536   -1.907  1.00 8.74  ? 131 MET A CE  1 
ATOM   1044 N  N   . ASN A 1 133 ? -7.641  2.713   -7.819  1.00 7.13  ? 132 ASN A N   1 
ATOM   1045 C  CA  . ASN A 1 133 ? -6.755  2.009   -8.749  1.00 7.73  ? 132 ASN A CA  1 
ATOM   1046 C  C   . ASN A 1 133 ? -5.886  3.022   -9.531  1.00 8.19  ? 132 ASN A C   1 
ATOM   1047 O  O   . ASN A 1 133 ? -4.683  2.815   -9.732  1.00 7.85  ? 132 ASN A O   1 
ATOM   1048 C  CB  . ASN A 1 133 ? -7.532  1.114   -9.717  1.00 8.40  ? 132 ASN A CB  1 
ATOM   1049 C  CG  . ASN A 1 133 ? -6.588  0.480   -10.703 1.00 9.14  ? 132 ASN A CG  1 
ATOM   1050 O  OD1 . ASN A 1 133 ? -5.609  -0.170  -10.304 1.00 12.34 ? 132 ASN A OD1 1 
ATOM   1051 N  ND2 . ASN A 1 133 ? -6.798  0.792   -11.963 1.00 10.73 ? 132 ASN A ND2 1 
ATOM   1052 N  N   . LYS A 1 134 ? -6.505  4.090   -10.032 1.00 8.60  ? 133 LYS A N   1 
ATOM   1053 C  CA  . LYS A 1 134 ? -5.748  5.107   -10.777 1.00 9.27  ? 133 LYS A CA  1 
ATOM   1054 C  C   . LYS A 1 134 ? -4.682  5.739   -9.882  1.00 8.09  ? 133 LYS A C   1 
ATOM   1055 O  O   . LYS A 1 134 ? -3.561  5.976   -10.329 1.00 8.28  ? 133 LYS A O   1 
ATOM   1056 C  CB  . LYS A 1 134 ? -6.726  6.133   -11.324 1.00 11.73 ? 133 LYS A CB  1 
ATOM   1057 C  CG  . LYS A 1 134 ? -6.244  6.918   -12.518 1.00 17.55 ? 133 LYS A CG  1 
ATOM   1058 C  CD  . LYS A 1 134 ? -7.375  7.732   -13.154 1.00 18.91 ? 133 LYS A CD  1 
ATOM   1059 C  CE  . LYS A 1 134 ? -6.824  8.857   -13.991 1.00 24.42 ? 133 LYS A CE  1 
ATOM   1060 N  NZ  . LYS A 1 134 ? -7.920  9.624   -14.622 1.00 27.06 ? 133 LYS A NZ  1 
ATOM   1061 N  N   . ALA A 1 135 ? -5.018  6.023   -8.616  1.00 7.82  ? 134 ALA A N   1 
ATOM   1062 C  CA  . ALA A 1 135 ? -4.035  6.638   -7.704  1.00 8.00  ? 134 ALA A CA  1 
ATOM   1063 C  C   . ALA A 1 135 ? -2.863  5.675   -7.448  1.00 8.43  ? 134 ALA A C   1 
ATOM   1064 O  O   . ALA A 1 135 ? -1.679  6.094   -7.405  1.00 8.14  ? 134 ALA A O   1 
ATOM   1065 C  CB  . ALA A 1 135 ? -4.703  7.039   -6.409  1.00 8.51  ? 134 ALA A CB  1 
ATOM   1066 N  N   . LEU A 1 136 ? -3.163  4.389   -7.253  1.00 7.57  ? 135 LEU A N   1 
ATOM   1067 C  CA  . LEU A 1 136 ? -2.130  3.387   -6.992  1.00 7.96  ? 135 LEU A CA  1 
ATOM   1068 C  C   . LEU A 1 136 ? -1.322  3.144   -8.264  1.00 8.57  ? 135 LEU A C   1 
ATOM   1069 O  O   . LEU A 1 136 ? -0.113  2.955   -8.170  1.00 8.98  ? 135 LEU A O   1 
ATOM   1070 C  CB  . LEU A 1 136 ? -2.737  2.089   -6.445  1.00 8.43  ? 135 LEU A CB  1 
ATOM   1071 C  CG  . LEU A 1 136 ? -3.436  2.286   -5.091  1.00 9.01  ? 135 LEU A CG  1 
ATOM   1072 C  CD1 . LEU A 1 136 ? -4.122  1.000   -4.649  1.00 9.71  ? 135 LEU A CD1 1 
ATOM   1073 C  CD2 . LEU A 1 136 ? -2.464  2.714   -4.010  1.00 10.57 ? 135 LEU A CD2 1 
ATOM   1074 N  N   . GLU A 1 137 ? -1.943  3.208   -9.441  1.00 9.38  ? 136 GLU A N   1 
ATOM   1075 C  CA  . GLU A 1 137 ? -1.203  3.034   -10.693 1.00 9.94  ? 136 GLU A CA  1 
ATOM   1076 C  C   . GLU A 1 137 ? -0.222  4.200   -10.830 1.00 9.01  ? 136 GLU A C   1 
ATOM   1077 O  O   . GLU A 1 137 ? 0.910   3.990   -11.357 1.00 8.23  ? 136 GLU A O   1 
ATOM   1078 C  CB  . GLU A 1 137 ? -2.081  2.995   -11.943 1.00 12.59 ? 136 GLU A CB  1 
ATOM   1079 C  CG  . GLU A 1 137 ? -2.921  1.745   -12.025 1.00 15.56 ? 136 GLU A CG  1 
ATOM   1080 C  CD  . GLU A 1 137 ? -3.700  1.498   -13.308 1.00 18.94 ? 136 GLU A CD  1 
ATOM   1081 O  OE1 . GLU A 1 137 ? -3.934  2.443   -14.013 1.00 22.23 ? 136 GLU A OE1 1 
ATOM   1082 O  OE2 . GLU A 1 137 ? -4.116  0.338   -13.518 1.00 23.40 ? 136 GLU A OE2 1 
ATOM   1083 N  N   . LEU A 1 138 ? -0.683  5.400   -10.479 1.00 8.74  ? 137 LEU A N   1 
ATOM   1084 C  CA  . LEU A 1 138 ? 0.161   6.608   -10.559 1.00 9.09  ? 137 LEU A CA  1 
ATOM   1085 C  C   . LEU A 1 138 ? 1.342   6.444   -9.617  1.00 8.61  ? 137 LEU A C   1 
ATOM   1086 O  O   . LEU A 1 138 ? 2.513   6.740   -9.991  1.00 8.57  ? 137 LEU A O   1 
ATOM   1087 C  CB  . LEU A 1 138 ? -0.627  7.875   -10.235 1.00 9.66  ? 137 LEU A CB  1 
ATOM   1088 C  CG  . LEU A 1 138 ? 0.181   9.173   -10.154 1.00 10.65 ? 137 LEU A CG  1 
ATOM   1089 C  CD1 . LEU A 1 138 ? 0.788   9.565   -11.504 1.00 12.55 ? 137 LEU A CD1 1 
ATOM   1090 C  CD2 . LEU A 1 138 ? -0.698  10.311  -9.642  1.00 11.25 ? 137 LEU A CD2 1 
ATOM   1091 N  N   . PHE A 1 139 ? 1.044   6.015   -8.390  1.00 8.18  ? 138 PHE A N   1 
ATOM   1092 C  CA  . PHE A 1 139 ? 2.109   5.727   -7.413  1.00 9.10  ? 138 PHE A CA  1 
ATOM   1093 C  C   . PHE A 1 139 ? 3.136   4.751   -7.990  1.00 8.59  ? 138 PHE A C   1 
ATOM   1094 O  O   . PHE A 1 139 ? 4.342   4.988   -7.884  1.00 7.68  ? 138 PHE A O   1 
ATOM   1095 C  CB  . PHE A 1 139 ? 1.462   5.181   -6.154  1.00 9.81  ? 138 PHE A CB  1 
ATOM   1096 C  CG  . PHE A 1 139 ? 2.384   4.497   -5.189  1.00 11.03 ? 138 PHE A CG  1 
ATOM   1097 C  CD1 . PHE A 1 139 ? 3.268   5.237   -4.421  1.00 11.54 ? 138 PHE A CD1 1 
ATOM   1098 C  CD2 . PHE A 1 139 ? 2.345   3.127   -5.038  1.00 11.85 ? 138 PHE A CD2 1 
ATOM   1099 C  CE1 . PHE A 1 139 ? 4.090   4.605   -3.506  1.00 13.23 ? 138 PHE A CE1 1 
ATOM   1100 C  CE2 . PHE A 1 139 ? 3.197   2.489   -4.146  1.00 13.72 ? 138 PHE A CE2 1 
ATOM   1101 C  CZ  . PHE A 1 139 ? 4.026   3.225   -3.334  1.00 12.84 ? 138 PHE A CZ  1 
ATOM   1102 N  N   . ARG A 1 140 ? 2.659   3.626   -8.517  1.00 8.15  ? 139 ARG A N   1 
ATOM   1103 C  CA  . ARG A 1 140 ? 3.571   2.605   -9.057  1.00 8.85  ? 139 ARG A CA  1 
ATOM   1104 C  C   . ARG A 1 140 ? 4.345   3.139   -10.265 1.00 9.22  ? 139 ARG A C   1 
ATOM   1105 O  O   . ARG A 1 140 ? 5.525   2.781   -10.442 1.00 8.34  ? 139 ARG A O   1 
ATOM   1106 C  CB  . ARG A 1 140 ? 2.854   1.325   -9.450  1.00 9.51  ? 139 ARG A CB  1 
ATOM   1107 C  CG  . ARG A 1 140 ? 2.225   0.637   -8.245  1.00 10.24 ? 139 ARG A CG  1 
ATOM   1108 C  CD  . ARG A 1 140 ? 1.818   -0.780  -8.544  1.00 9.84  ? 139 ARG A CD  1 
ATOM   1109 N  NE  . ARG A 1 140 ? 0.991   -0.861  -9.737  1.00 9.89  ? 139 ARG A NE  1 
ATOM   1110 C  CZ  . ARG A 1 140 ? -0.344  -0.835  -9.765  1.00 11.35 ? 139 ARG A CZ  1 
ATOM   1111 N  NH1 . ARG A 1 140 ? -1.050  -0.632  -8.646  1.00 10.21 ? 139 ARG A NH1 1 
ATOM   1112 N  NH2 . ARG A 1 140 ? -0.952  -0.984  -10.957 1.00 11.37 ? 139 ARG A NH2 1 
ATOM   1113 N  N   . LYS A 1 141 ? 3.680   3.912   -11.121 1.00 9.83  ? 140 LYS A N   1 
ATOM   1114 C  CA  . LYS A 1 141 ? 4.364   4.488   -12.307 1.00 10.81 ? 140 LYS A CA  1 
ATOM   1115 C  C   . LYS A 1 141 ? 5.527   5.390   -11.867 1.00 9.60  ? 140 LYS A C   1 
ATOM   1116 O  O   . LYS A 1 141 ? 6.633   5.279   -12.383 1.00 8.44  ? 140 LYS A O   1 
ATOM   1117 C  CB  . LYS A 1 141 ? 3.408   5.343   -13.126 1.00 12.24 ? 140 LYS A CB  1 
ATOM   1118 C  CG  . LYS A 1 141 ? 3.996   6.066   -14.325 1.00 16.71 ? 140 LYS A CG  1 
ATOM   1119 C  CD  . LYS A 1 141 ? 3.007   7.052   -15.024 1.00 21.80 ? 140 LYS A CD  1 
ATOM   1120 C  CE  . LYS A 1 141 ? 3.693   7.760   -16.184 1.00 26.63 ? 140 LYS A CE  1 
ATOM   1121 N  NZ  . LYS A 1 141 ? 2.723   8.233   -17.194 1.00 33.88 ? 140 LYS A NZ  1 
ATOM   1122 N  N   . ASP A 1 142 ? 5.253   6.261   -10.897 1.00 8.50  ? 141 ASP A N   1 
ATOM   1123 C  CA  . ASP A 1 142 ? 6.261   7.222   -10.409 1.00 10.04 ? 141 ASP A CA  1 
ATOM   1124 C  C   . ASP A 1 142 ? 7.364   6.483   -9.631  1.00 10.24 ? 141 ASP A C   1 
ATOM   1125 O  O   . ASP A 1 142 ? 8.550   6.798   -9.787  1.00 9.09  ? 141 ASP A O   1 
ATOM   1126 C  CB  . ASP A 1 142 ? 5.568   8.340   -9.645  1.00 10.55 ? 141 ASP A CB  1 
ATOM   1127 C  CG  . ASP A 1 142 ? 4.821   9.352   -10.504 1.00 10.98 ? 141 ASP A CG  1 
ATOM   1128 O  OD1 . ASP A 1 142 ? 4.844   9.237   -11.755 1.00 10.99 ? 141 ASP A OD1 1 
ATOM   1129 O  OD2 . ASP A 1 142 ? 4.196   10.201  -9.920  1.00 12.65 ? 141 ASP A OD2 1 
ATOM   1130 N  N   . ILE A 1 143 ? 6.999   5.456   -8.834  1.00 9.65  ? 142 ILE A N   1 
ATOM   1131 C  CA  . ILE A 1 143 ? 7.995   4.652   -8.164  1.00 10.98 ? 142 ILE A CA  1 
ATOM   1132 C  C   . ILE A 1 143 ? 8.847   3.916   -9.194  1.00 11.51 ? 142 ILE A C   1 
ATOM   1133 O  O   . ILE A 1 143 ? 10.094  3.864   -9.020  1.00 10.79 ? 142 ILE A O   1 
ATOM   1134 C  CB  . ILE A 1 143 ? 7.401   3.627   -7.173  1.00 13.15 ? 142 ILE A CB  1 
ATOM   1135 C  CG1 . ILE A 1 143 ? 6.898   4.329   -5.919  1.00 15.05 ? 142 ILE A CG1 1 
ATOM   1136 C  CG2 . ILE A 1 143 ? 8.432   2.525   -6.875  1.00 15.73 ? 142 ILE A CG2 1 
ATOM   1137 C  CD1 . ILE A 1 143 ? 7.994   4.799   -4.973  1.00 16.43 ? 142 ILE A CD1 1 
ATOM   1138 N  N   . ALA A 1 144 ? 8.220   3.371   -10.256 1.00 10.24 ? 143 ALA A N   1 
ATOM   1139 C  CA  . ALA A 1 144 ? 8.999   2.655   -11.281 1.00 11.39 ? 143 ALA A CA  1 
ATOM   1140 C  C   . ALA A 1 144 ? 10.025  3.595   -11.921 1.00 10.68 ? 143 ALA A C   1 
ATOM   1141 O  O   . ALA A 1 144 ? 11.160  3.209   -12.160 1.00 11.14 ? 143 ALA A O   1 
ATOM   1142 C  CB  . ALA A 1 144 ? 8.078   2.058   -12.329 1.00 11.98 ? 143 ALA A CB  1 
ATOM   1143 N  N   . ALA A 1 145 ? 9.609   4.811   -12.230 1.00 11.30 ? 144 ALA A N   1 
ATOM   1144 C  CA  . ALA A 1 145 ? 10.519  5.792   -12.881 1.00 11.72 ? 144 ALA A CA  1 
ATOM   1145 C  C   . ALA A 1 145 ? 11.699  6.113   -11.956 1.00 11.72 ? 144 ALA A C   1 
ATOM   1146 O  O   . ALA A 1 145 ? 12.835  6.250   -12.381 1.00 11.44 ? 144 ALA A O   1 
ATOM   1147 C  CB  . ALA A 1 145 ? 9.778   7.050   -13.205 1.00 12.05 ? 144 ALA A CB  1 
ATOM   1148 N  N   . LYS A 1 146 ? 11.416  6.217   -10.659 1.00 11.49 ? 145 LYS A N   1 
ATOM   1149 C  CA  . LYS A 1 146 ? 12.454  6.506   -9.658  1.00 12.64 ? 145 LYS A CA  1 
ATOM   1150 C  C   . LYS A 1 146 ? 13.386  5.310   -9.544  1.00 10.42 ? 145 LYS A C   1 
ATOM   1151 O  O   . LYS A 1 146 ? 14.623  5.481   -9.452  1.00 9.37  ? 145 LYS A O   1 
ATOM   1152 C  CB  . LYS A 1 146 ? 11.871  6.841   -8.278  1.00 15.59 ? 145 LYS A CB  1 
ATOM   1153 C  CG  . LYS A 1 146 ? 11.570  8.295   -8.053  1.00 22.33 ? 145 LYS A CG  1 
ATOM   1154 C  CD  . LYS A 1 146 ? 12.881  9.085   -7.904  1.00 24.30 ? 145 LYS A CD  1 
ATOM   1155 C  CE  . LYS A 1 146 ? 12.635  10.569  -7.893  1.00 22.91 ? 145 LYS A CE  1 
ATOM   1156 N  NZ  . LYS A 1 146 ? 13.750  11.285  -8.545  1.00 24.37 ? 145 LYS A NZ  1 
ATOM   1157 N  N   . TYR A 1 147 ? 12.824  4.093   -9.526  1.00 9.62  ? 146 TYR A N   1 
ATOM   1158 C  CA  . TYR A 1 147 ? 13.639  2.882   -9.474  1.00 10.51 ? 146 TYR A CA  1 
ATOM   1159 C  C   . TYR A 1 147 ? 14.683  2.917   -10.598 1.00 12.17 ? 146 TYR A C   1 
ATOM   1160 O  O   . TYR A 1 147 ? 15.864  2.668   -10.371 1.00 11.77 ? 146 TYR A O   1 
ATOM   1161 C  CB  . TYR A 1 147 ? 12.775  1.647   -9.668  1.00 10.67 ? 146 TYR A CB  1 
ATOM   1162 C  CG  . TYR A 1 147 ? 12.137  1.054   -8.436  1.00 10.95 ? 146 TYR A CG  1 
ATOM   1163 C  CD1 . TYR A 1 147 ? 12.159  1.654   -7.190  1.00 10.17 ? 146 TYR A CD1 1 
ATOM   1164 C  CD2 . TYR A 1 147 ? 11.427  -0.122  -8.556  1.00 11.83 ? 146 TYR A CD2 1 
ATOM   1165 C  CE1 . TYR A 1 147 ? 11.592  1.039   -6.088  1.00 10.21 ? 146 TYR A CE1 1 
ATOM   1166 C  CE2 . TYR A 1 147 ? 10.848  -0.751  -7.463  1.00 12.52 ? 146 TYR A CE2 1 
ATOM   1167 C  CZ  . TYR A 1 147 ? 10.992  -0.192  -6.208  1.00 11.49 ? 146 TYR A CZ  1 
ATOM   1168 O  OH  . TYR A 1 147 ? 10.440  -0.864  -5.153  1.00 12.17 ? 146 TYR A OH  1 
ATOM   1169 N  N   . LYS A 1 148 ? 14.230  3.281   -11.790 1.00 13.61 ? 147 LYS A N   1 
ATOM   1170 C  CA  . LYS A 1 148 ? 15.116  3.269   -12.999 1.00 16.40 ? 147 LYS A CA  1 
ATOM   1171 C  C   . LYS A 1 148 ? 16.223  4.319   -12.826 1.00 15.02 ? 147 LYS A C   1 
ATOM   1172 O  O   . LYS A 1 148 ? 17.396  4.023   -13.019 1.00 13.53 ? 147 LYS A O   1 
ATOM   1173 C  CB  . LYS A 1 148 ? 14.254  3.472   -14.240 1.00 20.41 ? 147 LYS A CB  1 
ATOM   1174 C  CG  . LYS A 1 148 ? 13.820  2.211   -14.978 1.00 30.05 ? 147 LYS A CG  1 
ATOM   1175 C  CD  . LYS A 1 148 ? 13.212  1.086   -14.154 1.00 36.04 ? 147 LYS A CD  1 
ATOM   1176 C  CE  . LYS A 1 148 ? 11.686  1.087   -14.111 1.00 33.40 ? 147 LYS A CE  1 
ATOM   1177 N  NZ  . LYS A 1 148 ? 11.182  0.329   -12.940 1.00 36.61 ? 147 LYS A NZ  1 
ATOM   1178 N  N   . GLU A 1 149 ? 15.868  5.492   -12.300 1.00 13.77 ? 148 GLU A N   1 
ATOM   1179 C  CA  . GLU A 1 149 ? 16.860  6.536   -11.965 1.00 15.18 ? 148 GLU A CA  1 
ATOM   1180 C  C   . GLU A 1 149 ? 17.883  6.044   -10.934 1.00 13.76 ? 148 GLU A C   1 
ATOM   1181 O  O   . GLU A 1 149 ? 19.044  6.435   -10.984 1.00 12.25 ? 148 GLU A O   1 
ATOM   1182 C  CB  . GLU A 1 149 ? 16.227  7.822   -11.406 1.00 15.71 ? 148 GLU A CB  1 
ATOM   1183 C  CG  . GLU A 1 149 ? 15.393  8.574   -12.422 1.00 16.81 ? 148 GLU A CG  1 
ATOM   1184 C  CD  . GLU A 1 149 ? 14.509  9.686   -11.863 1.00 20.30 ? 148 GLU A CD  1 
ATOM   1185 O  OE1 . GLU A 1 149 ? 14.669  10.091  -10.701 1.00 20.73 ? 148 GLU A OE1 1 
ATOM   1186 O  OE2 . GLU A 1 149 ? 13.672  10.170  -12.620 1.00 31.21 ? 148 GLU A OE2 1 
ATOM   1187 N  N   . LEU A 1 150 ? 17.440  5.194   -9.993  1.00 11.13 ? 149 LEU A N   1 
ATOM   1188 C  CA  . LEU A 1 150 ? 18.255  4.719   -8.889  1.00 11.60 ? 149 LEU A CA  1 
ATOM   1189 C  C   . LEU A 1 150 ? 19.129  3.510   -9.304  1.00 12.12 ? 149 LEU A C   1 
ATOM   1190 O  O   . LEU A 1 150 ? 19.936  3.071   -8.527  1.00 13.99 ? 149 LEU A O   1 
ATOM   1191 C  CB  . LEU A 1 150 ? 17.332  4.323   -7.728  1.00 12.21 ? 149 LEU A CB  1 
ATOM   1192 C  CG  . LEU A 1 150 ? 16.651  5.477   -6.996  1.00 13.10 ? 149 LEU A CG  1 
ATOM   1193 C  CD1 . LEU A 1 150 ? 15.513  4.997   -6.063  1.00 13.64 ? 149 LEU A CD1 1 
ATOM   1194 C  CD2 . LEU A 1 150 ? 17.667  6.248   -6.148  1.00 13.27 ? 149 LEU A CD2 1 
ATOM   1195 N  N   . GLY A 1 151 ? 18.846  2.918   -10.465 1.00 12.39 ? 150 GLY A N   1 
ATOM   1196 C  CA  . GLY A 1 151 ? 19.583  1.798   -11.004 1.00 13.52 ? 150 GLY A CA  1 
ATOM   1197 C  C   . GLY A 1 151 ? 18.990  0.438   -10.715 1.00 14.87 ? 150 GLY A C   1 
ATOM   1198 O  O   . GLY A 1 151 ? 19.716  -0.574  -10.830 1.00 15.49 ? 150 GLY A O   1 
ATOM   1199 N  N   . TYR A 1 152 ? 17.718  0.383   -10.317 1.00 13.30 ? 151 TYR A N   1 
ATOM   1200 C  CA  . TYR A 1 152 ? 17.034  -0.873  -9.978  1.00 14.55 ? 151 TYR A CA  1 
ATOM   1201 C  C   . TYR A 1 152 ? 15.992  -1.162  -11.055 1.00 15.77 ? 151 TYR A C   1 
ATOM   1202 O  O   . TYR A 1 152 ? 15.174  -0.343  -11.341 1.00 14.33 ? 151 TYR A O   1 
ATOM   1203 C  CB  . TYR A 1 152 ? 16.381  -0.769  -8.597  1.00 14.27 ? 151 TYR A CB  1 
ATOM   1204 C  CG  . TYR A 1 152 ? 15.594  -1.984  -8.185  1.00 16.01 ? 151 TYR A CG  1 
ATOM   1205 C  CD1 . TYR A 1 152 ? 16.171  -3.249  -8.126  1.00 17.65 ? 151 TYR A CD1 1 
ATOM   1206 C  CD2 . TYR A 1 152 ? 14.297  -1.868  -7.719  1.00 16.80 ? 151 TYR A CD2 1 
ATOM   1207 C  CE1 . TYR A 1 152 ? 15.458  -4.360  -7.689  1.00 19.33 ? 151 TYR A CE1 1 
ATOM   1208 C  CE2 . TYR A 1 152 ? 13.576  -2.978  -7.283  1.00 17.85 ? 151 TYR A CE2 1 
ATOM   1209 C  CZ  . TYR A 1 152 ? 14.159  -4.226  -7.222  1.00 17.63 ? 151 TYR A CZ  1 
ATOM   1210 O  OH  . TYR A 1 152 ? 13.404  -5.331  -6.834  1.00 18.10 ? 151 TYR A OH  1 
ATOM   1211 N  N   . GLN A 1 153 ? 16.048  -2.338  -11.682 1.00 18.87 ? 152 GLN A N   1 
ATOM   1212 C  CA  . GLN A 1 153 ? 15.160  -2.534  -12.823 1.00 27.54 ? 152 GLN A CA  1 
ATOM   1213 C  C   . GLN A 1 153 ? 13.723  -2.840  -12.338 1.00 27.17 ? 152 GLN A C   1 
ATOM   1214 O  O   . GLN A 1 153 ? 12.763  -2.578  -13.074 1.00 31.32 ? 152 GLN A O   1 
ATOM   1215 C  CB  . GLN A 1 153 ? 15.776  -3.519  -13.821 1.00 32.93 ? 152 GLN A CB  1 
ATOM   1216 C  CG  . GLN A 1 153 ? 16.966  -2.894  -14.573 1.00 35.48 ? 152 GLN A CG  1 
ATOM   1217 C  CD  . GLN A 1 153 ? 16.715  -1.542  -15.221 1.00 40.02 ? 152 GLN A CD  1 
ATOM   1218 O  OE1 . GLN A 1 153 ? 15.833  -1.374  -16.068 1.00 43.12 ? 152 GLN A OE1 1 
ATOM   1219 N  NE2 . GLN A 1 153 ? 17.518  -0.549  -14.853 1.00 40.21 ? 152 GLN A NE2 1 
ATOM   1220 N  N   . GLY A 1 154 ? 13.581  -3.304  -11.091 1.00 25.52 ? 153 GLY A N   1 
ATOM   1221 C  CA  . GLY A 1 154 ? 12.230  -3.412  -10.415 1.00 24.13 ? 153 GLY A CA  1 
ATOM   1222 C  C   . GLY A 1 154 ? 11.431  -4.569  -10.937 1.00 24.47 ? 153 GLY A C   1 
ATOM   1223 O  O   . GLY A 1 154 ? 10.202  -4.598  -10.869 1.00 20.60 ? 153 GLY A O   1 
ATOM   1224 O  OXT . GLY A 1 154 ? 12.080  -5.502  -11.446 1.00 27.42 ? 153 GLY A OXT 1 
HETATM 1225 C  CHA . HEM B 2 .   ? 9.654   -0.826  5.040   1.00 10.74 ? 201 HEM A CHA 1 
HETATM 1226 C  CHB . HEM B 2 .   ? 6.033   1.716   2.985   1.00 10.53 ? 201 HEM A CHB 1 
HETATM 1227 C  CHC . HEM B 2 .   ? 5.338   -1.763  -0.267  1.00 9.96  ? 201 HEM A CHC 1 
HETATM 1228 C  CHD . HEM B 2 .   ? 8.778   -4.394  1.912   1.00 10.90 ? 201 HEM A CHD 1 
HETATM 1229 C  C1A . HEM B 2 .   ? 8.721   0.171   4.728   1.00 10.72 ? 201 HEM A C1A 1 
HETATM 1230 C  C2A . HEM B 2 .   ? 8.612   1.438   5.382   1.00 10.70 ? 201 HEM A C2A 1 
HETATM 1231 C  C3A . HEM B 2 .   ? 7.618   2.116   4.808   1.00 10.25 ? 201 HEM A C3A 1 
HETATM 1232 C  C4A . HEM B 2 .   ? 7.060   1.307   3.803   1.00 10.49 ? 201 HEM A C4A 1 
HETATM 1233 C  CMA . HEM B 2 .   ? 7.181   3.505   5.184   1.00 9.63  ? 201 HEM A CMA 1 
HETATM 1234 C  CAA . HEM B 2 .   ? 9.474   1.918   6.513   1.00 11.10 ? 201 HEM A CAA 1 
HETATM 1235 C  CBA . HEM B 2 .   ? 10.632  2.809   5.997   1.00 11.85 ? 201 HEM A CBA 1 
HETATM 1236 C  CGA . HEM B 2 .   ? 11.430  2.317   4.798   1.00 11.34 ? 201 HEM A CGA 1 
HETATM 1237 O  O1A . HEM B 2 .   ? 11.302  2.895   3.687   1.00 12.30 ? 201 HEM A O1A 1 
HETATM 1238 O  O2A . HEM B 2 .   ? 12.234  1.355   4.935   1.00 12.71 ? 201 HEM A O2A 1 
HETATM 1239 C  C1B . HEM B 2 .   ? 5.553   0.969   1.939   1.00 10.09 ? 201 HEM A C1B 1 
HETATM 1240 C  C2B . HEM B 2 .   ? 4.510   1.409   1.094   1.00 10.21 ? 201 HEM A C2B 1 
HETATM 1241 C  C3B . HEM B 2 .   ? 4.305   0.442   0.147   1.00 9.68  ? 201 HEM A C3B 1 
HETATM 1242 C  C4B . HEM B 2 .   ? 5.270   -0.614  0.471   1.00 10.21 ? 201 HEM A C4B 1 
HETATM 1243 C  CMB . HEM B 2 .   ? 3.796   2.771   1.191   1.00 9.41  ? 201 HEM A CMB 1 
HETATM 1244 C  CAB . HEM B 2 .   ? 3.302   0.318   -0.979  1.00 10.44 ? 201 HEM A CAB 1 
HETATM 1245 C  CBB . HEM B 2 .   ? 2.134   0.922   -0.837  1.00 11.57 ? 201 HEM A CBB 1 
HETATM 1246 C  C1C . HEM B 2 .   ? 6.157   -2.830  0.047   1.00 10.40 ? 201 HEM A C1C 1 
HETATM 1247 C  C2C . HEM B 2 .   ? 6.042   -4.129  -0.457  1.00 10.86 ? 201 HEM A C2C 1 
HETATM 1248 C  C3C . HEM B 2 .   ? 7.032   -4.882  0.160   1.00 11.50 ? 201 HEM A C3C 1 
HETATM 1249 C  C4C . HEM B 2 .   ? 7.732   -3.989  1.084   1.00 10.65 ? 201 HEM A C4C 1 
HETATM 1250 C  CMC . HEM B 2 .   ? 5.030   -4.607  -1.489  1.00 11.27 ? 201 HEM A CMC 1 
HETATM 1251 C  CAC . HEM B 2 .   ? 7.353   -6.317  0.012   1.00 10.85 ? 201 HEM A CAC 1 
HETATM 1252 C  CBC . HEM B 2 .   ? 6.757   -7.190  -0.810  1.00 12.64 ? 201 HEM A CBC 1 
HETATM 1253 C  C1D . HEM B 2 .   ? 9.292   -3.617  2.925   1.00 11.31 ? 201 HEM A C1D 1 
HETATM 1254 C  C2D . HEM B 2 .   ? 10.355  -4.135  3.833   1.00 11.03 ? 201 HEM A C2D 1 
HETATM 1255 C  C3D . HEM B 2 .   ? 10.571  -3.146  4.710   1.00 11.54 ? 201 HEM A C3D 1 
HETATM 1256 C  C4D . HEM B 2 .   ? 9.672   -2.022  4.316   1.00 10.38 ? 201 HEM A C4D 1 
HETATM 1257 C  CMD . HEM B 2 .   ? 11.016  -5.516  3.771   1.00 12.85 ? 201 HEM A CMD 1 
HETATM 1258 C  CAD . HEM B 2 .   ? 11.498  -3.132  5.909   1.00 12.62 ? 201 HEM A CAD 1 
HETATM 1259 C  CBD . HEM B 2 .   ? 10.610  -3.697  7.075   1.00 15.61 ? 201 HEM A CBD 1 
HETATM 1260 C  CGD . HEM B 2 .   ? 11.429  -3.839  8.332   1.00 21.94 ? 201 HEM A CGD 1 
HETATM 1261 O  O1D . HEM B 2 .   ? 12.225  -4.799  8.471   1.00 26.76 ? 201 HEM A O1D 1 
HETATM 1262 O  O2D . HEM B 2 .   ? 11.448  -2.919  9.131   1.00 19.07 ? 201 HEM A O2D 1 
HETATM 1263 N  NA  . HEM B 2 .   ? 7.736   0.119   3.705   1.00 10.16 ? 201 HEM A NA  1 
HETATM 1264 N  NB  . HEM B 2 .   ? 5.982   -0.239  1.533   1.00 10.42 ? 201 HEM A NB  1 
HETATM 1265 N  NC  . HEM B 2 .   ? 7.151   -2.751  0.971   1.00 10.75 ? 201 HEM A NC  1 
HETATM 1266 N  ND  . HEM B 2 .   ? 8.904   -2.335  3.221   1.00 10.02 ? 201 HEM A ND  1 
HETATM 1267 FE FE  . HEM B 2 .   ? 7.504   -1.301  2.387   1.00 11.40 ? 201 HEM A FE  1 
HETATM 1268 S  S   . SO4 C 3 .   ? -4.359  -19.966 9.922   1.00 22.26 ? 202 SO4 A S   1 
HETATM 1269 O  O1  . SO4 C 3 .   ? -5.805  -20.112 9.575   1.00 21.44 ? 202 SO4 A O1  1 
HETATM 1270 O  O2  . SO4 C 3 .   ? -3.757  -21.255 9.925   1.00 19.33 ? 202 SO4 A O2  1 
HETATM 1271 O  O3  . SO4 C 3 .   ? -3.672  -19.316 8.723   1.00 16.93 ? 202 SO4 A O3  1 
HETATM 1272 O  O4  . SO4 C 3 .   ? -4.338  -18.974 11.123  1.00 17.25 ? 202 SO4 A O4  1 
HETATM 1273 S  S   . SO4 D 3 .   ? -15.674 11.461  8.806   0.33 28.03 ? 203 SO4 A S   1 
HETATM 1274 O  O1  . SO4 D 3 .   ? -16.494 10.724  9.784   0.33 25.52 ? 203 SO4 A O1  1 
HETATM 1275 O  O2  . SO4 D 3 .   ? -14.370 11.781  9.454   0.33 27.01 ? 203 SO4 A O2  1 
HETATM 1276 O  O3  . SO4 D 3 .   ? -16.405 12.700  8.400   0.33 27.30 ? 203 SO4 A O3  1 
HETATM 1277 O  O4  . SO4 D 3 .   ? -15.418 10.582  7.630   0.33 27.84 ? 203 SO4 A O4  1 
HETATM 1278 S  S   . SO4 E 3 .   ? 8.269   0.144   11.468  1.00 44.94 ? 204 SO4 A S   1 
HETATM 1279 O  O1  . SO4 E 3 .   ? 7.644   -0.548  10.308  1.00 50.58 ? 204 SO4 A O1  1 
HETATM 1280 O  O2  . SO4 E 3 .   ? 8.402   -0.724  12.667  1.00 56.91 ? 204 SO4 A O2  1 
HETATM 1281 O  O3  . SO4 E 3 .   ? 9.599   0.692   10.998  1.00 48.39 ? 204 SO4 A O3  1 
HETATM 1282 O  O4  . SO4 E 3 .   ? 7.398   1.230   11.965  1.00 46.76 ? 204 SO4 A O4  1 
HETATM 1283 S  S   . SO4 F 3 .   ? -14.488 13.658  -12.806 1.00 51.95 ? 205 SO4 A S   1 
HETATM 1284 O  O1  . SO4 F 3 .   ? -13.241 12.946  -13.174 1.00 41.53 ? 205 SO4 A O1  1 
HETATM 1285 O  O2  . SO4 F 3 .   ? -14.868 13.330  -11.417 1.00 52.51 ? 205 SO4 A O2  1 
HETATM 1286 O  O3  . SO4 F 3 .   ? -15.547 13.181  -13.743 1.00 56.27 ? 205 SO4 A O3  1 
HETATM 1287 O  O4  . SO4 F 3 .   ? -14.414 15.144  -12.924 1.00 44.93 ? 205 SO4 A O4  1 
HETATM 1288 S  S   . SO4 G 3 .   ? -20.831 3.347   -7.808  1.00 44.92 ? 206 SO4 A S   1 
HETATM 1289 O  O1  . SO4 G 3 .   ? -20.735 1.880   -7.470  1.00 39.68 ? 206 SO4 A O1  1 
HETATM 1290 O  O2  . SO4 G 3 .   ? -20.881 4.119   -6.518  1.00 46.41 ? 206 SO4 A O2  1 
HETATM 1291 O  O3  . SO4 G 3 .   ? -19.722 3.753   -8.671  1.00 26.72 ? 206 SO4 A O3  1 
HETATM 1292 O  O4  . SO4 G 3 .   ? -22.056 3.555   -8.689  1.00 44.98 ? 206 SO4 A O4  1 
HETATM 1293 C  C1  . NOE H 4 .   ? 5.130   -3.272  3.289   1.00 21.17 ? 207 NOE A C1  1 
HETATM 1294 C  C2  . NOE H 4 .   ? 4.224   -2.516  2.468   1.00 23.46 ? 207 NOE A C2  1 
HETATM 1295 N  N   . NOE H 4 .   ? 6.096   -2.322  3.507   1.00 14.56 ? 207 NOE A N   1 
HETATM 1296 O  O1  . NOE H 4 .   ? 6.665   -2.429  4.470   1.00 29.84 ? 207 NOE A O1  1 
HETATM 1297 CL CL  . CL  I 5 .   ? -18.258 4.609   -6.177  1.00 32.28 ? 208 CL  A CL  1 
HETATM 1298 O  O   . HOH J 6 .   ? -20.739 -0.057  -8.250  1.00 20.98 ? 301 HOH A O   1 
HETATM 1299 O  O   . HOH J 6 .   ? 7.361   -4.649  17.526  1.00 31.63 ? 302 HOH A O   1 
HETATM 1300 O  O   . HOH J 6 .   ? -2.803  -22.038 8.075   1.00 23.92 ? 303 HOH A O   1 
HETATM 1301 O  O   . HOH J 6 .   ? 22.235  -5.211  -4.462  1.00 28.85 ? 304 HOH A O   1 
HETATM 1302 O  O   . HOH J 6 .   ? -0.949  11.092  -14.012 1.00 32.67 ? 305 HOH A O   1 
HETATM 1303 O  O   . HOH J 6 .   ? 7.630   -3.132  13.334  1.00 21.59 ? 306 HOH A O   1 
HETATM 1304 O  O   . HOH J 6 .   ? 3.784   19.109  -2.477  1.00 25.46 ? 307 HOH A O   1 
HETATM 1305 O  O   . HOH J 6 .   ? 14.396  -7.439  -7.282  1.00 22.65 ? 308 HOH A O   1 
HETATM 1306 O  O   . HOH J 6 .   ? 6.220   -17.067 2.409   1.00 18.07 ? 309 HOH A O   1 
HETATM 1307 O  O   . HOH J 6 .   ? -11.598 -1.304  12.546  1.00 25.29 ? 310 HOH A O   1 
HETATM 1308 O  O   . HOH J 6 .   ? -14.870 11.412  -9.943  1.00 33.79 ? 311 HOH A O   1 
HETATM 1309 O  O   . HOH J 6 .   ? 3.847   15.635  -9.975  1.00 31.52 ? 312 HOH A O   1 
HETATM 1310 O  O   . HOH J 6 .   ? 2.066   -14.664 -6.612  1.00 29.06 ? 313 HOH A O   1 
HETATM 1311 O  O   . HOH J 6 .   ? -8.172  12.062  5.970   1.00 28.47 ? 314 HOH A O   1 
HETATM 1312 O  O   . HOH J 6 .   ? 10.718  -0.612  8.553   1.00 27.23 ? 315 HOH A O   1 
HETATM 1313 O  O   . HOH J 6 .   ? -3.747  -1.379  -11.754 1.00 15.47 ? 316 HOH A O   1 
HETATM 1314 O  O   . HOH J 6 .   ? 3.022   -19.247 17.512  1.00 27.27 ? 317 HOH A O   1 
HETATM 1315 O  O   . HOH J 6 .   ? -11.419 5.719   15.369  1.00 26.16 ? 318 HOH A O   1 
HETATM 1316 O  O   . HOH J 6 .   ? 12.747  9.523   -14.850 0.25 7.63  ? 319 HOH A O   1 
HETATM 1317 O  O   . HOH J 6 .   ? 12.364  13.787  -0.146  1.00 18.95 ? 320 HOH A O   1 
HETATM 1318 O  O   . HOH J 6 .   ? -18.193 -6.276  2.246   1.00 21.46 ? 321 HOH A O   1 
HETATM 1319 O  O   . HOH J 6 .   ? 15.616  11.238  -6.820  1.00 21.57 ? 322 HOH A O   1 
HETATM 1320 O  O   . HOH J 6 .   ? 8.414   -6.349  -11.338 1.00 16.00 ? 323 HOH A O   1 
HETATM 1321 O  O   . HOH J 6 .   ? -12.866 19.084  -4.375  1.00 26.90 ? 324 HOH A O   1 
HETATM 1322 O  O   . HOH J 6 .   ? -6.248  -8.792  10.136  1.00 20.71 ? 325 HOH A O   1 
HETATM 1323 O  O   . HOH J 6 .   ? 8.593   -20.097 10.388  1.00 18.37 ? 326 HOH A O   1 
HETATM 1324 O  O   . HOH J 6 .   ? 2.076   -21.927 14.266  1.00 10.64 ? 327 HOH A O   1 
HETATM 1325 O  O   . HOH J 6 .   ? -6.704  -9.782  5.571   1.00 12.76 ? 328 HOH A O   1 
HETATM 1326 O  O   . HOH J 6 .   ? 10.206  -12.976 -2.289  1.00 21.46 ? 329 HOH A O   1 
HETATM 1327 O  O   . HOH J 6 .   ? -5.141  16.489  0.389   1.00 21.95 ? 330 HOH A O   1 
HETATM 1328 O  O   . HOH J 6 .   ? -11.375 -6.827  9.306   1.00 22.75 ? 331 HOH A O   1 
HETATM 1329 O  O   . HOH J 6 .   ? 7.597   8.743   2.039   1.00 15.97 ? 332 HOH A O   1 
HETATM 1330 O  O   . HOH J 6 .   ? 3.515   14.717  3.035   1.00 21.57 ? 333 HOH A O   1 
HETATM 1331 O  O   . HOH J 6 .   ? -6.993  5.245   13.188  0.25 1.31  ? 334 HOH A O   1 
HETATM 1332 O  O   . HOH J 6 .   ? -3.327  7.966   6.720   1.00 14.81 ? 335 HOH A O   1 
HETATM 1333 O  O   . HOH J 6 .   ? 5.506   18.529  -4.851  1.00 33.74 ? 336 HOH A O   1 
HETATM 1334 O  O   . HOH J 6 .   ? 2.588   -13.607 16.605  1.00 19.35 ? 337 HOH A O   1 
HETATM 1335 O  O   . HOH J 6 .   ? -15.707 12.861  -6.214  1.00 15.97 ? 338 HOH A O   1 
HETATM 1336 O  O   . HOH J 6 .   ? -6.782  1.915   15.733  1.00 13.60 ? 339 HOH A O   1 
HETATM 1337 O  O   . HOH J 6 .   ? -6.822  18.230  -7.795  1.00 14.71 ? 340 HOH A O   1 
HETATM 1338 O  O   . HOH J 6 .   ? 16.500  8.229   1.238   1.00 17.94 ? 341 HOH A O   1 
HETATM 1339 O  O   . HOH J 6 .   ? -0.978  18.604  -3.298  1.00 14.66 ? 342 HOH A O   1 
HETATM 1340 O  O   . HOH J 6 .   ? 11.627  -7.256  7.630   1.00 25.20 ? 343 HOH A O   1 
HETATM 1341 O  O   . HOH J 6 .   ? -19.978 6.764   -1.430  0.50 13.94 ? 344 HOH A O   1 
HETATM 1342 O  O   . HOH J 6 .   ? -13.665 6.734   -11.017 1.00 20.62 ? 345 HOH A O   1 
HETATM 1343 O  O   . HOH J 6 .   ? 6.339   -10.690 14.781  1.00 24.23 ? 346 HOH A O   1 
HETATM 1344 O  O   . HOH J 6 .   ? -6.917  -10.848 8.309   1.00 21.21 ? 347 HOH A O   1 
HETATM 1345 O  O   . HOH J 6 .   ? 18.680  -3.167  -5.689  1.00 21.79 ? 348 HOH A O   1 
HETATM 1346 O  O   . HOH J 6 .   ? -17.858 -5.658  -0.622  1.00 26.66 ? 349 HOH A O   1 
HETATM 1347 O  O   . HOH J 6 .   ? 0.713   14.551  2.811   1.00 11.43 ? 350 HOH A O   1 
HETATM 1348 O  O   . HOH J 6 .   ? -7.748  -2.099  15.310  1.00 27.07 ? 351 HOH A O   1 
HETATM 1349 O  O   . HOH J 6 .   ? 11.790  -13.615 11.147  1.00 24.28 ? 352 HOH A O   1 
HETATM 1350 O  O   . HOH J 6 .   ? 3.712   10.967  -13.473 1.00 25.08 ? 353 HOH A O   1 
HETATM 1351 O  O   . HOH J 6 .   ? 7.178   4.666   -14.944 1.00 15.77 ? 354 HOH A O   1 
HETATM 1352 O  O   . HOH J 6 .   ? 2.498   -1.471  -12.083 1.00 15.69 ? 355 HOH A O   1 
HETATM 1353 O  O   . HOH J 6 .   ? -17.605 0.396   6.575   0.50 0.59  ? 356 HOH A O   1 
HETATM 1354 O  O   . HOH J 6 .   ? 15.337  6.004   2.128   1.00 12.54 ? 357 HOH A O   1 
HETATM 1355 O  O   . HOH J 6 .   ? 4.993   6.266   7.917   1.00 13.65 ? 358 HOH A O   1 
HETATM 1356 O  O   . HOH J 6 .   ? 1.329   2.047   -13.189 1.00 23.00 ? 359 HOH A O   1 
HETATM 1357 O  O   . HOH J 6 .   ? 13.074  7.192   -14.904 1.00 18.98 ? 360 HOH A O   1 
HETATM 1358 O  O   . HOH J 6 .   ? -3.832  -1.041  -8.460  1.00 12.26 ? 361 HOH A O   1 
HETATM 1359 O  O   . HOH J 6 .   ? -4.133  -14.312 16.661  1.00 16.12 ? 362 HOH A O   1 
HETATM 1360 O  O   . HOH J 6 .   ? 14.057  -7.405  1.743   1.00 16.85 ? 363 HOH A O   1 
HETATM 1361 O  O   . HOH J 6 .   ? 14.971  -5.165  4.121   1.00 21.59 ? 364 HOH A O   1 
HETATM 1362 O  O   . HOH J 6 .   ? -15.022 7.006   -1.916  1.00 7.47  ? 365 HOH A O   1 
HETATM 1363 O  O   . HOH J 6 .   ? -5.990  14.153  6.783   1.00 36.96 ? 366 HOH A O   1 
HETATM 1364 O  O   . HOH J 6 .   ? -13.152 -7.450  5.801   1.00 25.42 ? 367 HOH A O   1 
HETATM 1365 O  O   . HOH J 6 .   ? -6.730  -12.195 4.173   1.00 20.69 ? 368 HOH A O   1 
HETATM 1366 O  O   . HOH J 6 .   ? -0.616  -7.829  13.578  1.00 13.12 ? 369 HOH A O   1 
HETATM 1367 O  O   . HOH J 6 .   ? 1.869   -8.361  -10.082 1.00 22.00 ? 370 HOH A O   1 
HETATM 1368 O  O   . HOH J 6 .   ? 10.657  5.533   3.367   1.00 16.40 ? 371 HOH A O   1 
HETATM 1369 O  O   . HOH J 6 .   ? -1.264  -2.412  10.930  1.00 9.90  ? 372 HOH A O   1 
HETATM 1370 O  O   . HOH J 6 .   ? -13.024 16.668  -11.117 1.00 16.43 ? 373 HOH A O   1 
HETATM 1371 O  O   . HOH J 6 .   ? -4.142  15.339  -10.240 1.00 11.26 ? 374 HOH A O   1 
HETATM 1372 O  O   . HOH J 6 .   ? -0.372  11.227  -4.713  1.00 10.19 ? 375 HOH A O   1 
HETATM 1373 O  O   . HOH J 6 .   ? -2.371  18.353  -0.938  1.00 26.45 ? 376 HOH A O   1 
HETATM 1374 O  O   . HOH J 6 .   ? 9.169   9.415   -10.364 1.00 13.20 ? 377 HOH A O   1 
HETATM 1375 O  O   . HOH J 6 .   ? 2.266   12.550  -10.113 1.00 17.75 ? 378 HOH A O   1 
HETATM 1376 O  O   . HOH J 6 .   ? 12.730  0.242   7.429   1.00 15.43 ? 379 HOH A O   1 
HETATM 1377 O  O   . HOH J 6 .   ? -14.641 1.931   -12.210 1.00 29.55 ? 380 HOH A O   1 
HETATM 1378 O  O   . HOH J 6 .   ? 0.234   -0.449  -13.423 1.00 33.26 ? 381 HOH A O   1 
HETATM 1379 O  O   . HOH J 6 .   ? -11.375 5.284   -3.547  1.00 17.36 ? 382 HOH A O   1 
HETATM 1380 O  O   . HOH J 6 .   ? -1.138  9.559   6.405   1.00 10.77 ? 383 HOH A O   1 
HETATM 1381 O  O   . HOH J 6 .   ? -17.220 -3.145  7.353   1.00 7.70  ? 384 HOH A O   1 
HETATM 1382 O  O   . HOH J 6 .   ? 19.635  8.462   -12.810 1.00 20.52 ? 385 HOH A O   1 
HETATM 1383 O  O   . HOH J 6 .   ? 4.898   -18.434 6.319   1.00 27.63 ? 386 HOH A O   1 
HETATM 1384 O  O   . HOH J 6 .   ? -17.320 -5.485  6.000   1.00 11.40 ? 387 HOH A O   1 
HETATM 1385 O  O   . HOH J 6 .   ? 3.974   2.411   13.623  1.00 14.52 ? 388 HOH A O   1 
HETATM 1386 O  O   . HOH J 6 .   ? -2.571  -9.166  -2.852  1.00 21.24 ? 389 HOH A O   1 
HETATM 1387 O  O   . HOH J 6 .   ? 10.279  11.413  -6.427  1.00 27.31 ? 390 HOH A O   1 
HETATM 1388 O  O   . HOH J 6 .   ? -8.515  -12.813 2.514   1.00 31.84 ? 391 HOH A O   1 
HETATM 1389 O  O   . HOH J 6 .   ? 3.644   -20.902 6.737   0.50 13.28 ? 392 HOH A O   1 
HETATM 1390 O  O   . HOH J 6 .   ? -17.190 2.909   4.213   1.00 10.41 ? 393 HOH A O   1 
HETATM 1391 O  O   . HOH J 6 .   ? -8.158  -6.589  -5.383  1.00 20.08 ? 394 HOH A O   1 
HETATM 1392 O  O   . HOH J 6 .   ? -7.759  -6.189  11.767  1.00 24.52 ? 395 HOH A O   1 
HETATM 1393 O  O   . HOH J 6 .   ? -13.479 8.034   9.787   1.00 31.96 ? 396 HOH A O   1 
HETATM 1394 O  O   . HOH J 6 .   ? 20.059  7.206   1.975   1.00 16.54 ? 397 HOH A O   1 
HETATM 1395 O  O   . HOH J 6 .   ? 15.755  -9.335  -1.399  1.00 28.70 ? 398 HOH A O   1 
HETATM 1396 O  O   . HOH J 6 .   ? -2.873  6.781   -12.980 1.00 21.72 ? 399 HOH A O   1 
HETATM 1397 O  O   . HOH J 6 .   ? 15.036  1.850   5.236   1.00 22.62 ? 400 HOH A O   1 
HETATM 1398 O  O   . HOH J 6 .   ? -11.259 6.741   -12.082 1.00 16.26 ? 401 HOH A O   1 
HETATM 1399 O  O   . HOH J 6 .   ? 4.895   9.344   2.660   1.00 11.22 ? 402 HOH A O   1 
HETATM 1400 O  O   . HOH J 6 .   ? -13.913 -1.008  8.650   1.00 11.21 ? 403 HOH A O   1 
HETATM 1401 O  O   . HOH J 6 .   ? -7.768  17.673  -1.169  1.00 30.46 ? 404 HOH A O   1 
HETATM 1402 O  O   . HOH J 6 .   ? -9.772  -4.217  12.226  1.00 20.05 ? 405 HOH A O   1 
HETATM 1403 O  O   . HOH J 6 .   ? -2.548  6.896   9.240   1.00 17.01 ? 406 HOH A O   1 
HETATM 1404 O  O   . HOH J 6 .   ? 1.714   -16.658 3.831   1.00 28.98 ? 407 HOH A O   1 
HETATM 1405 O  O   . HOH J 6 .   ? 6.289   16.378  -2.660  1.00 16.19 ? 408 HOH A O   1 
HETATM 1406 O  O   . HOH J 6 .   ? -19.187 1.150   4.148   1.00 15.97 ? 409 HOH A O   1 
HETATM 1407 O  O   . HOH J 6 .   ? -8.589  11.479  3.624   1.00 23.33 ? 410 HOH A O   1 
HETATM 1408 O  O   . HOH J 6 .   ? -18.789 4.426   -3.512  1.00 14.57 ? 411 HOH A O   1 
HETATM 1409 O  O   . HOH J 6 .   ? 3.794   -9.511  19.342  1.00 24.17 ? 412 HOH A O   1 
HETATM 1410 O  O   . HOH J 6 .   ? -2.684  13.062  -10.611 1.00 9.59  ? 413 HOH A O   1 
HETATM 1411 O  O   . HOH J 6 .   ? -13.189 -7.791  -1.177  1.00 17.21 ? 414 HOH A O   1 
HETATM 1412 O  O   . HOH J 6 .   ? -10.578 -6.939  5.522   1.00 19.77 ? 415 HOH A O   1 
HETATM 1413 O  O   . HOH J 6 .   ? 18.278  -4.229  -11.077 1.00 25.50 ? 416 HOH A O   1 
HETATM 1414 O  O   . HOH J 6 .   ? -22.971 4.563   -0.690  1.00 13.09 ? 417 HOH A O   1 
HETATM 1415 O  O   . HOH J 6 .   ? 17.410  10.595  -9.606  1.00 20.02 ? 418 HOH A O   1 
HETATM 1416 O  O   . HOH J 6 .   ? -0.317  8.486   -6.219  1.00 19.25 ? 419 HOH A O   1 
HETATM 1417 O  O   . HOH J 6 .   ? -5.195  -9.552  -2.748  1.00 16.00 ? 420 HOH A O   1 
HETATM 1418 O  O   . HOH J 6 .   ? 6.269   12.219  -9.078  1.00 26.37 ? 421 HOH A O   1 
HETATM 1419 O  O   . HOH J 6 .   ? 5.680   -8.685  17.812  1.00 22.27 ? 422 HOH A O   1 
HETATM 1420 O  O   . HOH J 6 .   ? 2.995   -12.185 19.190  1.00 31.40 ? 423 HOH A O   1 
HETATM 1421 O  O   . HOH J 6 .   ? 22.785  -0.480  -10.925 1.00 31.40 ? 424 HOH A O   1 
HETATM 1422 O  O   . HOH J 6 .   ? 6.494   -12.816 16.255  1.00 40.78 ? 425 HOH A O   1 
HETATM 1423 O  O   . HOH J 6 .   ? -18.181 -8.150  -1.706  1.00 29.07 ? 426 HOH A O   1 
HETATM 1424 O  O   . HOH J 6 .   ? 6.196   -25.719 10.663  1.00 14.92 ? 427 HOH A O   1 
HETATM 1425 O  O   . HOH J 6 .   ? 5.280   -16.686 15.855  1.00 30.00 ? 428 HOH A O   1 
HETATM 1426 O  O   . HOH J 6 .   ? -18.999 -5.695  -5.179  1.00 12.58 ? 429 HOH A O   1 
HETATM 1427 O  O   . HOH J 6 .   ? 9.712   3.952   -15.629 1.00 20.40 ? 430 HOH A O   1 
HETATM 1428 O  O   . HOH J 6 .   ? -19.010 -8.292  -4.364  1.00 23.69 ? 431 HOH A O   1 
HETATM 1429 O  O   . HOH J 6 .   ? 4.246   8.949   7.229   1.00 23.51 ? 432 HOH A O   1 
HETATM 1430 O  O   . HOH J 6 .   ? -0.797  6.446   -14.029 1.00 23.60 ? 433 HOH A O   1 
HETATM 1431 O  O   . HOH J 6 .   ? -14.370 18.213  -9.123  1.00 26.05 ? 434 HOH A O   1 
HETATM 1432 O  O   . HOH J 6 .   ? -13.913 -5.259  9.664   1.00 26.56 ? 435 HOH A O   1 
HETATM 1433 O  O   . HOH J 6 .   ? -0.678  16.808  2.466   1.00 21.71 ? 436 HOH A O   1 
HETATM 1434 O  O   . HOH J 6 .   ? 12.181  6.704   4.745   1.00 26.99 ? 437 HOH A O   1 
HETATM 1435 O  O   . HOH J 6 .   ? 6.951   7.110   -16.037 1.00 29.41 ? 438 HOH A O   1 
HETATM 1436 O  O   . HOH J 6 .   ? 1.212   20.106  -2.828  1.00 22.64 ? 439 HOH A O   1 
HETATM 1437 O  O   . HOH J 6 .   ? -18.148 7.147   -2.958  1.00 25.03 ? 440 HOH A O   1 
HETATM 1438 O  O   . HOH J 6 .   ? -9.423  -9.001  4.655   1.00 23.46 ? 441 HOH A O   1 
HETATM 1439 O  O   . HOH J 6 .   ? -13.694 2.187   13.901  0.33 18.77 ? 442 HOH A O   1 
HETATM 1440 O  O   . HOH J 6 .   ? 2.152   2.112   15.608  1.00 17.79 ? 443 HOH A O   1 
HETATM 1441 O  O   . HOH J 6 .   ? -14.940 9.024   -11.353 1.00 32.07 ? 444 HOH A O   1 
HETATM 1442 O  O   . HOH J 6 .   ? -24.521 3.157   -4.318  1.00 23.49 ? 445 HOH A O   1 
HETATM 1443 O  O   . HOH J 6 .   ? 8.129   11.002  -8.185  1.00 25.77 ? 446 HOH A O   1 
HETATM 1444 O  O   . HOH J 6 .   ? -14.923 -6.603  7.494   1.00 29.82 ? 447 HOH A O   1 
HETATM 1445 O  O   . HOH J 6 .   ? 5.505   2.824   -15.838 1.00 31.02 ? 448 HOH A O   1 
HETATM 1446 O  O   . HOH J 6 .   ? 0.130   0.389   16.265  1.00 27.05 ? 449 HOH A O   1 
HETATM 1447 O  O   . HOH J 6 .   ? 3.844   -17.919 3.856   1.00 21.27 ? 450 HOH A O   1 
HETATM 1448 O  O   . HOH J 6 .   ? 14.701  6.129   4.709   1.00 23.43 ? 451 HOH A O   1 
HETATM 1449 O  O   . HOH J 6 .   ? 11.256  6.000   -16.606 1.00 24.11 ? 452 HOH A O   1 
HETATM 1450 O  O   . HOH J 6 .   ? -0.003  14.073  5.357   1.00 14.53 ? 453 HOH A O   1 
HETATM 1451 O  O   . HOH J 6 .   ? 5.223   10.574  4.936   1.00 20.06 ? 454 HOH A O   1 
HETATM 1452 O  O   . HOH J 6 .   ? -1.743  15.924  6.514   1.00 25.50 ? 455 HOH A O   1 
HETATM 1453 O  O   . HOH J 6 .   ? 8.113   6.611   3.654   1.00 17.36 ? 456 HOH A O   1 
HETATM 1454 O  O   . HOH J 6 .   ? 7.558   6.927   6.249   1.00 24.92 ? 457 HOH A O   1 
HETATM 1455 O  O   . HOH J 6 .   ? 6.501   -0.532  -14.502 1.00 21.37 ? 458 HOH A O   1 
HETATM 1456 O  O   . HOH J 6 .   ? 9.170   5.094   8.156   1.00 26.30 ? 459 HOH A O   1 
HETATM 1457 O  O   . HOH J 6 .   ? 11.652  9.572   4.932   1.00 26.97 ? 460 HOH A O   1 
# 
loop_
_pdbx_poly_seq_scheme.asym_id 
_pdbx_poly_seq_scheme.entity_id 
_pdbx_poly_seq_scheme.seq_id 
_pdbx_poly_seq_scheme.mon_id 
_pdbx_poly_seq_scheme.ndb_seq_num 
_pdbx_poly_seq_scheme.pdb_seq_num 
_pdbx_poly_seq_scheme.auth_seq_num 
_pdbx_poly_seq_scheme.pdb_mon_id 
_pdbx_poly_seq_scheme.auth_mon_id 
_pdbx_poly_seq_scheme.pdb_strand_id 
_pdbx_poly_seq_scheme.pdb_ins_code 
_pdbx_poly_seq_scheme.hetero 
A 1 1   MET 1   0   ?   ?   ?   A . n 
A 1 2   VAL 2   1   1   VAL VAL A . n 
A 1 3   LEU 3   2   2   LEU LEU A . n 
A 1 4   SER 4   3   3   SER SER A . n 
A 1 5   GLU 5   4   4   GLU GLU A . n 
A 1 6   GLY 6   5   5   GLY GLY A . n 
A 1 7   GLU 7   6   6   GLU GLU A . n 
A 1 8   TRP 8   7   7   TRP TRP A . n 
A 1 9   GLN 9   8   8   GLN GLN A . n 
A 1 10  LEU 10  9   9   LEU LEU A . n 
A 1 11  VAL 11  10  10  VAL VAL A . n 
A 1 12  LEU 12  11  11  LEU LEU A . n 
A 1 13  HIS 13  12  12  HIS HIS A . n 
A 1 14  VAL 14  13  13  VAL VAL A . n 
A 1 15  TRP 15  14  14  TRP TRP A . n 
A 1 16  ALA 16  15  15  ALA ALA A . n 
A 1 17  LYS 17  16  16  LYS LYS A . n 
A 1 18  VAL 18  17  17  VAL VAL A . n 
A 1 19  GLU 19  18  18  GLU GLU A . n 
A 1 20  ALA 20  19  19  ALA ALA A . n 
A 1 21  ASP 21  20  20  ASP ASP A . n 
A 1 22  VAL 22  21  21  VAL VAL A . n 
A 1 23  ALA 23  22  22  ALA ALA A . n 
A 1 24  GLY 24  23  23  GLY GLY A . n 
A 1 25  HIS 25  24  24  HIS HIS A . n 
A 1 26  GLY 26  25  25  GLY GLY A . n 
A 1 27  GLN 27  26  26  GLN GLN A . n 
A 1 28  ASP 28  27  27  ASP ASP A . n 
A 1 29  ILE 29  28  28  ILE ILE A . n 
A 1 30  LEU 30  29  29  LEU LEU A . n 
A 1 31  ILE 31  30  30  ILE ILE A . n 
A 1 32  ARG 32  31  31  ARG ARG A . n 
A 1 33  LEU 33  32  32  LEU LEU A . n 
A 1 34  PHE 34  33  33  PHE PHE A . n 
A 1 35  LYS 35  34  34  LYS LYS A . n 
A 1 36  SER 36  35  35  SER SER A . n 
A 1 37  HIS 37  36  36  HIS HIS A . n 
A 1 38  PRO 38  37  37  PRO PRO A . n 
A 1 39  GLU 39  38  38  GLU GLU A . n 
A 1 40  THR 40  39  39  THR THR A . n 
A 1 41  LEU 41  40  40  LEU LEU A . n 
A 1 42  GLU 42  41  41  GLU GLU A . n 
A 1 43  LYS 43  42  42  LYS LYS A . n 
A 1 44  PHE 44  43  43  PHE PHE A . n 
A 1 45  ASP 45  44  44  ASP ASP A . n 
A 1 46  ARG 46  45  45  ARG ARG A . n 
A 1 47  PHE 47  46  46  PHE PHE A . n 
A 1 48  LYS 48  47  47  LYS LYS A . n 
A 1 49  HIS 49  48  48  HIS HIS A . n 
A 1 50  LEU 50  49  49  LEU LEU A . n 
A 1 51  LYS 51  50  50  LYS LYS A . n 
A 1 52  THR 52  51  51  THR THR A . n 
A 1 53  GLU 53  52  52  GLU GLU A . n 
A 1 54  ALA 54  53  53  ALA ALA A . n 
A 1 55  GLU 55  54  54  GLU GLU A . n 
A 1 56  MET 56  55  55  MET MET A . n 
A 1 57  LYS 57  56  56  LYS LYS A . n 
A 1 58  ALA 58  57  57  ALA ALA A . n 
A 1 59  SER 59  58  58  SER SER A . n 
A 1 60  GLU 60  59  59  GLU GLU A . n 
A 1 61  ASP 61  60  60  ASP ASP A . n 
A 1 62  LEU 62  61  61  LEU LEU A . n 
A 1 63  LYS 63  62  62  LYS LYS A . n 
A 1 64  LYS 64  63  63  LYS LYS A . n 
A 1 65  HIS 65  64  64  HIS HIS A . n 
A 1 66  GLY 66  65  65  GLY GLY A . n 
A 1 67  VAL 67  66  66  VAL VAL A . n 
A 1 68  THR 68  67  67  THR THR A . n 
A 1 69  VAL 69  68  68  VAL VAL A . n 
A 1 70  LEU 70  69  69  LEU LEU A . n 
A 1 71  THR 71  70  70  THR THR A . n 
A 1 72  ALA 72  71  71  ALA ALA A . n 
A 1 73  LEU 73  72  72  LEU LEU A . n 
A 1 74  GLY 74  73  73  GLY GLY A . n 
A 1 75  ALA 75  74  74  ALA ALA A . n 
A 1 76  ILE 76  75  75  ILE ILE A . n 
A 1 77  LEU 77  76  76  LEU LEU A . n 
A 1 78  LYS 78  77  77  LYS LYS A . n 
A 1 79  LYS 79  78  78  LYS LYS A . n 
A 1 80  LYS 80  79  79  LYS LYS A . n 
A 1 81  GLY 81  80  80  GLY GLY A . n 
A 1 82  HIS 82  81  81  HIS HIS A . n 
A 1 83  HIS 83  82  82  HIS HIS A . n 
A 1 84  GLU 84  83  83  GLU GLU A . n 
A 1 85  ALA 85  84  84  ALA ALA A . n 
A 1 86  GLU 86  85  85  GLU GLU A . n 
A 1 87  LEU 87  86  86  LEU LEU A . n 
A 1 88  LYS 88  87  87  LYS LYS A . n 
A 1 89  PRO 89  88  88  PRO PRO A . n 
A 1 90  LEU 90  89  89  LEU LEU A . n 
A 1 91  ALA 91  90  90  ALA ALA A . n 
A 1 92  GLN 92  91  91  GLN GLN A . n 
A 1 93  SER 93  92  92  SER SER A . n 
A 1 94  HIS 94  93  93  HIS HIS A . n 
A 1 95  ALA 95  94  94  ALA ALA A . n 
A 1 96  THR 96  95  95  THR THR A . n 
A 1 97  LYS 97  96  96  LYS LYS A . n 
A 1 98  HIS 98  97  97  HIS HIS A . n 
A 1 99  LYS 99  98  98  LYS LYS A . n 
A 1 100 ILE 100 99  99  ILE ILE A . n 
A 1 101 PRO 101 100 100 PRO PRO A . n 
A 1 102 ILE 102 101 101 ILE ILE A . n 
A 1 103 LYS 103 102 102 LYS LYS A . n 
A 1 104 TYR 104 103 103 TYR TYR A . n 
A 1 105 LEU 105 104 104 LEU LEU A . n 
A 1 106 GLU 106 105 105 GLU GLU A . n 
A 1 107 PHE 107 106 106 PHE PHE A . n 
A 1 108 ILE 108 107 107 ILE ILE A . n 
A 1 109 SER 109 108 108 SER SER A . n 
A 1 110 GLU 110 109 109 GLU GLU A . n 
A 1 111 ALA 111 110 110 ALA ALA A . n 
A 1 112 ILE 112 111 111 ILE ILE A . n 
A 1 113 ILE 113 112 112 ILE ILE A . n 
A 1 114 HIS 114 113 113 HIS HIS A . n 
A 1 115 VAL 115 114 114 VAL VAL A . n 
A 1 116 LEU 116 115 115 LEU LEU A . n 
A 1 117 HIS 117 116 116 HIS HIS A . n 
A 1 118 SER 118 117 117 SER SER A . n 
A 1 119 ARG 119 118 118 ARG ARG A . n 
A 1 120 HIS 120 119 119 HIS HIS A . n 
A 1 121 PRO 121 120 120 PRO PRO A . n 
A 1 122 GLY 122 121 121 GLY GLY A . n 
A 1 123 ASN 123 122 122 ASN ASN A . n 
A 1 124 PHE 124 123 123 PHE PHE A . n 
A 1 125 GLY 125 124 124 GLY GLY A . n 
A 1 126 ALA 126 125 125 ALA ALA A . n 
A 1 127 ASP 127 126 126 ASP ASP A . n 
A 1 128 ALA 128 127 127 ALA ALA A . n 
A 1 129 GLN 129 128 128 GLN GLN A . n 
A 1 130 GLY 130 129 129 GLY GLY A . n 
A 1 131 ALA 131 130 130 ALA ALA A . n 
A 1 132 MET 132 131 131 MET MET A . n 
A 1 133 ASN 133 132 132 ASN ASN A . n 
A 1 134 LYS 134 133 133 LYS LYS A . n 
A 1 135 ALA 135 134 134 ALA ALA A . n 
A 1 136 LEU 136 135 135 LEU LEU A . n 
A 1 137 GLU 137 136 136 GLU GLU A . n 
A 1 138 LEU 138 137 137 LEU LEU A . n 
A 1 139 PHE 139 138 138 PHE PHE A . n 
A 1 140 ARG 140 139 139 ARG ARG A . n 
A 1 141 LYS 141 140 140 LYS LYS A . n 
A 1 142 ASP 142 141 141 ASP ASP A . n 
A 1 143 ILE 143 142 142 ILE ILE A . n 
A 1 144 ALA 144 143 143 ALA ALA A . n 
A 1 145 ALA 145 144 144 ALA ALA A . n 
A 1 146 LYS 146 145 145 LYS LYS A . n 
A 1 147 TYR 147 146 146 TYR TYR A . n 
A 1 148 LYS 148 147 147 LYS LYS A . n 
A 1 149 GLU 149 148 148 GLU GLU A . n 
A 1 150 LEU 150 149 149 LEU LEU A . n 
A 1 151 GLY 151 150 150 GLY GLY A . n 
A 1 152 TYR 152 151 151 TYR TYR A . n 
A 1 153 GLN 153 152 152 GLN GLN A . n 
A 1 154 GLY 154 153 153 GLY GLY A . n 
# 
loop_
_pdbx_nonpoly_scheme.asym_id 
_pdbx_nonpoly_scheme.entity_id 
_pdbx_nonpoly_scheme.mon_id 
_pdbx_nonpoly_scheme.ndb_seq_num 
_pdbx_nonpoly_scheme.pdb_seq_num 
_pdbx_nonpoly_scheme.auth_seq_num 
_pdbx_nonpoly_scheme.pdb_mon_id 
_pdbx_nonpoly_scheme.auth_mon_id 
_pdbx_nonpoly_scheme.pdb_strand_id 
_pdbx_nonpoly_scheme.pdb_ins_code 
B 2 HEM 1   201 200 HEM HEM A . 
C 3 SO4 1   202 451 SO4 SO4 A . 
D 3 SO4 1   203 452 SO4 SO4 A . 
E 3 SO4 1   204 454 SO4 SO4 A . 
F 3 SO4 1   205 455 SO4 SO4 A . 
G 3 SO4 1   206 456 SO4 SO4 A . 
H 4 NOE 1   207 601 NOE NOE A . 
I 5 CL  1   208 701 CL  CL  A . 
J 6 HOH 1   301 273 HOH HOH A . 
J 6 HOH 2   302 390 HOH HOH A . 
J 6 HOH 3   303 380 HOH HOH A . 
J 6 HOH 4   304 393 HOH HOH A . 
J 6 HOH 5   305 398 HOH HOH A . 
J 6 HOH 6   306 392 HOH HOH A . 
J 6 HOH 7   307 354 HOH HOH A . 
J 6 HOH 8   308 334 HOH HOH A . 
J 6 HOH 9   309 383 HOH HOH A . 
J 6 HOH 10  310 347 HOH HOH A . 
J 6 HOH 11  311 415 HOH HOH A . 
J 6 HOH 12  312 365 HOH HOH A . 
J 6 HOH 13  313 406 HOH HOH A . 
J 6 HOH 14  314 397 HOH HOH A . 
J 6 HOH 15  315 396 HOH HOH A . 
J 6 HOH 16  316 278 HOH HOH A . 
J 6 HOH 17  317 366 HOH HOH A . 
J 6 HOH 18  318 394 HOH HOH A . 
J 6 HOH 19  319 414 HOH HOH A . 
J 6 HOH 20  320 343 HOH HOH A . 
J 6 HOH 21  321 309 HOH HOH A . 
J 6 HOH 22  322 339 HOH HOH A . 
J 6 HOH 23  323 325 HOH HOH A . 
J 6 HOH 24  324 358 HOH HOH A . 
J 6 HOH 25  325 363 HOH HOH A . 
J 6 HOH 26  326 320 HOH HOH A . 
J 6 HOH 27  327 265 HOH HOH A . 
J 6 HOH 28  328 294 HOH HOH A . 
J 6 HOH 29  329 300 HOH HOH A . 
J 6 HOH 30  330 296 HOH HOH A . 
J 6 HOH 31  331 371 HOH HOH A . 
J 6 HOH 32  332 346 HOH HOH A . 
J 6 HOH 33  333 287 HOH HOH A . 
J 6 HOH 34  334 412 HOH HOH A . 
J 6 HOH 35  335 270 HOH HOH A . 
J 6 HOH 36  336 409 HOH HOH A . 
J 6 HOH 37  337 315 HOH HOH A . 
J 6 HOH 38  338 295 HOH HOH A . 
J 6 HOH 39  339 277 HOH HOH A . 
J 6 HOH 40  340 316 HOH HOH A . 
J 6 HOH 41  341 310 HOH HOH A . 
J 6 HOH 42  342 274 HOH HOH A . 
J 6 HOH 43  343 332 HOH HOH A . 
J 6 HOH 44  344 419 HOH HOH A . 
J 6 HOH 45  345 318 HOH HOH A . 
J 6 HOH 46  346 407 HOH HOH A . 
J 6 HOH 47  347 290 HOH HOH A . 
J 6 HOH 48  348 388 HOH HOH A . 
J 6 HOH 49  349 335 HOH HOH A . 
J 6 HOH 50  350 256 HOH HOH A . 
J 6 HOH 51  351 373 HOH HOH A . 
J 6 HOH 52  352 317 HOH HOH A . 
J 6 HOH 53  353 395 HOH HOH A . 
J 6 HOH 54  354 288 HOH HOH A . 
J 6 HOH 55  355 276 HOH HOH A . 
J 6 HOH 56  356 279 HOH HOH A . 
J 6 HOH 57  357 268 HOH HOH A . 
J 6 HOH 58  358 289 HOH HOH A . 
J 6 HOH 59  359 408 HOH HOH A . 
J 6 HOH 60  360 302 HOH HOH A . 
J 6 HOH 61  361 258 HOH HOH A . 
J 6 HOH 62  362 271 HOH HOH A . 
J 6 HOH 63  363 308 HOH HOH A . 
J 6 HOH 64  364 348 HOH HOH A . 
J 6 HOH 65  365 251 HOH HOH A . 
J 6 HOH 66  366 416 HOH HOH A . 
J 6 HOH 67  367 330 HOH HOH A . 
J 6 HOH 68  368 307 HOH HOH A . 
J 6 HOH 69  369 267 HOH HOH A . 
J 6 HOH 70  370 362 HOH HOH A . 
J 6 HOH 71  371 261 HOH HOH A . 
J 6 HOH 72  372 304 HOH HOH A . 
J 6 HOH 73  373 312 HOH HOH A . 
J 6 HOH 74  374 378 HOH HOH A . 
J 6 HOH 75  375 275 HOH HOH A . 
J 6 HOH 76  376 336 HOH HOH A . 
J 6 HOH 77  377 292 HOH HOH A . 
J 6 HOH 78  378 286 HOH HOH A . 
J 6 HOH 79  379 272 HOH HOH A . 
J 6 HOH 80  380 385 HOH HOH A . 
J 6 HOH 81  381 368 HOH HOH A . 
J 6 HOH 82  382 337 HOH HOH A . 
J 6 HOH 83  383 260 HOH HOH A . 
J 6 HOH 84  384 259 HOH HOH A . 
J 6 HOH 85  385 324 HOH HOH A . 
J 6 HOH 86  386 351 HOH HOH A . 
J 6 HOH 87  387 263 HOH HOH A . 
J 6 HOH 88  388 297 HOH HOH A . 
J 6 HOH 89  389 306 HOH HOH A . 
J 6 HOH 90  390 369 HOH HOH A . 
J 6 HOH 91  391 356 HOH HOH A . 
J 6 HOH 92  392 405 HOH HOH A . 
J 6 HOH 93  393 254 HOH HOH A . 
J 6 HOH 94  394 331 HOH HOH A . 
J 6 HOH 95  395 353 HOH HOH A . 
J 6 HOH 96  396 421 HOH HOH A . 
J 6 HOH 97  397 344 HOH HOH A . 
J 6 HOH 98  398 374 HOH HOH A . 
J 6 HOH 99  399 357 HOH HOH A . 
J 6 HOH 100 400 333 HOH HOH A . 
J 6 HOH 101 401 301 HOH HOH A . 
J 6 HOH 102 402 262 HOH HOH A . 
J 6 HOH 103 403 257 HOH HOH A . 
J 6 HOH 104 404 413 HOH HOH A . 
J 6 HOH 105 405 314 HOH HOH A . 
J 6 HOH 106 406 284 HOH HOH A . 
J 6 HOH 107 407 355 HOH HOH A . 
J 6 HOH 108 408 269 HOH HOH A . 
J 6 HOH 109 409 298 HOH HOH A . 
J 6 HOH 110 410 329 HOH HOH A . 
J 6 HOH 111 411 422 HOH HOH A . 
J 6 HOH 112 412 319 HOH HOH A . 
J 6 HOH 113 413 253 HOH HOH A . 
J 6 HOH 114 414 299 HOH HOH A . 
J 6 HOH 115 415 328 HOH HOH A . 
J 6 HOH 116 416 391 HOH HOH A . 
J 6 HOH 117 417 282 HOH HOH A . 
J 6 HOH 118 418 293 HOH HOH A . 
J 6 HOH 119 419 340 HOH HOH A . 
J 6 HOH 120 420 266 HOH HOH A . 
J 6 HOH 121 421 341 HOH HOH A . 
J 6 HOH 122 422 281 HOH HOH A . 
J 6 HOH 123 423 364 HOH HOH A . 
J 6 HOH 124 424 327 HOH HOH A . 
J 6 HOH 125 425 350 HOH HOH A . 
J 6 HOH 126 426 410 HOH HOH A . 
J 6 HOH 127 427 285 HOH HOH A . 
J 6 HOH 128 428 420 HOH HOH A . 
J 6 HOH 129 429 283 HOH HOH A . 
J 6 HOH 130 430 322 HOH HOH A . 
J 6 HOH 131 431 387 HOH HOH A . 
J 6 HOH 132 432 342 HOH HOH A . 
J 6 HOH 133 433 384 HOH HOH A . 
J 6 HOH 134 434 360 HOH HOH A . 
J 6 HOH 135 435 372 HOH HOH A . 
J 6 HOH 136 436 321 HOH HOH A . 
J 6 HOH 137 437 417 HOH HOH A . 
J 6 HOH 138 438 375 HOH HOH A . 
J 6 HOH 139 439 352 HOH HOH A . 
J 6 HOH 140 440 377 HOH HOH A . 
J 6 HOH 141 441 303 HOH HOH A . 
J 6 HOH 142 442 403 HOH HOH A . 
J 6 HOH 143 443 313 HOH HOH A . 
J 6 HOH 144 444 359 HOH HOH A . 
J 6 HOH 145 445 345 HOH HOH A . 
J 6 HOH 146 446 338 HOH HOH A . 
J 6 HOH 147 447 401 HOH HOH A . 
J 6 HOH 148 448 370 HOH HOH A . 
J 6 HOH 149 449 376 HOH HOH A . 
J 6 HOH 150 450 400 HOH HOH A . 
J 6 HOH 151 451 367 HOH HOH A . 
J 6 HOH 152 452 305 HOH HOH A . 
J 6 HOH 153 453 280 HOH HOH A . 
J 6 HOH 154 454 323 HOH HOH A . 
J 6 HOH 155 455 326 HOH HOH A . 
J 6 HOH 156 456 311 HOH HOH A . 
J 6 HOH 157 457 349 HOH HOH A . 
J 6 HOH 158 458 389 HOH HOH A . 
J 6 HOH 159 459 411 HOH HOH A . 
J 6 HOH 160 460 399 HOH HOH A . 
# 
_pdbx_struct_assembly.id                   1 
_pdbx_struct_assembly.details              author_defined_assembly 
_pdbx_struct_assembly.method_details       ? 
_pdbx_struct_assembly.oligomeric_details   monomeric 
_pdbx_struct_assembly.oligomeric_count     1 
# 
_pdbx_struct_assembly_gen.assembly_id       1 
_pdbx_struct_assembly_gen.oper_expression   1 
_pdbx_struct_assembly_gen.asym_id_list      A,B,C,D,E,F,G,H,I,J 
# 
loop_
_pdbx_struct_assembly_prop.biol_id 
_pdbx_struct_assembly_prop.type 
_pdbx_struct_assembly_prop.value 
_pdbx_struct_assembly_prop.details 
1 'ABSA (A^2)' 2300 ? 
1 MORE         -83  ? 
1 'SSA (A^2)'  7850 ? 
# 
_pdbx_struct_oper_list.id                   1 
_pdbx_struct_oper_list.type                 'identity operation' 
_pdbx_struct_oper_list.name                 1_555 
_pdbx_struct_oper_list.symmetry_operation   x,y,z 
_pdbx_struct_oper_list.matrix[1][1]         1.0000000000 
_pdbx_struct_oper_list.matrix[1][2]         0.0000000000 
_pdbx_struct_oper_list.matrix[1][3]         0.0000000000 
_pdbx_struct_oper_list.vector[1]            0.0000000000 
_pdbx_struct_oper_list.matrix[2][1]         0.0000000000 
_pdbx_struct_oper_list.matrix[2][2]         1.0000000000 
_pdbx_struct_oper_list.matrix[2][3]         0.0000000000 
_pdbx_struct_oper_list.vector[2]            0.0000000000 
_pdbx_struct_oper_list.matrix[3][1]         0.0000000000 
_pdbx_struct_oper_list.matrix[3][2]         0.0000000000 
_pdbx_struct_oper_list.matrix[3][3]         1.0000000000 
_pdbx_struct_oper_list.vector[3]            0.0000000000 
# 
_pdbx_struct_special_symmetry.id              1 
_pdbx_struct_special_symmetry.PDB_model_num   1 
_pdbx_struct_special_symmetry.auth_asym_id    A 
_pdbx_struct_special_symmetry.auth_comp_id    HOH 
_pdbx_struct_special_symmetry.auth_seq_id     442 
_pdbx_struct_special_symmetry.PDB_ins_code    ? 
_pdbx_struct_special_symmetry.label_asym_id   J 
_pdbx_struct_special_symmetry.label_comp_id   HOH 
_pdbx_struct_special_symmetry.label_seq_id    . 
# 
loop_
_pdbx_struct_conn_angle.id 
_pdbx_struct_conn_angle.ptnr1_label_atom_id 
_pdbx_struct_conn_angle.ptnr1_label_alt_id 
_pdbx_struct_conn_angle.ptnr1_label_asym_id 
_pdbx_struct_conn_angle.ptnr1_label_comp_id 
_pdbx_struct_conn_angle.ptnr1_label_seq_id 
_pdbx_struct_conn_angle.ptnr1_auth_atom_id 
_pdbx_struct_conn_angle.ptnr1_auth_asym_id 
_pdbx_struct_conn_angle.ptnr1_auth_comp_id 
_pdbx_struct_conn_angle.ptnr1_auth_seq_id 
_pdbx_struct_conn_angle.ptnr1_PDB_ins_code 
_pdbx_struct_conn_angle.ptnr1_symmetry 
_pdbx_struct_conn_angle.ptnr2_label_atom_id 
_pdbx_struct_conn_angle.ptnr2_label_alt_id 
_pdbx_struct_conn_angle.ptnr2_label_asym_id 
_pdbx_struct_conn_angle.ptnr2_label_comp_id 
_pdbx_struct_conn_angle.ptnr2_label_seq_id 
_pdbx_struct_conn_angle.ptnr2_auth_atom_id 
_pdbx_struct_conn_angle.ptnr2_auth_asym_id 
_pdbx_struct_conn_angle.ptnr2_auth_comp_id 
_pdbx_struct_conn_angle.ptnr2_auth_seq_id 
_pdbx_struct_conn_angle.ptnr2_PDB_ins_code 
_pdbx_struct_conn_angle.ptnr2_symmetry 
_pdbx_struct_conn_angle.ptnr3_label_atom_id 
_pdbx_struct_conn_angle.ptnr3_label_alt_id 
_pdbx_struct_conn_angle.ptnr3_label_asym_id 
_pdbx_struct_conn_angle.ptnr3_label_comp_id 
_pdbx_struct_conn_angle.ptnr3_label_seq_id 
_pdbx_struct_conn_angle.ptnr3_auth_atom_id 
_pdbx_struct_conn_angle.ptnr3_auth_asym_id 
_pdbx_struct_conn_angle.ptnr3_auth_comp_id 
_pdbx_struct_conn_angle.ptnr3_auth_seq_id 
_pdbx_struct_conn_angle.ptnr3_PDB_ins_code 
_pdbx_struct_conn_angle.ptnr3_symmetry 
_pdbx_struct_conn_angle.value 
_pdbx_struct_conn_angle.value_esd 
1  NE2 ? A HIS 94 ? A HIS 93  ? 1_555 FE ? B HEM . ? A HEM 201 ? 1_555 NA ? B HEM . ? A HEM 201 ? 1_555 91.0  ? 
2  NE2 ? A HIS 94 ? A HIS 93  ? 1_555 FE ? B HEM . ? A HEM 201 ? 1_555 NB ? B HEM . ? A HEM 201 ? 1_555 90.4  ? 
3  NA  ? B HEM .  ? A HEM 201 ? 1_555 FE ? B HEM . ? A HEM 201 ? 1_555 NB ? B HEM . ? A HEM 201 ? 1_555 89.6  ? 
4  NE2 ? A HIS 94 ? A HIS 93  ? 1_555 FE ? B HEM . ? A HEM 201 ? 1_555 NC ? B HEM . ? A HEM 201 ? 1_555 90.0  ? 
5  NA  ? B HEM .  ? A HEM 201 ? 1_555 FE ? B HEM . ? A HEM 201 ? 1_555 NC ? B HEM . ? A HEM 201 ? 1_555 176.6 ? 
6  NB  ? B HEM .  ? A HEM 201 ? 1_555 FE ? B HEM . ? A HEM 201 ? 1_555 NC ? B HEM . ? A HEM 201 ? 1_555 87.2  ? 
7  NE2 ? A HIS 94 ? A HIS 93  ? 1_555 FE ? B HEM . ? A HEM 201 ? 1_555 ND ? B HEM . ? A HEM 201 ? 1_555 91.2  ? 
8  NA  ? B HEM .  ? A HEM 201 ? 1_555 FE ? B HEM . ? A HEM 201 ? 1_555 ND ? B HEM . ? A HEM 201 ? 1_555 90.7  ? 
9  NB  ? B HEM .  ? A HEM 201 ? 1_555 FE ? B HEM . ? A HEM 201 ? 1_555 ND ? B HEM . ? A HEM 201 ? 1_555 178.3 ? 
10 NC  ? B HEM .  ? A HEM 201 ? 1_555 FE ? B HEM . ? A HEM 201 ? 1_555 ND ? B HEM . ? A HEM 201 ? 1_555 92.5  ? 
11 NE2 ? A HIS 94 ? A HIS 93  ? 1_555 FE ? B HEM . ? A HEM 201 ? 1_555 N  ? H NOE . ? A NOE 207 ? 1_555 174.7 ? 
12 NA  ? B HEM .  ? A HEM 201 ? 1_555 FE ? B HEM . ? A HEM 201 ? 1_555 N  ? H NOE . ? A NOE 207 ? 1_555 94.3  ? 
13 NB  ? B HEM .  ? A HEM 201 ? 1_555 FE ? B HEM . ? A HEM 201 ? 1_555 N  ? H NOE . ? A NOE 207 ? 1_555 88.6  ? 
14 NC  ? B HEM .  ? A HEM 201 ? 1_555 FE ? B HEM . ? A HEM 201 ? 1_555 N  ? H NOE . ? A NOE 207 ? 1_555 84.7  ? 
15 ND  ? B HEM .  ? A HEM 201 ? 1_555 FE ? B HEM . ? A HEM 201 ? 1_555 N  ? H NOE . ? A NOE 207 ? 1_555 89.7  ? 
# 
loop_
_pdbx_audit_revision_history.ordinal 
_pdbx_audit_revision_history.data_content_type 
_pdbx_audit_revision_history.major_revision 
_pdbx_audit_revision_history.minor_revision 
_pdbx_audit_revision_history.revision_date 
1 'Structure model' 1 0 2019-07-17 
2 'Structure model' 1 1 2019-11-27 
3 'Structure model' 1 2 2023-11-08 
# 
_pdbx_audit_revision_details.ordinal             1 
_pdbx_audit_revision_details.revision_ordinal    1 
_pdbx_audit_revision_details.data_content_type   'Structure model' 
_pdbx_audit_revision_details.provider            repository 
_pdbx_audit_revision_details.type                'Initial release' 
_pdbx_audit_revision_details.description         ? 
_pdbx_audit_revision_details.details             ? 
# 
loop_
_pdbx_audit_revision_group.ordinal 
_pdbx_audit_revision_group.revision_ordinal 
_pdbx_audit_revision_group.data_content_type 
_pdbx_audit_revision_group.group 
1 2 'Structure model' 'Author supporting evidence' 
2 3 'Structure model' 'Data collection'            
3 3 'Structure model' 'Database references'        
# 
loop_
_pdbx_audit_revision_category.ordinal 
_pdbx_audit_revision_category.revision_ordinal 
_pdbx_audit_revision_category.data_content_type 
_pdbx_audit_revision_category.category 
1 2 'Structure model' pdbx_audit_support 
2 3 'Structure model' chem_comp_atom     
3 3 'Structure model' chem_comp_bond     
4 3 'Structure model' citation           
5 3 'Structure model' citation_author    
6 3 'Structure model' database_2         
# 
loop_
_pdbx_audit_revision_item.ordinal 
_pdbx_audit_revision_item.revision_ordinal 
_pdbx_audit_revision_item.data_content_type 
_pdbx_audit_revision_item.item 
1  2 'Structure model' '_pdbx_audit_support.funding_organization' 
2  3 'Structure model' '_citation.country'                        
3  3 'Structure model' '_citation.journal_abbrev'                 
4  3 'Structure model' '_citation.journal_id_ASTM'                
5  3 'Structure model' '_citation.journal_id_CSD'                 
6  3 'Structure model' '_citation.journal_id_ISSN'                
7  3 'Structure model' '_citation.journal_volume'                 
8  3 'Structure model' '_citation.page_first'                     
9  3 'Structure model' '_citation.page_last'                      
10 3 'Structure model' '_citation.pdbx_database_id_DOI'           
11 3 'Structure model' '_citation.pdbx_database_id_PubMed'        
12 3 'Structure model' '_citation.title'                          
13 3 'Structure model' '_citation.year'                           
14 3 'Structure model' '_database_2.pdbx_DOI'                     
15 3 'Structure model' '_database_2.pdbx_database_accession'      
# 
loop_
_software.citation_id 
_software.classification 
_software.compiler_name 
_software.compiler_version 
_software.contact_author 
_software.contact_author_email 
_software.date 
_software.description 
_software.dependencies 
_software.hardware 
_software.language 
_software.location 
_software.mods 
_software.name 
_software.os 
_software.os_version 
_software.type 
_software.version 
_software.pdbx_ordinal 
? refinement       ? ? ? ? ? ? ? ? ? ? ? REFMAC   ? ? ? 5.8.0222 1 
? 'data reduction' ? ? ? ? ? ? ? ? ? ? ? HKL-3000 ? ? ? .        2 
? 'data scaling'   ? ? ? ? ? ? ? ? ? ? ? HKL-3000 ? ? ? .        3 
? phasing          ? ? ? ? ? ? ? ? ? ? ? HKL-3000 ? ? ? .        4 
# 
loop_
_pdbx_validate_close_contact.id 
_pdbx_validate_close_contact.PDB_model_num 
_pdbx_validate_close_contact.auth_atom_id_1 
_pdbx_validate_close_contact.auth_asym_id_1 
_pdbx_validate_close_contact.auth_comp_id_1 
_pdbx_validate_close_contact.auth_seq_id_1 
_pdbx_validate_close_contact.PDB_ins_code_1 
_pdbx_validate_close_contact.label_alt_id_1 
_pdbx_validate_close_contact.auth_atom_id_2 
_pdbx_validate_close_contact.auth_asym_id_2 
_pdbx_validate_close_contact.auth_comp_id_2 
_pdbx_validate_close_contact.auth_seq_id_2 
_pdbx_validate_close_contact.PDB_ins_code_2 
_pdbx_validate_close_contact.label_alt_id_2 
_pdbx_validate_close_contact.dist 
1 1 O1  A SO4 206 ? ? O  A HOH 301 ? ? 2.09 
2 1 NE2 A HIS 64  ? ? O1 A NOE 207 ? ? 2.10 
3 1 CG  A ASP 60  ? ? O  A HOH 302 ? ? 2.16 
# 
loop_
_pdbx_validate_rmsd_bond.id 
_pdbx_validate_rmsd_bond.PDB_model_num 
_pdbx_validate_rmsd_bond.auth_atom_id_1 
_pdbx_validate_rmsd_bond.auth_asym_id_1 
_pdbx_validate_rmsd_bond.auth_comp_id_1 
_pdbx_validate_rmsd_bond.auth_seq_id_1 
_pdbx_validate_rmsd_bond.PDB_ins_code_1 
_pdbx_validate_rmsd_bond.label_alt_id_1 
_pdbx_validate_rmsd_bond.auth_atom_id_2 
_pdbx_validate_rmsd_bond.auth_asym_id_2 
_pdbx_validate_rmsd_bond.auth_comp_id_2 
_pdbx_validate_rmsd_bond.auth_seq_id_2 
_pdbx_validate_rmsd_bond.PDB_ins_code_2 
_pdbx_validate_rmsd_bond.label_alt_id_2 
_pdbx_validate_rmsd_bond.bond_value 
_pdbx_validate_rmsd_bond.bond_target_value 
_pdbx_validate_rmsd_bond.bond_deviation 
_pdbx_validate_rmsd_bond.bond_standard_deviation 
_pdbx_validate_rmsd_bond.linker_flag 
1 1 CD A GLU 41 ? ? OE2 A GLU 41 ? ? 1.321 1.252 0.069 0.011 N 
2 1 CD A GLU 83 ? ? OE1 A GLU 83 ? ? 1.321 1.252 0.069 0.011 N 
# 
_pdbx_validate_rmsd_angle.id                         1 
_pdbx_validate_rmsd_angle.PDB_model_num              1 
_pdbx_validate_rmsd_angle.auth_atom_id_1             NE 
_pdbx_validate_rmsd_angle.auth_asym_id_1             A 
_pdbx_validate_rmsd_angle.auth_comp_id_1             ARG 
_pdbx_validate_rmsd_angle.auth_seq_id_1              118 
_pdbx_validate_rmsd_angle.PDB_ins_code_1             ? 
_pdbx_validate_rmsd_angle.label_alt_id_1             ? 
_pdbx_validate_rmsd_angle.auth_atom_id_2             CZ 
_pdbx_validate_rmsd_angle.auth_asym_id_2             A 
_pdbx_validate_rmsd_angle.auth_comp_id_2             ARG 
_pdbx_validate_rmsd_angle.auth_seq_id_2              118 
_pdbx_validate_rmsd_angle.PDB_ins_code_2             ? 
_pdbx_validate_rmsd_angle.label_alt_id_2             ? 
_pdbx_validate_rmsd_angle.auth_atom_id_3             NH1 
_pdbx_validate_rmsd_angle.auth_asym_id_3             A 
_pdbx_validate_rmsd_angle.auth_comp_id_3             ARG 
_pdbx_validate_rmsd_angle.auth_seq_id_3              118 
_pdbx_validate_rmsd_angle.PDB_ins_code_3             ? 
_pdbx_validate_rmsd_angle.label_alt_id_3             ? 
_pdbx_validate_rmsd_angle.angle_value                123.30 
_pdbx_validate_rmsd_angle.angle_target_value         120.30 
_pdbx_validate_rmsd_angle.angle_deviation            3.00 
_pdbx_validate_rmsd_angle.angle_standard_deviation   0.50 
_pdbx_validate_rmsd_angle.linker_flag                N 
# 
loop_
_pdbx_validate_torsion.id 
_pdbx_validate_torsion.PDB_model_num 
_pdbx_validate_torsion.auth_comp_id 
_pdbx_validate_torsion.auth_asym_id 
_pdbx_validate_torsion.auth_seq_id 
_pdbx_validate_torsion.PDB_ins_code 
_pdbx_validate_torsion.label_alt_id 
_pdbx_validate_torsion.phi 
_pdbx_validate_torsion.psi 
1 1 ASP A 20  ? ? -158.63 72.15 
2 1 ASP A 20  ? ? -158.63 74.48 
3 1 PHE A 123 ? ? -142.16 51.31 
# 
_pdbx_unobs_or_zero_occ_residues.id               1 
_pdbx_unobs_or_zero_occ_residues.PDB_model_num    1 
_pdbx_unobs_or_zero_occ_residues.polymer_flag     Y 
_pdbx_unobs_or_zero_occ_residues.occupancy_flag   1 
_pdbx_unobs_or_zero_occ_residues.auth_asym_id     A 
_pdbx_unobs_or_zero_occ_residues.auth_comp_id     MET 
_pdbx_unobs_or_zero_occ_residues.auth_seq_id      0 
_pdbx_unobs_or_zero_occ_residues.PDB_ins_code     ? 
_pdbx_unobs_or_zero_occ_residues.label_asym_id    A 
_pdbx_unobs_or_zero_occ_residues.label_comp_id    MET 
_pdbx_unobs_or_zero_occ_residues.label_seq_id     1 
# 
loop_
_chem_comp_atom.comp_id 
_chem_comp_atom.atom_id 
_chem_comp_atom.type_symbol 
_chem_comp_atom.pdbx_aromatic_flag 
_chem_comp_atom.pdbx_stereo_config 
_chem_comp_atom.pdbx_ordinal 
ALA N    N  N N 1   
ALA CA   C  N S 2   
ALA C    C  N N 3   
ALA O    O  N N 4   
ALA CB   C  N N 5   
ALA OXT  O  N N 6   
ALA H    H  N N 7   
ALA H2   H  N N 8   
ALA HA   H  N N 9   
ALA HB1  H  N N 10  
ALA HB2  H  N N 11  
ALA HB3  H  N N 12  
ALA HXT  H  N N 13  
ARG N    N  N N 14  
ARG CA   C  N S 15  
ARG C    C  N N 16  
ARG O    O  N N 17  
ARG CB   C  N N 18  
ARG CG   C  N N 19  
ARG CD   C  N N 20  
ARG NE   N  N N 21  
ARG CZ   C  N N 22  
ARG NH1  N  N N 23  
ARG NH2  N  N N 24  
ARG OXT  O  N N 25  
ARG H    H  N N 26  
ARG H2   H  N N 27  
ARG HA   H  N N 28  
ARG HB2  H  N N 29  
ARG HB3  H  N N 30  
ARG HG2  H  N N 31  
ARG HG3  H  N N 32  
ARG HD2  H  N N 33  
ARG HD3  H  N N 34  
ARG HE   H  N N 35  
ARG HH11 H  N N 36  
ARG HH12 H  N N 37  
ARG HH21 H  N N 38  
ARG HH22 H  N N 39  
ARG HXT  H  N N 40  
ASN N    N  N N 41  
ASN CA   C  N S 42  
ASN C    C  N N 43  
ASN O    O  N N 44  
ASN CB   C  N N 45  
ASN CG   C  N N 46  
ASN OD1  O  N N 47  
ASN ND2  N  N N 48  
ASN OXT  O  N N 49  
ASN H    H  N N 50  
ASN H2   H  N N 51  
ASN HA   H  N N 52  
ASN HB2  H  N N 53  
ASN HB3  H  N N 54  
ASN HD21 H  N N 55  
ASN HD22 H  N N 56  
ASN HXT  H  N N 57  
ASP N    N  N N 58  
ASP CA   C  N S 59  
ASP C    C  N N 60  
ASP O    O  N N 61  
ASP CB   C  N N 62  
ASP CG   C  N N 63  
ASP OD1  O  N N 64  
ASP OD2  O  N N 65  
ASP OXT  O  N N 66  
ASP H    H  N N 67  
ASP H2   H  N N 68  
ASP HA   H  N N 69  
ASP HB2  H  N N 70  
ASP HB3  H  N N 71  
ASP HD2  H  N N 72  
ASP HXT  H  N N 73  
CL  CL   CL N N 74  
GLN N    N  N N 75  
GLN CA   C  N S 76  
GLN C    C  N N 77  
GLN O    O  N N 78  
GLN CB   C  N N 79  
GLN CG   C  N N 80  
GLN CD   C  N N 81  
GLN OE1  O  N N 82  
GLN NE2  N  N N 83  
GLN OXT  O  N N 84  
GLN H    H  N N 85  
GLN H2   H  N N 86  
GLN HA   H  N N 87  
GLN HB2  H  N N 88  
GLN HB3  H  N N 89  
GLN HG2  H  N N 90  
GLN HG3  H  N N 91  
GLN HE21 H  N N 92  
GLN HE22 H  N N 93  
GLN HXT  H  N N 94  
GLU N    N  N N 95  
GLU CA   C  N S 96  
GLU C    C  N N 97  
GLU O    O  N N 98  
GLU CB   C  N N 99  
GLU CG   C  N N 100 
GLU CD   C  N N 101 
GLU OE1  O  N N 102 
GLU OE2  O  N N 103 
GLU OXT  O  N N 104 
GLU H    H  N N 105 
GLU H2   H  N N 106 
GLU HA   H  N N 107 
GLU HB2  H  N N 108 
GLU HB3  H  N N 109 
GLU HG2  H  N N 110 
GLU HG3  H  N N 111 
GLU HE2  H  N N 112 
GLU HXT  H  N N 113 
GLY N    N  N N 114 
GLY CA   C  N N 115 
GLY C    C  N N 116 
GLY O    O  N N 117 
GLY OXT  O  N N 118 
GLY H    H  N N 119 
GLY H2   H  N N 120 
GLY HA2  H  N N 121 
GLY HA3  H  N N 122 
GLY HXT  H  N N 123 
HEM CHA  C  N N 124 
HEM CHB  C  N N 125 
HEM CHC  C  N N 126 
HEM CHD  C  N N 127 
HEM C1A  C  Y N 128 
HEM C2A  C  Y N 129 
HEM C3A  C  Y N 130 
HEM C4A  C  Y N 131 
HEM CMA  C  N N 132 
HEM CAA  C  N N 133 
HEM CBA  C  N N 134 
HEM CGA  C  N N 135 
HEM O1A  O  N N 136 
HEM O2A  O  N N 137 
HEM C1B  C  N N 138 
HEM C2B  C  N N 139 
HEM C3B  C  N N 140 
HEM C4B  C  N N 141 
HEM CMB  C  N N 142 
HEM CAB  C  N N 143 
HEM CBB  C  N N 144 
HEM C1C  C  Y N 145 
HEM C2C  C  Y N 146 
HEM C3C  C  Y N 147 
HEM C4C  C  Y N 148 
HEM CMC  C  N N 149 
HEM CAC  C  N N 150 
HEM CBC  C  N N 151 
HEM C1D  C  N N 152 
HEM C2D  C  N N 153 
HEM C3D  C  N N 154 
HEM C4D  C  N N 155 
HEM CMD  C  N N 156 
HEM CAD  C  N N 157 
HEM CBD  C  N N 158 
HEM CGD  C  N N 159 
HEM O1D  O  N N 160 
HEM O2D  O  N N 161 
HEM NA   N  Y N 162 
HEM NB   N  N N 163 
HEM NC   N  Y N 164 
HEM ND   N  N N 165 
HEM FE   FE N N 166 
HEM HHB  H  N N 167 
HEM HHC  H  N N 168 
HEM HHD  H  N N 169 
HEM HMA  H  N N 170 
HEM HMAA H  N N 171 
HEM HMAB H  N N 172 
HEM HAA  H  N N 173 
HEM HAAA H  N N 174 
HEM HBA  H  N N 175 
HEM HBAA H  N N 176 
HEM HMB  H  N N 177 
HEM HMBA H  N N 178 
HEM HMBB H  N N 179 
HEM HAB  H  N N 180 
HEM HBB  H  N N 181 
HEM HBBA H  N N 182 
HEM HMC  H  N N 183 
HEM HMCA H  N N 184 
HEM HMCB H  N N 185 
HEM HAC  H  N N 186 
HEM HBC  H  N N 187 
HEM HBCA H  N N 188 
HEM HMD  H  N N 189 
HEM HMDA H  N N 190 
HEM HMDB H  N N 191 
HEM HAD  H  N N 192 
HEM HADA H  N N 193 
HEM HBD  H  N N 194 
HEM HBDA H  N N 195 
HEM H2A  H  N N 196 
HEM H2D  H  N N 197 
HEM HHA  H  N N 198 
HIS N    N  N N 199 
HIS CA   C  N S 200 
HIS C    C  N N 201 
HIS O    O  N N 202 
HIS CB   C  N N 203 
HIS CG   C  Y N 204 
HIS ND1  N  Y N 205 
HIS CD2  C  Y N 206 
HIS CE1  C  Y N 207 
HIS NE2  N  Y N 208 
HIS OXT  O  N N 209 
HIS H    H  N N 210 
HIS H2   H  N N 211 
HIS HA   H  N N 212 
HIS HB2  H  N N 213 
HIS HB3  H  N N 214 
HIS HD1  H  N N 215 
HIS HD2  H  N N 216 
HIS HE1  H  N N 217 
HIS HE2  H  N N 218 
HIS HXT  H  N N 219 
HOH O    O  N N 220 
HOH H1   H  N N 221 
HOH H2   H  N N 222 
ILE N    N  N N 223 
ILE CA   C  N S 224 
ILE C    C  N N 225 
ILE O    O  N N 226 
ILE CB   C  N S 227 
ILE CG1  C  N N 228 
ILE CG2  C  N N 229 
ILE CD1  C  N N 230 
ILE OXT  O  N N 231 
ILE H    H  N N 232 
ILE H2   H  N N 233 
ILE HA   H  N N 234 
ILE HB   H  N N 235 
ILE HG12 H  N N 236 
ILE HG13 H  N N 237 
ILE HG21 H  N N 238 
ILE HG22 H  N N 239 
ILE HG23 H  N N 240 
ILE HD11 H  N N 241 
ILE HD12 H  N N 242 
ILE HD13 H  N N 243 
ILE HXT  H  N N 244 
LEU N    N  N N 245 
LEU CA   C  N S 246 
LEU C    C  N N 247 
LEU O    O  N N 248 
LEU CB   C  N N 249 
LEU CG   C  N N 250 
LEU CD1  C  N N 251 
LEU CD2  C  N N 252 
LEU OXT  O  N N 253 
LEU H    H  N N 254 
LEU H2   H  N N 255 
LEU HA   H  N N 256 
LEU HB2  H  N N 257 
LEU HB3  H  N N 258 
LEU HG   H  N N 259 
LEU HD11 H  N N 260 
LEU HD12 H  N N 261 
LEU HD13 H  N N 262 
LEU HD21 H  N N 263 
LEU HD22 H  N N 264 
LEU HD23 H  N N 265 
LEU HXT  H  N N 266 
LYS N    N  N N 267 
LYS CA   C  N S 268 
LYS C    C  N N 269 
LYS O    O  N N 270 
LYS CB   C  N N 271 
LYS CG   C  N N 272 
LYS CD   C  N N 273 
LYS CE   C  N N 274 
LYS NZ   N  N N 275 
LYS OXT  O  N N 276 
LYS H    H  N N 277 
LYS H2   H  N N 278 
LYS HA   H  N N 279 
LYS HB2  H  N N 280 
LYS HB3  H  N N 281 
LYS HG2  H  N N 282 
LYS HG3  H  N N 283 
LYS HD2  H  N N 284 
LYS HD3  H  N N 285 
LYS HE2  H  N N 286 
LYS HE3  H  N N 287 
LYS HZ1  H  N N 288 
LYS HZ2  H  N N 289 
LYS HZ3  H  N N 290 
LYS HXT  H  N N 291 
MET N    N  N N 292 
MET CA   C  N S 293 
MET C    C  N N 294 
MET O    O  N N 295 
MET CB   C  N N 296 
MET CG   C  N N 297 
MET SD   S  N N 298 
MET CE   C  N N 299 
MET OXT  O  N N 300 
MET H    H  N N 301 
MET H2   H  N N 302 
MET HA   H  N N 303 
MET HB2  H  N N 304 
MET HB3  H  N N 305 
MET HG2  H  N N 306 
MET HG3  H  N N 307 
MET HE1  H  N N 308 
MET HE2  H  N N 309 
MET HE3  H  N N 310 
MET HXT  H  N N 311 
NOE C1   C  N N 312 
NOE C2   C  N N 313 
NOE N    N  N N 314 
NOE O1   O  N N 315 
NOE HC11 H  N N 316 
NOE HC12 H  N N 317 
NOE HC21 H  N N 318 
NOE HC22 H  N N 319 
NOE HC23 H  N N 320 
PHE N    N  N N 321 
PHE CA   C  N S 322 
PHE C    C  N N 323 
PHE O    O  N N 324 
PHE CB   C  N N 325 
PHE CG   C  Y N 326 
PHE CD1  C  Y N 327 
PHE CD2  C  Y N 328 
PHE CE1  C  Y N 329 
PHE CE2  C  Y N 330 
PHE CZ   C  Y N 331 
PHE OXT  O  N N 332 
PHE H    H  N N 333 
PHE H2   H  N N 334 
PHE HA   H  N N 335 
PHE HB2  H  N N 336 
PHE HB3  H  N N 337 
PHE HD1  H  N N 338 
PHE HD2  H  N N 339 
PHE HE1  H  N N 340 
PHE HE2  H  N N 341 
PHE HZ   H  N N 342 
PHE HXT  H  N N 343 
PRO N    N  N N 344 
PRO CA   C  N S 345 
PRO C    C  N N 346 
PRO O    O  N N 347 
PRO CB   C  N N 348 
PRO CG   C  N N 349 
PRO CD   C  N N 350 
PRO OXT  O  N N 351 
PRO H    H  N N 352 
PRO HA   H  N N 353 
PRO HB2  H  N N 354 
PRO HB3  H  N N 355 
PRO HG2  H  N N 356 
PRO HG3  H  N N 357 
PRO HD2  H  N N 358 
PRO HD3  H  N N 359 
PRO HXT  H  N N 360 
SER N    N  N N 361 
SER CA   C  N S 362 
SER C    C  N N 363 
SER O    O  N N 364 
SER CB   C  N N 365 
SER OG   O  N N 366 
SER OXT  O  N N 367 
SER H    H  N N 368 
SER H2   H  N N 369 
SER HA   H  N N 370 
SER HB2  H  N N 371 
SER HB3  H  N N 372 
SER HG   H  N N 373 
SER HXT  H  N N 374 
SO4 S    S  N N 375 
SO4 O1   O  N N 376 
SO4 O2   O  N N 377 
SO4 O3   O  N N 378 
SO4 O4   O  N N 379 
THR N    N  N N 380 
THR CA   C  N S 381 
THR C    C  N N 382 
THR O    O  N N 383 
THR CB   C  N R 384 
THR OG1  O  N N 385 
THR CG2  C  N N 386 
THR OXT  O  N N 387 
THR H    H  N N 388 
THR H2   H  N N 389 
THR HA   H  N N 390 
THR HB   H  N N 391 
THR HG1  H  N N 392 
THR HG21 H  N N 393 
THR HG22 H  N N 394 
THR HG23 H  N N 395 
THR HXT  H  N N 396 
TRP N    N  N N 397 
TRP CA   C  N S 398 
TRP C    C  N N 399 
TRP O    O  N N 400 
TRP CB   C  N N 401 
TRP CG   C  Y N 402 
TRP CD1  C  Y N 403 
TRP CD2  C  Y N 404 
TRP NE1  N  Y N 405 
TRP CE2  C  Y N 406 
TRP CE3  C  Y N 407 
TRP CZ2  C  Y N 408 
TRP CZ3  C  Y N 409 
TRP CH2  C  Y N 410 
TRP OXT  O  N N 411 
TRP H    H  N N 412 
TRP H2   H  N N 413 
TRP HA   H  N N 414 
TRP HB2  H  N N 415 
TRP HB3  H  N N 416 
TRP HD1  H  N N 417 
TRP HE1  H  N N 418 
TRP HE3  H  N N 419 
TRP HZ2  H  N N 420 
TRP HZ3  H  N N 421 
TRP HH2  H  N N 422 
TRP HXT  H  N N 423 
TYR N    N  N N 424 
TYR CA   C  N S 425 
TYR C    C  N N 426 
TYR O    O  N N 427 
TYR CB   C  N N 428 
TYR CG   C  Y N 429 
TYR CD1  C  Y N 430 
TYR CD2  C  Y N 431 
TYR CE1  C  Y N 432 
TYR CE2  C  Y N 433 
TYR CZ   C  Y N 434 
TYR OH   O  N N 435 
TYR OXT  O  N N 436 
TYR H    H  N N 437 
TYR H2   H  N N 438 
TYR HA   H  N N 439 
TYR HB2  H  N N 440 
TYR HB3  H  N N 441 
TYR HD1  H  N N 442 
TYR HD2  H  N N 443 
TYR HE1  H  N N 444 
TYR HE2  H  N N 445 
TYR HH   H  N N 446 
TYR HXT  H  N N 447 
VAL N    N  N N 448 
VAL CA   C  N S 449 
VAL C    C  N N 450 
VAL O    O  N N 451 
VAL CB   C  N N 452 
VAL CG1  C  N N 453 
VAL CG2  C  N N 454 
VAL OXT  O  N N 455 
VAL H    H  N N 456 
VAL H2   H  N N 457 
VAL HA   H  N N 458 
VAL HB   H  N N 459 
VAL HG11 H  N N 460 
VAL HG12 H  N N 461 
VAL HG13 H  N N 462 
VAL HG21 H  N N 463 
VAL HG22 H  N N 464 
VAL HG23 H  N N 465 
VAL HXT  H  N N 466 
# 
loop_
_chem_comp_bond.comp_id 
_chem_comp_bond.atom_id_1 
_chem_comp_bond.atom_id_2 
_chem_comp_bond.value_order 
_chem_comp_bond.pdbx_aromatic_flag 
_chem_comp_bond.pdbx_stereo_config 
_chem_comp_bond.pdbx_ordinal 
ALA N   CA   sing N N 1   
ALA N   H    sing N N 2   
ALA N   H2   sing N N 3   
ALA CA  C    sing N N 4   
ALA CA  CB   sing N N 5   
ALA CA  HA   sing N N 6   
ALA C   O    doub N N 7   
ALA C   OXT  sing N N 8   
ALA CB  HB1  sing N N 9   
ALA CB  HB2  sing N N 10  
ALA CB  HB3  sing N N 11  
ALA OXT HXT  sing N N 12  
ARG N   CA   sing N N 13  
ARG N   H    sing N N 14  
ARG N   H2   sing N N 15  
ARG CA  C    sing N N 16  
ARG CA  CB   sing N N 17  
ARG CA  HA   sing N N 18  
ARG C   O    doub N N 19  
ARG C   OXT  sing N N 20  
ARG CB  CG   sing N N 21  
ARG CB  HB2  sing N N 22  
ARG CB  HB3  sing N N 23  
ARG CG  CD   sing N N 24  
ARG CG  HG2  sing N N 25  
ARG CG  HG3  sing N N 26  
ARG CD  NE   sing N N 27  
ARG CD  HD2  sing N N 28  
ARG CD  HD3  sing N N 29  
ARG NE  CZ   sing N N 30  
ARG NE  HE   sing N N 31  
ARG CZ  NH1  sing N N 32  
ARG CZ  NH2  doub N N 33  
ARG NH1 HH11 sing N N 34  
ARG NH1 HH12 sing N N 35  
ARG NH2 HH21 sing N N 36  
ARG NH2 HH22 sing N N 37  
ARG OXT HXT  sing N N 38  
ASN N   CA   sing N N 39  
ASN N   H    sing N N 40  
ASN N   H2   sing N N 41  
ASN CA  C    sing N N 42  
ASN CA  CB   sing N N 43  
ASN CA  HA   sing N N 44  
ASN C   O    doub N N 45  
ASN C   OXT  sing N N 46  
ASN CB  CG   sing N N 47  
ASN CB  HB2  sing N N 48  
ASN CB  HB3  sing N N 49  
ASN CG  OD1  doub N N 50  
ASN CG  ND2  sing N N 51  
ASN ND2 HD21 sing N N 52  
ASN ND2 HD22 sing N N 53  
ASN OXT HXT  sing N N 54  
ASP N   CA   sing N N 55  
ASP N   H    sing N N 56  
ASP N   H2   sing N N 57  
ASP CA  C    sing N N 58  
ASP CA  CB   sing N N 59  
ASP CA  HA   sing N N 60  
ASP C   O    doub N N 61  
ASP C   OXT  sing N N 62  
ASP CB  CG   sing N N 63  
ASP CB  HB2  sing N N 64  
ASP CB  HB3  sing N N 65  
ASP CG  OD1  doub N N 66  
ASP CG  OD2  sing N N 67  
ASP OD2 HD2  sing N N 68  
ASP OXT HXT  sing N N 69  
GLN N   CA   sing N N 70  
GLN N   H    sing N N 71  
GLN N   H2   sing N N 72  
GLN CA  C    sing N N 73  
GLN CA  CB   sing N N 74  
GLN CA  HA   sing N N 75  
GLN C   O    doub N N 76  
GLN C   OXT  sing N N 77  
GLN CB  CG   sing N N 78  
GLN CB  HB2  sing N N 79  
GLN CB  HB3  sing N N 80  
GLN CG  CD   sing N N 81  
GLN CG  HG2  sing N N 82  
GLN CG  HG3  sing N N 83  
GLN CD  OE1  doub N N 84  
GLN CD  NE2  sing N N 85  
GLN NE2 HE21 sing N N 86  
GLN NE2 HE22 sing N N 87  
GLN OXT HXT  sing N N 88  
GLU N   CA   sing N N 89  
GLU N   H    sing N N 90  
GLU N   H2   sing N N 91  
GLU CA  C    sing N N 92  
GLU CA  CB   sing N N 93  
GLU CA  HA   sing N N 94  
GLU C   O    doub N N 95  
GLU C   OXT  sing N N 96  
GLU CB  CG   sing N N 97  
GLU CB  HB2  sing N N 98  
GLU CB  HB3  sing N N 99  
GLU CG  CD   sing N N 100 
GLU CG  HG2  sing N N 101 
GLU CG  HG3  sing N N 102 
GLU CD  OE1  doub N N 103 
GLU CD  OE2  sing N N 104 
GLU OE2 HE2  sing N N 105 
GLU OXT HXT  sing N N 106 
GLY N   CA   sing N N 107 
GLY N   H    sing N N 108 
GLY N   H2   sing N N 109 
GLY CA  C    sing N N 110 
GLY CA  HA2  sing N N 111 
GLY CA  HA3  sing N N 112 
GLY C   O    doub N N 113 
GLY C   OXT  sing N N 114 
GLY OXT HXT  sing N N 115 
HEM CHA C1A  sing N N 116 
HEM CHA C4D  doub N N 117 
HEM CHA HHA  sing N N 118 
HEM CHB C4A  sing N N 119 
HEM CHB C1B  doub N N 120 
HEM CHB HHB  sing N N 121 
HEM CHC C4B  sing N N 122 
HEM CHC C1C  doub N N 123 
HEM CHC HHC  sing N N 124 
HEM CHD C4C  doub N N 125 
HEM CHD C1D  sing N N 126 
HEM CHD HHD  sing N N 127 
HEM C1A C2A  doub Y N 128 
HEM C1A NA   sing Y N 129 
HEM C2A C3A  sing Y N 130 
HEM C2A CAA  sing N N 131 
HEM C3A C4A  doub Y N 132 
HEM C3A CMA  sing N N 133 
HEM C4A NA   sing Y N 134 
HEM CMA HMA  sing N N 135 
HEM CMA HMAA sing N N 136 
HEM CMA HMAB sing N N 137 
HEM CAA CBA  sing N N 138 
HEM CAA HAA  sing N N 139 
HEM CAA HAAA sing N N 140 
HEM CBA CGA  sing N N 141 
HEM CBA HBA  sing N N 142 
HEM CBA HBAA sing N N 143 
HEM CGA O1A  doub N N 144 
HEM CGA O2A  sing N N 145 
HEM C1B C2B  sing N N 146 
HEM C1B NB   sing N N 147 
HEM C2B C3B  doub N N 148 
HEM C2B CMB  sing N N 149 
HEM C3B C4B  sing N N 150 
HEM C3B CAB  sing N N 151 
HEM C4B NB   doub N N 152 
HEM CMB HMB  sing N N 153 
HEM CMB HMBA sing N N 154 
HEM CMB HMBB sing N N 155 
HEM CAB CBB  doub N N 156 
HEM CAB HAB  sing N N 157 
HEM CBB HBB  sing N N 158 
HEM CBB HBBA sing N N 159 
HEM C1C C2C  sing Y N 160 
HEM C1C NC   sing Y N 161 
HEM C2C C3C  doub Y N 162 
HEM C2C CMC  sing N N 163 
HEM C3C C4C  sing Y N 164 
HEM C3C CAC  sing N N 165 
HEM C4C NC   sing Y N 166 
HEM CMC HMC  sing N N 167 
HEM CMC HMCA sing N N 168 
HEM CMC HMCB sing N N 169 
HEM CAC CBC  doub N N 170 
HEM CAC HAC  sing N N 171 
HEM CBC HBC  sing N N 172 
HEM CBC HBCA sing N N 173 
HEM C1D C2D  sing N N 174 
HEM C1D ND   doub N N 175 
HEM C2D C3D  doub N N 176 
HEM C2D CMD  sing N N 177 
HEM C3D C4D  sing N N 178 
HEM C3D CAD  sing N N 179 
HEM C4D ND   sing N N 180 
HEM CMD HMD  sing N N 181 
HEM CMD HMDA sing N N 182 
HEM CMD HMDB sing N N 183 
HEM CAD CBD  sing N N 184 
HEM CAD HAD  sing N N 185 
HEM CAD HADA sing N N 186 
HEM CBD CGD  sing N N 187 
HEM CBD HBD  sing N N 188 
HEM CBD HBDA sing N N 189 
HEM CGD O1D  doub N N 190 
HEM CGD O2D  sing N N 191 
HEM O2A H2A  sing N N 192 
HEM O2D H2D  sing N N 193 
HEM FE  NA   sing N N 194 
HEM FE  NB   sing N N 195 
HEM FE  NC   sing N N 196 
HEM FE  ND   sing N N 197 
HIS N   CA   sing N N 198 
HIS N   H    sing N N 199 
HIS N   H2   sing N N 200 
HIS CA  C    sing N N 201 
HIS CA  CB   sing N N 202 
HIS CA  HA   sing N N 203 
HIS C   O    doub N N 204 
HIS C   OXT  sing N N 205 
HIS CB  CG   sing N N 206 
HIS CB  HB2  sing N N 207 
HIS CB  HB3  sing N N 208 
HIS CG  ND1  sing Y N 209 
HIS CG  CD2  doub Y N 210 
HIS ND1 CE1  doub Y N 211 
HIS ND1 HD1  sing N N 212 
HIS CD2 NE2  sing Y N 213 
HIS CD2 HD2  sing N N 214 
HIS CE1 NE2  sing Y N 215 
HIS CE1 HE1  sing N N 216 
HIS NE2 HE2  sing N N 217 
HIS OXT HXT  sing N N 218 
HOH O   H1   sing N N 219 
HOH O   H2   sing N N 220 
ILE N   CA   sing N N 221 
ILE N   H    sing N N 222 
ILE N   H2   sing N N 223 
ILE CA  C    sing N N 224 
ILE CA  CB   sing N N 225 
ILE CA  HA   sing N N 226 
ILE C   O    doub N N 227 
ILE C   OXT  sing N N 228 
ILE CB  CG1  sing N N 229 
ILE CB  CG2  sing N N 230 
ILE CB  HB   sing N N 231 
ILE CG1 CD1  sing N N 232 
ILE CG1 HG12 sing N N 233 
ILE CG1 HG13 sing N N 234 
ILE CG2 HG21 sing N N 235 
ILE CG2 HG22 sing N N 236 
ILE CG2 HG23 sing N N 237 
ILE CD1 HD11 sing N N 238 
ILE CD1 HD12 sing N N 239 
ILE CD1 HD13 sing N N 240 
ILE OXT HXT  sing N N 241 
LEU N   CA   sing N N 242 
LEU N   H    sing N N 243 
LEU N   H2   sing N N 244 
LEU CA  C    sing N N 245 
LEU CA  CB   sing N N 246 
LEU CA  HA   sing N N 247 
LEU C   O    doub N N 248 
LEU C   OXT  sing N N 249 
LEU CB  CG   sing N N 250 
LEU CB  HB2  sing N N 251 
LEU CB  HB3  sing N N 252 
LEU CG  CD1  sing N N 253 
LEU CG  CD2  sing N N 254 
LEU CG  HG   sing N N 255 
LEU CD1 HD11 sing N N 256 
LEU CD1 HD12 sing N N 257 
LEU CD1 HD13 sing N N 258 
LEU CD2 HD21 sing N N 259 
LEU CD2 HD22 sing N N 260 
LEU CD2 HD23 sing N N 261 
LEU OXT HXT  sing N N 262 
LYS N   CA   sing N N 263 
LYS N   H    sing N N 264 
LYS N   H2   sing N N 265 
LYS CA  C    sing N N 266 
LYS CA  CB   sing N N 267 
LYS CA  HA   sing N N 268 
LYS C   O    doub N N 269 
LYS C   OXT  sing N N 270 
LYS CB  CG   sing N N 271 
LYS CB  HB2  sing N N 272 
LYS CB  HB3  sing N N 273 
LYS CG  CD   sing N N 274 
LYS CG  HG2  sing N N 275 
LYS CG  HG3  sing N N 276 
LYS CD  CE   sing N N 277 
LYS CD  HD2  sing N N 278 
LYS CD  HD3  sing N N 279 
LYS CE  NZ   sing N N 280 
LYS CE  HE2  sing N N 281 
LYS CE  HE3  sing N N 282 
LYS NZ  HZ1  sing N N 283 
LYS NZ  HZ2  sing N N 284 
LYS NZ  HZ3  sing N N 285 
LYS OXT HXT  sing N N 286 
MET N   CA   sing N N 287 
MET N   H    sing N N 288 
MET N   H2   sing N N 289 
MET CA  C    sing N N 290 
MET CA  CB   sing N N 291 
MET CA  HA   sing N N 292 
MET C   O    doub N N 293 
MET C   OXT  sing N N 294 
MET CB  CG   sing N N 295 
MET CB  HB2  sing N N 296 
MET CB  HB3  sing N N 297 
MET CG  SD   sing N N 298 
MET CG  HG2  sing N N 299 
MET CG  HG3  sing N N 300 
MET SD  CE   sing N N 301 
MET CE  HE1  sing N N 302 
MET CE  HE2  sing N N 303 
MET CE  HE3  sing N N 304 
MET OXT HXT  sing N N 305 
NOE C1  C2   sing N N 306 
NOE C1  N    sing N N 307 
NOE C1  HC11 sing N N 308 
NOE C1  HC12 sing N N 309 
NOE C2  HC21 sing N N 310 
NOE C2  HC22 sing N N 311 
NOE C2  HC23 sing N N 312 
NOE N   O1   doub N N 313 
PHE N   CA   sing N N 314 
PHE N   H    sing N N 315 
PHE N   H2   sing N N 316 
PHE CA  C    sing N N 317 
PHE CA  CB   sing N N 318 
PHE CA  HA   sing N N 319 
PHE C   O    doub N N 320 
PHE C   OXT  sing N N 321 
PHE CB  CG   sing N N 322 
PHE CB  HB2  sing N N 323 
PHE CB  HB3  sing N N 324 
PHE CG  CD1  doub Y N 325 
PHE CG  CD2  sing Y N 326 
PHE CD1 CE1  sing Y N 327 
PHE CD1 HD1  sing N N 328 
PHE CD2 CE2  doub Y N 329 
PHE CD2 HD2  sing N N 330 
PHE CE1 CZ   doub Y N 331 
PHE CE1 HE1  sing N N 332 
PHE CE2 CZ   sing Y N 333 
PHE CE2 HE2  sing N N 334 
PHE CZ  HZ   sing N N 335 
PHE OXT HXT  sing N N 336 
PRO N   CA   sing N N 337 
PRO N   CD   sing N N 338 
PRO N   H    sing N N 339 
PRO CA  C    sing N N 340 
PRO CA  CB   sing N N 341 
PRO CA  HA   sing N N 342 
PRO C   O    doub N N 343 
PRO C   OXT  sing N N 344 
PRO CB  CG   sing N N 345 
PRO CB  HB2  sing N N 346 
PRO CB  HB3  sing N N 347 
PRO CG  CD   sing N N 348 
PRO CG  HG2  sing N N 349 
PRO CG  HG3  sing N N 350 
PRO CD  HD2  sing N N 351 
PRO CD  HD3  sing N N 352 
PRO OXT HXT  sing N N 353 
SER N   CA   sing N N 354 
SER N   H    sing N N 355 
SER N   H2   sing N N 356 
SER CA  C    sing N N 357 
SER CA  CB   sing N N 358 
SER CA  HA   sing N N 359 
SER C   O    doub N N 360 
SER C   OXT  sing N N 361 
SER CB  OG   sing N N 362 
SER CB  HB2  sing N N 363 
SER CB  HB3  sing N N 364 
SER OG  HG   sing N N 365 
SER OXT HXT  sing N N 366 
SO4 S   O1   doub N N 367 
SO4 S   O2   doub N N 368 
SO4 S   O3   sing N N 369 
SO4 S   O4   sing N N 370 
THR N   CA   sing N N 371 
THR N   H    sing N N 372 
THR N   H2   sing N N 373 
THR CA  C    sing N N 374 
THR CA  CB   sing N N 375 
THR CA  HA   sing N N 376 
THR C   O    doub N N 377 
THR C   OXT  sing N N 378 
THR CB  OG1  sing N N 379 
THR CB  CG2  sing N N 380 
THR CB  HB   sing N N 381 
THR OG1 HG1  sing N N 382 
THR CG2 HG21 sing N N 383 
THR CG2 HG22 sing N N 384 
THR CG2 HG23 sing N N 385 
THR OXT HXT  sing N N 386 
TRP N   CA   sing N N 387 
TRP N   H    sing N N 388 
TRP N   H2   sing N N 389 
TRP CA  C    sing N N 390 
TRP CA  CB   sing N N 391 
TRP CA  HA   sing N N 392 
TRP C   O    doub N N 393 
TRP C   OXT  sing N N 394 
TRP CB  CG   sing N N 395 
TRP CB  HB2  sing N N 396 
TRP CB  HB3  sing N N 397 
TRP CG  CD1  doub Y N 398 
TRP CG  CD2  sing Y N 399 
TRP CD1 NE1  sing Y N 400 
TRP CD1 HD1  sing N N 401 
TRP CD2 CE2  doub Y N 402 
TRP CD2 CE3  sing Y N 403 
TRP NE1 CE2  sing Y N 404 
TRP NE1 HE1  sing N N 405 
TRP CE2 CZ2  sing Y N 406 
TRP CE3 CZ3  doub Y N 407 
TRP CE3 HE3  sing N N 408 
TRP CZ2 CH2  doub Y N 409 
TRP CZ2 HZ2  sing N N 410 
TRP CZ3 CH2  sing Y N 411 
TRP CZ3 HZ3  sing N N 412 
TRP CH2 HH2  sing N N 413 
TRP OXT HXT  sing N N 414 
TYR N   CA   sing N N 415 
TYR N   H    sing N N 416 
TYR N   H2   sing N N 417 
TYR CA  C    sing N N 418 
TYR CA  CB   sing N N 419 
TYR CA  HA   sing N N 420 
TYR C   O    doub N N 421 
TYR C   OXT  sing N N 422 
TYR CB  CG   sing N N 423 
TYR CB  HB2  sing N N 424 
TYR CB  HB3  sing N N 425 
TYR CG  CD1  doub Y N 426 
TYR CG  CD2  sing Y N 427 
TYR CD1 CE1  sing Y N 428 
TYR CD1 HD1  sing N N 429 
TYR CD2 CE2  doub Y N 430 
TYR CD2 HD2  sing N N 431 
TYR CE1 CZ   doub Y N 432 
TYR CE1 HE1  sing N N 433 
TYR CE2 CZ   sing Y N 434 
TYR CE2 HE2  sing N N 435 
TYR CZ  OH   sing N N 436 
TYR OH  HH   sing N N 437 
TYR OXT HXT  sing N N 438 
VAL N   CA   sing N N 439 
VAL N   H    sing N N 440 
VAL N   H2   sing N N 441 
VAL CA  C    sing N N 442 
VAL CA  CB   sing N N 443 
VAL CA  HA   sing N N 444 
VAL C   O    doub N N 445 
VAL C   OXT  sing N N 446 
VAL CB  CG1  sing N N 447 
VAL CB  CG2  sing N N 448 
VAL CB  HB   sing N N 449 
VAL CG1 HG11 sing N N 450 
VAL CG1 HG12 sing N N 451 
VAL CG1 HG13 sing N N 452 
VAL CG2 HG21 sing N N 453 
VAL CG2 HG22 sing N N 454 
VAL CG2 HG23 sing N N 455 
VAL OXT HXT  sing N N 456 
# 
_pdbx_audit_support.funding_organization   'National Science Foundation (NSF, United States)' 
_pdbx_audit_support.country                'United States' 
_pdbx_audit_support.grant_number           ? 
_pdbx_audit_support.ordinal                1 
# 
loop_
_pdbx_entity_nonpoly.entity_id 
_pdbx_entity_nonpoly.name 
_pdbx_entity_nonpoly.comp_id 
2 'PROTOPORPHYRIN IX CONTAINING FE' HEM 
3 'SULFATE ION'                     SO4 
4 NITROSOETHANE                     NOE 
5 'CHLORIDE ION'                    CL  
6 water                             HOH 
# 
_pdbx_struct_assembly_auth_evidence.id                     1 
_pdbx_struct_assembly_auth_evidence.assembly_id            1 
_pdbx_struct_assembly_auth_evidence.experimental_support   none 
_pdbx_struct_assembly_auth_evidence.details                ? 
# 
